data_3E9I
#
_entry.id   3E9I
#
_cell.length_a   79.143
_cell.length_b   82.483
_cell.length_c   149.779
_cell.angle_alpha   90.00
_cell.angle_beta   89.99
_cell.angle_gamma   90.00
#
_symmetry.space_group_name_H-M   'P 1 21 1'
#
loop_
_entity.id
_entity.type
_entity.pdbx_description
1 polymer 'Lysyl-tRNA synthetase'
2 non-polymer 'MAGNESIUM ION'
3 non-polymer "5'-O-{(R)-hydroxy[(L-lysylamino)oxy]phosphoryl}adenosine"
4 non-polymer 'PENTAETHYLENE GLYCOL'
5 water water
#
_entity_poly.entity_id   1
_entity_poly.type   'polypeptide(L)'
_entity_poly.pdbx_seq_one_letter_code
;SHEELNDQLRVRREKLKKIEELGVDPFGKRFERTHKAEELFELYGDLSKEELEEQQIEVAVAGRIMTKRGMGKAGFAHIQ
DVTGQIQIYVRQDDVGEQQYELFKISDLGDIVGVRGTMFKTKVGELSIKVSSYEFLTKALRPLPEKYHGLKDIEQRYRQR
YLDLIMNPESKKTFITRSLIIQSMRRYLDSHGYLEVETPMMHAVAGGAAARPFITHHNALDMTLYMRIAIELHLKRLIVG
GLEKVYEIGRVFRNEGISTRHNPEFTMLELYEAYADFRDIMKLTENLIAHIATEVLGTTKIQYGEHLVDLTPEWRRLHMV
DAIKEYVGVDFWRQMSDEEARELAKEHGVEVAPHMTFGHIVNEFFEQKVEDKLIQPTFIYGHPVEISPLAKKNPDDPRFT
DRFELFIVGREHANAFTELNDPIDQRQRFEEQLKEREQGNDEAHEMDEDFLEALEYGMPPTGGLGIGVDRLVMLLTNSPS
IRDVLLFPQMRHK
;
_entity_poly.pdbx_strand_id   A,B,C,D
#
# COMPACT_ATOMS: atom_id res chain seq x y z
N GLU A 4 -29.76 -7.67 40.73
CA GLU A 4 -29.59 -7.17 39.33
C GLU A 4 -28.87 -8.22 38.46
N LEU A 5 -27.74 -8.71 38.97
CA LEU A 5 -26.95 -9.71 38.26
C LEU A 5 -25.93 -10.30 39.23
N ASN A 6 -26.23 -10.16 40.52
CA ASN A 6 -25.38 -10.66 41.59
C ASN A 6 -24.58 -11.87 41.08
N ASP A 7 -25.29 -12.94 40.74
CA ASP A 7 -24.65 -14.17 40.26
C ASP A 7 -24.32 -14.18 38.79
N GLN A 8 -25.04 -13.40 37.98
CA GLN A 8 -24.70 -13.38 36.57
C GLN A 8 -23.22 -13.00 36.49
N LEU A 9 -22.82 -12.10 37.37
CA LEU A 9 -21.43 -11.66 37.43
C LEU A 9 -20.54 -12.85 37.76
N ARG A 10 -20.98 -13.65 38.74
CA ARG A 10 -20.21 -14.81 39.13
C ARG A 10 -20.10 -15.75 37.92
N VAL A 11 -21.19 -15.90 37.18
CA VAL A 11 -21.20 -16.77 36.02
C VAL A 11 -20.27 -16.33 34.88
N ARG A 12 -20.26 -15.03 34.59
CA ARG A 12 -19.37 -14.54 33.53
C ARG A 12 -17.93 -14.68 34.02
N ARG A 13 -17.72 -14.28 35.28
CA ARG A 13 -16.43 -14.31 35.93
C ARG A 13 -15.86 -15.72 35.88
N GLU A 14 -16.69 -16.72 36.18
CA GLU A 14 -16.25 -18.11 36.16
C GLU A 14 -16.06 -18.62 34.73
N LYS A 15 -16.83 -18.04 33.81
CA LYS A 15 -16.77 -18.42 32.39
C LYS A 15 -15.37 -18.14 31.87
N LEU A 16 -14.86 -16.98 32.26
CA LEU A 16 -13.53 -16.55 31.88
C LEU A 16 -12.53 -17.68 32.12
N LYS A 17 -12.53 -18.20 33.35
CA LYS A 17 -11.64 -19.30 33.72
C LYS A 17 -11.75 -20.52 32.79
N LYS A 18 -12.96 -20.81 32.32
CA LYS A 18 -13.18 -21.94 31.41
C LYS A 18 -12.59 -21.73 30.03
N ILE A 19 -12.49 -20.47 29.61
CA ILE A 19 -11.94 -20.16 28.29
C ILE A 19 -10.44 -20.41 28.34
N GLU A 20 -9.83 -20.09 29.47
CA GLU A 20 -8.40 -20.30 29.64
C GLU A 20 -8.07 -21.80 29.61
N GLU A 21 -8.94 -22.61 30.22
CA GLU A 21 -8.75 -24.07 30.24
C GLU A 21 -8.80 -24.64 28.83
N LEU A 22 -9.53 -23.96 27.96
CA LEU A 22 -9.66 -24.38 26.57
C LEU A 22 -8.37 -24.06 25.84
N GLY A 23 -7.48 -23.33 26.52
CA GLY A 23 -6.19 -22.97 25.94
C GLY A 23 -6.26 -21.66 25.17
N VAL A 24 -7.25 -20.84 25.51
CA VAL A 24 -7.41 -19.58 24.83
C VAL A 24 -7.16 -18.34 25.69
N ASP A 25 -6.60 -17.33 25.04
CA ASP A 25 -6.32 -16.04 25.67
C ASP A 25 -7.71 -15.38 25.65
N PRO A 26 -8.37 -15.32 26.81
CA PRO A 26 -9.71 -14.71 26.87
C PRO A 26 -9.78 -13.24 26.44
N PHE A 27 -8.64 -12.58 26.28
CA PHE A 27 -8.68 -11.19 25.85
C PHE A 27 -8.08 -10.99 24.47
N GLY A 28 -7.98 -12.10 23.75
CA GLY A 28 -7.52 -12.16 22.38
C GLY A 28 -6.18 -11.61 21.91
N LYS A 29 -5.95 -11.80 20.61
CA LYS A 29 -4.75 -11.36 19.92
C LYS A 29 -5.28 -10.47 18.80
N ARG A 30 -4.40 -10.00 17.93
CA ARG A 30 -4.85 -9.17 16.82
C ARG A 30 -5.67 -10.05 15.86
N PHE A 31 -6.55 -9.42 15.09
CA PHE A 31 -7.40 -10.14 14.18
C PHE A 31 -7.57 -9.37 12.86
N GLU A 32 -7.14 -9.97 11.75
CA GLU A 32 -7.23 -9.32 10.45
C GLU A 32 -8.60 -9.50 9.79
N ARG A 33 -9.28 -8.39 9.53
CA ARG A 33 -10.60 -8.42 8.89
C ARG A 33 -10.50 -8.08 7.41
N THR A 34 -11.53 -8.40 6.67
CA THR A 34 -11.57 -8.12 5.24
C THR A 34 -12.65 -7.07 4.94
N HIS A 35 -13.71 -7.04 5.76
CA HIS A 35 -14.79 -6.07 5.54
C HIS A 35 -15.49 -5.67 6.81
N LYS A 36 -16.35 -4.67 6.65
CA LYS A 36 -17.24 -4.17 7.71
C LYS A 36 -18.54 -4.88 7.38
N ALA A 37 -19.39 -5.10 8.37
CA ALA A 37 -20.67 -5.76 8.14
C ALA A 37 -21.45 -5.09 7.01
N GLU A 38 -21.54 -3.78 7.08
CA GLU A 38 -22.27 -2.99 6.10
C GLU A 38 -21.74 -3.13 4.67
N GLU A 39 -20.42 -3.21 4.51
CA GLU A 39 -19.86 -3.36 3.16
C GLU A 39 -20.31 -4.68 2.56
N LEU A 40 -20.46 -5.69 3.42
CA LEU A 40 -20.91 -7.01 2.97
C LEU A 40 -22.34 -6.98 2.46
N PHE A 41 -23.18 -6.12 3.04
CA PHE A 41 -24.57 -6.05 2.57
C PHE A 41 -24.60 -5.26 1.28
N GLU A 42 -23.78 -4.22 1.22
CA GLU A 42 -23.73 -3.37 0.04
C GLU A 42 -23.10 -4.10 -1.15
N LEU A 43 -22.29 -5.11 -0.86
CA LEU A 43 -21.64 -5.87 -1.93
C LEU A 43 -22.35 -7.16 -2.30
N TYR A 44 -22.82 -7.89 -1.30
CA TYR A 44 -23.42 -9.19 -1.55
C TYR A 44 -24.89 -9.40 -1.22
N GLY A 45 -25.56 -8.37 -0.73
CA GLY A 45 -26.95 -8.51 -0.34
C GLY A 45 -27.92 -8.92 -1.44
N ASP A 46 -27.60 -8.53 -2.67
CA ASP A 46 -28.44 -8.85 -3.83
C ASP A 46 -28.28 -10.26 -4.40
N LEU A 47 -27.16 -10.91 -4.09
CA LEU A 47 -26.89 -12.27 -4.56
C LEU A 47 -27.78 -13.30 -3.86
N SER A 48 -28.41 -14.17 -4.66
CA SER A 48 -29.28 -15.22 -4.14
C SER A 48 -28.49 -16.25 -3.37
N LYS A 49 -29.21 -17.14 -2.69
CA LYS A 49 -28.59 -18.18 -1.89
C LYS A 49 -27.61 -19.03 -2.69
N GLU A 50 -27.96 -19.39 -3.92
CA GLU A 50 -27.05 -20.21 -4.71
C GLU A 50 -25.95 -19.42 -5.40
N GLU A 51 -26.21 -18.17 -5.78
CA GLU A 51 -25.16 -17.40 -6.42
C GLU A 51 -24.01 -17.36 -5.43
N LEU A 52 -24.33 -17.14 -4.15
CA LEU A 52 -23.32 -17.10 -3.10
C LEU A 52 -22.63 -18.44 -2.98
N GLU A 53 -23.39 -19.51 -3.11
CA GLU A 53 -22.82 -20.86 -3.02
C GLU A 53 -21.80 -21.10 -4.12
N GLU A 54 -22.05 -20.52 -5.30
CA GLU A 54 -21.15 -20.67 -6.43
C GLU A 54 -19.89 -19.83 -6.29
N GLN A 55 -20.09 -18.55 -5.97
CA GLN A 55 -18.97 -17.63 -5.84
C GLN A 55 -18.15 -17.80 -4.56
N GLN A 56 -18.64 -18.63 -3.64
CA GLN A 56 -17.93 -18.90 -2.39
C GLN A 56 -17.00 -17.75 -1.99
N ILE A 57 -17.59 -16.73 -1.35
CA ILE A 57 -16.88 -15.53 -0.95
C ILE A 57 -16.34 -15.58 0.49
N GLU A 58 -15.02 -15.76 0.60
CA GLU A 58 -14.36 -15.82 1.92
C GLU A 58 -14.20 -14.42 2.50
N VAL A 59 -14.50 -14.29 3.78
CA VAL A 59 -14.39 -12.99 4.47
C VAL A 59 -13.93 -13.22 5.91
N ALA A 60 -13.63 -12.11 6.59
CA ALA A 60 -13.20 -12.16 7.98
C ALA A 60 -13.74 -10.91 8.68
N VAL A 61 -14.57 -11.12 9.69
CA VAL A 61 -15.15 -9.99 10.42
C VAL A 61 -15.04 -10.17 11.92
N ALA A 62 -15.18 -9.07 12.65
CA ALA A 62 -15.11 -9.11 14.10
C ALA A 62 -16.19 -8.20 14.66
N GLY A 63 -16.70 -8.53 15.83
CA GLY A 63 -17.74 -7.71 16.43
C GLY A 63 -18.21 -8.21 17.78
N ARG A 64 -19.08 -7.44 18.41
CA ARG A 64 -19.60 -7.81 19.72
C ARG A 64 -20.88 -8.60 19.54
N ILE A 65 -21.01 -9.68 20.29
CA ILE A 65 -22.21 -10.51 20.20
C ILE A 65 -23.44 -9.78 20.75
N MET A 66 -24.41 -9.52 19.89
CA MET A 66 -25.63 -8.83 20.27
C MET A 66 -26.78 -9.81 20.57
N THR A 67 -26.87 -10.87 19.76
CA THR A 67 -27.89 -11.90 19.95
C THR A 67 -27.27 -13.25 19.66
N LYS A 68 -27.86 -14.30 20.22
CA LYS A 68 -27.34 -15.65 20.02
C LYS A 68 -28.46 -16.67 20.17
N ARG A 69 -28.39 -17.72 19.36
CA ARG A 69 -29.35 -18.83 19.35
C ARG A 69 -28.56 -20.15 19.27
N GLY A 70 -28.65 -20.98 20.31
CA GLY A 70 -27.92 -22.24 20.31
C GLY A 70 -28.78 -23.46 20.04
N MET A 71 -28.74 -23.95 18.80
CA MET A 71 -29.54 -25.11 18.39
C MET A 71 -28.73 -26.41 18.45
N GLY A 72 -28.35 -26.84 19.64
CA GLY A 72 -27.58 -28.05 19.78
C GLY A 72 -26.18 -27.94 19.22
N LYS A 73 -25.91 -28.65 18.11
CA LYS A 73 -24.59 -28.65 17.49
C LYS A 73 -24.42 -27.66 16.33
N ALA A 74 -25.07 -26.50 16.46
CA ALA A 74 -25.01 -25.46 15.45
C ALA A 74 -25.88 -24.32 15.96
N GLY A 75 -25.48 -23.09 15.68
CA GLY A 75 -26.27 -21.97 16.15
C GLY A 75 -26.03 -20.71 15.35
N PHE A 76 -26.64 -19.61 15.78
CA PHE A 76 -26.48 -18.33 15.10
C PHE A 76 -26.19 -17.27 16.12
N ALA A 77 -25.64 -16.16 15.65
CA ALA A 77 -25.34 -15.05 16.53
C ALA A 77 -25.20 -13.82 15.66
N HIS A 78 -25.63 -12.68 16.18
CA HIS A 78 -25.47 -11.45 15.44
C HIS A 78 -24.34 -10.70 16.10
N ILE A 79 -23.33 -10.35 15.32
CA ILE A 79 -22.20 -9.63 15.88
C ILE A 79 -22.22 -8.25 15.26
N GLN A 80 -21.85 -7.27 16.07
CA GLN A 80 -21.88 -5.88 15.65
C GLN A 80 -20.53 -5.18 15.59
N ASP A 81 -20.20 -4.59 14.44
CA ASP A 81 -18.97 -3.84 14.32
C ASP A 81 -19.41 -2.38 14.25
N VAL A 82 -18.47 -1.47 14.08
CA VAL A 82 -18.79 -0.05 14.04
C VAL A 82 -19.81 0.36 12.98
N THR A 83 -20.04 -0.50 11.98
CA THR A 83 -20.98 -0.16 10.91
C THR A 83 -22.33 -0.83 10.99
N GLY A 84 -22.43 -1.87 11.81
CA GLY A 84 -23.71 -2.55 11.93
C GLY A 84 -23.56 -3.99 12.36
N GLN A 85 -24.62 -4.76 12.15
CA GLN A 85 -24.62 -6.16 12.51
C GLN A 85 -24.59 -7.10 11.30
N ILE A 86 -24.19 -8.34 11.57
CA ILE A 86 -24.11 -9.37 10.55
C ILE A 86 -24.36 -10.66 11.33
N GLN A 87 -25.04 -11.62 10.72
CA GLN A 87 -25.32 -12.88 11.38
C GLN A 87 -24.27 -13.93 11.06
N ILE A 88 -23.82 -14.66 12.06
CA ILE A 88 -22.85 -15.71 11.82
C ILE A 88 -23.51 -17.05 12.10
N TYR A 89 -23.23 -18.01 11.23
CA TYR A 89 -23.76 -19.35 11.38
C TYR A 89 -22.58 -20.23 11.79
N VAL A 90 -22.65 -20.79 13.00
CA VAL A 90 -21.59 -21.63 13.53
C VAL A 90 -22.02 -23.06 13.81
N ARG A 91 -21.50 -23.99 13.03
CA ARG A 91 -21.85 -25.40 13.21
C ARG A 91 -20.61 -26.19 13.62
N GLN A 92 -20.79 -27.06 14.59
CA GLN A 92 -19.69 -27.88 15.08
C GLN A 92 -19.07 -28.69 13.94
N ASP A 93 -19.89 -29.05 12.96
CA ASP A 93 -19.40 -29.81 11.82
C ASP A 93 -18.30 -29.08 11.05
N ASP A 94 -18.34 -27.75 11.05
CA ASP A 94 -17.34 -26.99 10.31
C ASP A 94 -16.13 -26.53 11.15
N VAL A 95 -16.42 -25.87 12.25
CA VAL A 95 -15.39 -25.32 13.12
C VAL A 95 -14.70 -26.28 14.08
N GLY A 96 -15.19 -27.51 14.16
CA GLY A 96 -14.59 -28.47 15.06
C GLY A 96 -15.15 -28.36 16.47
N GLU A 97 -14.97 -29.42 17.26
CA GLU A 97 -15.47 -29.48 18.63
C GLU A 97 -14.89 -28.44 19.59
N GLN A 98 -13.60 -28.17 19.48
CA GLN A 98 -12.96 -27.20 20.36
C GLN A 98 -13.61 -25.83 20.16
N GLN A 99 -13.48 -25.31 18.94
CA GLN A 99 -14.03 -24.02 18.57
C GLN A 99 -15.53 -23.92 18.87
N TYR A 100 -16.27 -25.00 18.66
CA TYR A 100 -17.70 -24.95 18.93
C TYR A 100 -17.99 -24.80 20.43
N GLU A 101 -17.09 -25.31 21.26
CA GLU A 101 -17.27 -25.18 22.71
C GLU A 101 -17.03 -23.71 23.08
N LEU A 102 -16.20 -23.03 22.31
CA LEU A 102 -15.92 -21.62 22.56
C LEU A 102 -17.19 -20.84 22.24
N PHE A 103 -17.80 -21.18 21.10
CA PHE A 103 -19.04 -20.53 20.68
C PHE A 103 -20.10 -20.78 21.75
N LYS A 104 -20.32 -22.04 22.09
CA LYS A 104 -21.32 -22.40 23.09
C LYS A 104 -21.19 -21.57 24.37
N ILE A 105 -19.96 -21.45 24.87
CA ILE A 105 -19.73 -20.72 26.10
C ILE A 105 -19.75 -19.20 25.95
N SER A 106 -19.68 -18.69 24.73
CA SER A 106 -19.71 -17.24 24.49
C SER A 106 -20.96 -16.57 25.07
N ASP A 107 -20.76 -15.45 25.76
CA ASP A 107 -21.85 -14.67 26.38
C ASP A 107 -22.19 -13.48 25.49
N LEU A 108 -23.37 -12.92 25.74
CA LEU A 108 -23.79 -11.73 25.02
C LEU A 108 -22.82 -10.67 25.52
N GLY A 109 -22.31 -9.85 24.61
CA GLY A 109 -21.38 -8.81 25.01
C GLY A 109 -19.95 -9.20 24.73
N ASP A 110 -19.67 -10.50 24.61
CA ASP A 110 -18.33 -10.96 24.30
C ASP A 110 -18.01 -10.55 22.88
N ILE A 111 -16.73 -10.29 22.61
CA ILE A 111 -16.32 -9.89 21.27
C ILE A 111 -15.59 -11.06 20.64
N VAL A 112 -15.91 -11.30 19.39
CA VAL A 112 -15.31 -12.40 18.65
C VAL A 112 -15.02 -11.99 17.20
N GLY A 113 -14.23 -12.79 16.52
CA GLY A 113 -13.89 -12.53 15.14
C GLY A 113 -14.09 -13.87 14.44
N VAL A 114 -14.45 -13.84 13.17
CA VAL A 114 -14.64 -15.08 12.43
C VAL A 114 -14.16 -14.97 10.99
N ARG A 115 -13.88 -16.13 10.41
CA ARG A 115 -13.48 -16.24 9.02
C ARG A 115 -14.45 -17.28 8.52
N GLY A 116 -15.03 -17.02 7.36
CA GLY A 116 -15.99 -17.96 6.80
C GLY A 116 -16.42 -17.41 5.45
N THR A 117 -17.45 -18.02 4.87
CA THR A 117 -17.90 -17.58 3.56
C THR A 117 -19.32 -17.01 3.56
N MET A 118 -19.56 -16.07 2.66
CA MET A 118 -20.85 -15.43 2.55
C MET A 118 -21.93 -16.40 2.07
N PHE A 119 -23.14 -16.24 2.60
CA PHE A 119 -24.24 -17.10 2.20
C PHE A 119 -25.56 -16.69 2.84
N LYS A 120 -26.66 -17.19 2.30
CA LYS A 120 -27.98 -16.87 2.82
C LYS A 120 -28.68 -18.12 3.29
N THR A 121 -29.34 -18.02 4.44
CA THR A 121 -30.07 -19.15 5.01
C THR A 121 -31.36 -19.35 4.24
N LYS A 122 -32.12 -20.36 4.65
CA LYS A 122 -33.38 -20.67 4.01
C LYS A 122 -34.29 -19.44 4.10
N VAL A 123 -34.16 -18.68 5.19
CA VAL A 123 -34.99 -17.49 5.37
C VAL A 123 -34.59 -16.32 4.48
N GLY A 124 -33.30 -16.20 4.16
CA GLY A 124 -32.86 -15.13 3.30
C GLY A 124 -31.98 -14.03 3.88
N GLU A 125 -31.57 -14.15 5.13
CA GLU A 125 -30.71 -13.13 5.72
C GLU A 125 -29.23 -13.39 5.36
N LEU A 126 -28.59 -12.41 4.74
CA LEU A 126 -27.18 -12.57 4.37
C LEU A 126 -26.40 -12.93 5.62
N SER A 127 -25.60 -13.99 5.53
CA SER A 127 -24.82 -14.41 6.68
C SER A 127 -23.42 -14.89 6.33
N ILE A 128 -22.76 -15.43 7.35
CA ILE A 128 -21.42 -15.94 7.20
C ILE A 128 -21.33 -17.32 7.80
N LYS A 129 -21.14 -18.32 6.93
CA LYS A 129 -21.00 -19.69 7.40
C LYS A 129 -19.55 -19.71 7.90
N VAL A 130 -19.38 -19.70 9.22
CA VAL A 130 -18.07 -19.67 9.83
C VAL A 130 -17.24 -20.96 9.68
N SER A 131 -15.95 -20.79 9.39
CA SER A 131 -15.05 -21.92 9.26
C SER A 131 -14.03 -21.82 10.40
N SER A 132 -13.86 -20.61 10.91
CA SER A 132 -12.94 -20.34 12.02
C SER A 132 -13.49 -19.28 12.99
N TYR A 133 -13.78 -19.71 14.21
CA TYR A 133 -14.34 -18.85 15.25
C TYR A 133 -13.24 -18.49 16.25
N GLU A 134 -12.97 -17.20 16.40
CA GLU A 134 -11.93 -16.73 17.31
C GLU A 134 -12.49 -15.90 18.45
N PHE A 135 -12.30 -16.38 19.67
CA PHE A 135 -12.78 -15.63 20.82
C PHE A 135 -11.82 -14.46 20.94
N LEU A 136 -12.31 -13.25 21.15
CA LEU A 136 -11.41 -12.11 21.24
C LEU A 136 -11.46 -11.35 22.56
N THR A 137 -12.59 -11.39 23.27
CA THR A 137 -12.69 -10.67 24.54
C THR A 137 -13.91 -11.02 25.36
N LYS A 138 -13.69 -11.18 26.65
CA LYS A 138 -14.75 -11.51 27.58
C LYS A 138 -15.32 -10.28 28.26
N ALA A 139 -16.63 -10.12 28.17
CA ALA A 139 -17.30 -9.01 28.84
C ALA A 139 -17.70 -9.55 30.22
N LEU A 140 -17.14 -8.96 31.28
CA LEU A 140 -17.45 -9.42 32.63
C LEU A 140 -18.83 -8.97 33.11
N ARG A 141 -19.36 -7.94 32.45
CA ARG A 141 -20.68 -7.42 32.78
C ARG A 141 -21.56 -7.51 31.56
N PRO A 142 -22.87 -7.65 31.77
CA PRO A 142 -23.80 -7.74 30.64
C PRO A 142 -24.21 -6.33 30.21
N LEU A 143 -24.32 -6.13 28.90
CA LEU A 143 -24.69 -4.84 28.33
C LEU A 143 -26.01 -4.34 28.92
N PRO A 144 -26.36 -3.06 28.67
CA PRO A 144 -27.60 -2.48 29.20
C PRO A 144 -28.84 -3.30 28.92
N GLU A 145 -29.72 -3.34 29.92
CA GLU A 145 -30.97 -4.09 29.85
C GLU A 145 -32.04 -3.27 29.12
N LYS A 146 -31.97 -1.94 29.26
CA LYS A 146 -32.95 -1.05 28.65
C LYS A 146 -32.83 -0.96 27.14
N ASP A 152 -32.75 6.88 30.56
CA ASP A 152 -32.27 7.93 31.46
C ASP A 152 -30.94 8.45 30.94
N ILE A 153 -30.88 9.75 30.71
CA ILE A 153 -29.67 10.40 30.20
C ILE A 153 -28.45 10.11 31.07
N GLU A 154 -28.68 9.43 32.20
CA GLU A 154 -27.59 9.11 33.12
C GLU A 154 -26.49 8.21 32.52
N GLN A 155 -26.79 6.92 32.33
CA GLN A 155 -25.80 6.00 31.78
C GLN A 155 -25.36 6.39 30.38
N ARG A 156 -26.22 7.09 29.63
CA ARG A 156 -25.84 7.52 28.30
C ARG A 156 -24.65 8.46 28.38
N TYR A 157 -24.72 9.41 29.32
CA TYR A 157 -23.64 10.39 29.50
C TYR A 157 -22.52 9.89 30.40
N ARG A 158 -22.86 9.15 31.46
CA ARG A 158 -21.86 8.62 32.38
C ARG A 158 -21.18 7.39 31.78
N GLN A 159 -21.93 6.63 30.98
CA GLN A 159 -21.41 5.43 30.34
C GLN A 159 -21.67 5.55 28.84
N ARG A 160 -21.02 6.52 28.21
CA ARG A 160 -21.19 6.78 26.78
C ARG A 160 -20.92 5.55 25.94
N TYR A 161 -19.97 4.73 26.39
CA TYR A 161 -19.63 3.53 25.64
C TYR A 161 -20.85 2.64 25.38
N LEU A 162 -21.70 2.49 26.39
CA LEU A 162 -22.91 1.69 26.24
C LEU A 162 -23.87 2.33 25.22
N ASP A 163 -23.96 3.65 25.28
CA ASP A 163 -24.82 4.43 24.38
C ASP A 163 -24.37 4.27 22.93
N LEU A 164 -23.07 4.37 22.69
CA LEU A 164 -22.50 4.22 21.35
C LEU A 164 -22.74 2.84 20.78
N ILE A 165 -22.85 1.84 21.65
CA ILE A 165 -23.09 0.46 21.25
C ILE A 165 -24.59 0.20 21.05
N MET A 166 -25.42 0.71 21.96
CA MET A 166 -26.87 0.47 21.87
C MET A 166 -27.71 1.45 21.06
N ASN A 167 -27.20 2.63 20.76
CA ASN A 167 -27.99 3.60 20.00
C ASN A 167 -27.26 4.16 18.78
N PRO A 168 -27.48 3.55 17.62
CA PRO A 168 -26.84 3.98 16.37
C PRO A 168 -27.02 5.45 16.03
N GLU A 169 -28.14 6.05 16.45
CA GLU A 169 -28.37 7.45 16.15
C GLU A 169 -27.42 8.35 16.92
N SER A 170 -27.00 7.89 18.09
CA SER A 170 -26.08 8.69 18.90
C SER A 170 -24.71 8.55 18.27
N LYS A 171 -24.44 7.36 17.74
CA LYS A 171 -23.16 7.11 17.09
C LYS A 171 -23.00 8.00 15.86
N LYS A 172 -24.07 8.14 15.08
CA LYS A 172 -24.01 8.96 13.87
C LYS A 172 -23.76 10.43 14.22
N THR A 173 -24.38 10.90 15.29
CA THR A 173 -24.21 12.28 15.73
C THR A 173 -22.70 12.60 15.94
N PHE A 174 -22.00 11.68 16.58
CA PHE A 174 -20.58 11.90 16.83
C PHE A 174 -19.77 11.73 15.56
N ILE A 175 -20.28 10.93 14.63
CA ILE A 175 -19.57 10.77 13.36
C ILE A 175 -19.78 12.07 12.58
N THR A 176 -20.99 12.61 12.64
CA THR A 176 -21.30 13.86 11.93
C THR A 176 -20.50 15.00 12.54
N ARG A 177 -20.23 14.92 13.84
CA ARG A 177 -19.45 15.96 14.47
C ARG A 177 -18.02 15.98 13.90
N SER A 178 -17.42 14.80 13.72
CA SER A 178 -16.06 14.72 13.16
C SER A 178 -16.04 15.32 11.76
N LEU A 179 -17.13 15.10 11.01
CA LEU A 179 -17.24 15.61 9.65
C LEU A 179 -17.40 17.12 9.64
N ILE A 180 -18.19 17.65 10.55
CA ILE A 180 -18.39 19.09 10.60
C ILE A 180 -17.06 19.78 10.86
N ILE A 181 -16.32 19.31 11.85
CA ILE A 181 -15.04 19.92 12.14
C ILE A 181 -14.08 19.71 10.98
N GLN A 182 -14.04 18.51 10.41
CA GLN A 182 -13.13 18.27 9.29
C GLN A 182 -13.47 19.22 8.14
N SER A 183 -14.76 19.43 7.93
CA SER A 183 -15.23 20.30 6.86
C SER A 183 -14.83 21.75 7.08
N MET A 184 -14.95 22.18 8.33
CA MET A 184 -14.60 23.52 8.73
C MET A 184 -13.12 23.82 8.39
N ARG A 185 -12.22 22.97 8.84
CA ARG A 185 -10.81 23.19 8.56
C ARG A 185 -10.52 23.14 7.06
N ARG A 186 -11.34 22.41 6.32
CA ARG A 186 -11.15 22.31 4.89
C ARG A 186 -11.36 23.68 4.23
N TYR A 187 -12.47 24.33 4.57
CA TYR A 187 -12.79 25.64 4.03
C TYR A 187 -11.71 26.64 4.43
N LEU A 188 -11.46 26.75 5.73
CA LEU A 188 -10.48 27.68 6.27
C LEU A 188 -9.10 27.57 5.63
N ASP A 189 -8.59 26.35 5.54
CA ASP A 189 -7.28 26.12 4.95
C ASP A 189 -7.27 26.51 3.48
N SER A 190 -8.21 25.99 2.69
CA SER A 190 -8.25 26.30 1.27
C SER A 190 -8.49 27.79 1.00
N HIS A 191 -8.83 28.52 2.05
CA HIS A 191 -9.06 29.96 1.90
C HIS A 191 -7.92 30.77 2.50
N GLY A 192 -6.84 30.06 2.86
CA GLY A 192 -5.67 30.73 3.39
C GLY A 192 -5.50 30.98 4.88
N TYR A 193 -6.45 30.56 5.71
CA TYR A 193 -6.29 30.78 7.14
C TYR A 193 -5.38 29.70 7.73
N LEU A 194 -4.34 30.14 8.43
CA LEU A 194 -3.36 29.24 9.03
C LEU A 194 -3.79 28.66 10.38
N GLU A 195 -3.86 27.34 10.49
CA GLU A 195 -4.25 26.71 11.75
C GLU A 195 -3.07 26.75 12.73
N VAL A 196 -3.31 27.29 13.92
CA VAL A 196 -2.26 27.41 14.92
C VAL A 196 -2.66 26.91 16.29
N GLU A 197 -1.68 26.82 17.17
CA GLU A 197 -1.90 26.39 18.55
C GLU A 197 -1.30 27.40 19.51
N THR A 198 -2.15 27.99 20.34
CA THR A 198 -1.70 28.99 21.30
C THR A 198 -1.97 28.43 22.70
N PRO A 199 -1.33 28.99 23.75
CA PRO A 199 -1.49 28.55 25.13
C PRO A 199 -2.90 28.43 25.70
N MET A 200 -3.07 27.44 26.57
CA MET A 200 -4.33 27.21 27.26
C MET A 200 -4.14 27.54 28.74
N MET A 201 -2.90 27.87 29.09
CA MET A 201 -2.55 28.25 30.46
C MET A 201 -2.07 29.69 30.34
N HIS A 202 -2.84 30.61 30.91
CA HIS A 202 -2.51 32.03 30.82
C HIS A 202 -2.19 32.69 32.14
N ALA A 203 -1.25 33.64 32.09
CA ALA A 203 -0.84 34.38 33.26
C ALA A 203 -2.02 35.25 33.69
N VAL A 204 -2.76 35.73 32.69
CA VAL A 204 -3.95 36.56 32.88
C VAL A 204 -5.08 35.97 32.03
N ALA A 205 -6.21 35.70 32.67
CA ALA A 205 -7.37 35.15 31.98
C ALA A 205 -8.14 36.27 31.26
N GLY A 206 -7.67 36.65 30.07
CA GLY A 206 -8.33 37.69 29.33
C GLY A 206 -8.91 37.25 28.00
N GLY A 207 -9.39 38.21 27.22
CA GLY A 207 -9.96 37.92 25.93
C GLY A 207 -11.44 37.61 25.98
N ALA A 208 -12.03 37.71 27.17
CA ALA A 208 -13.46 37.44 27.34
C ALA A 208 -13.95 37.83 28.73
N ALA A 209 -15.27 37.87 28.90
CA ALA A 209 -15.84 38.20 30.19
C ALA A 209 -16.35 36.90 30.83
N ALA A 210 -15.47 36.22 31.59
CA ALA A 210 -15.84 34.96 32.23
C ALA A 210 -15.01 34.65 33.47
N ARG A 211 -15.52 33.77 34.32
CA ARG A 211 -14.79 33.36 35.52
C ARG A 211 -14.02 32.10 35.10
N PRO A 212 -12.70 32.11 35.27
CA PRO A 212 -11.84 30.99 34.90
C PRO A 212 -11.54 29.93 35.93
N PHE A 213 -10.84 28.88 35.48
CA PHE A 213 -10.41 27.81 36.35
C PHE A 213 -8.99 28.24 36.70
N ILE A 214 -8.68 28.24 37.98
CA ILE A 214 -7.35 28.63 38.44
C ILE A 214 -6.57 27.38 38.77
N THR A 215 -5.25 27.42 38.55
CA THR A 215 -4.41 26.28 38.85
C THR A 215 -3.03 26.77 39.22
N HIS A 216 -2.17 25.83 39.60
CA HIS A 216 -0.84 26.19 40.04
C HIS A 216 0.29 25.36 39.42
N HIS A 217 1.36 26.04 38.98
CA HIS A 217 2.50 25.34 38.42
C HIS A 217 3.51 25.19 39.57
N ASN A 218 3.78 23.95 39.97
CA ASN A 218 4.69 23.67 41.07
C ASN A 218 6.13 24.15 40.90
N ALA A 219 6.81 23.65 39.87
CA ALA A 219 8.20 24.01 39.61
C ALA A 219 8.44 25.51 39.54
N LEU A 220 7.62 26.21 38.77
CA LEU A 220 7.79 27.65 38.65
C LEU A 220 7.04 28.38 39.76
N ASP A 221 6.31 27.63 40.61
CA ASP A 221 5.54 28.26 41.68
C ASP A 221 4.85 29.47 41.04
N MET A 222 3.81 29.21 40.25
CA MET A 222 3.10 30.27 39.54
C MET A 222 1.61 29.98 39.40
N THR A 223 0.80 31.01 39.63
CA THR A 223 -0.64 30.87 39.49
C THR A 223 -1.01 30.99 38.02
N LEU A 224 -1.61 29.94 37.46
CA LEU A 224 -2.02 29.98 36.06
C LEU A 224 -3.53 29.87 35.92
N TYR A 225 -4.04 30.42 34.84
CA TYR A 225 -5.47 30.39 34.57
C TYR A 225 -5.71 29.65 33.27
N MET A 226 -6.72 28.79 33.26
CA MET A 226 -7.05 28.07 32.03
C MET A 226 -7.75 29.10 31.14
N ARG A 227 -7.40 29.12 29.86
CA ARG A 227 -7.98 30.10 28.91
C ARG A 227 -9.50 30.18 28.89
N ILE A 228 -10.02 31.40 28.93
CA ILE A 228 -11.45 31.59 28.87
C ILE A 228 -11.77 32.05 27.45
N ALA A 229 -10.69 32.23 26.67
CA ALA A 229 -10.79 32.65 25.28
C ALA A 229 -9.43 32.46 24.60
N ILE A 230 -9.42 32.54 23.29
CA ILE A 230 -8.17 32.37 22.54
C ILE A 230 -7.75 33.69 21.92
N GLU A 231 -8.62 34.68 22.03
CA GLU A 231 -8.38 35.99 21.42
C GLU A 231 -7.02 36.66 21.56
N LEU A 232 -6.67 37.08 22.76
CA LEU A 232 -5.41 37.79 23.01
C LEU A 232 -4.16 37.21 22.33
N HIS A 233 -3.90 35.93 22.50
CA HIS A 233 -2.72 35.35 21.90
C HIS A 233 -2.82 35.34 20.37
N LEU A 234 -4.04 35.18 19.84
CA LEU A 234 -4.20 35.19 18.39
C LEU A 234 -3.93 36.59 17.83
N LYS A 235 -4.35 37.62 18.55
CA LYS A 235 -4.12 38.98 18.08
C LYS A 235 -2.62 39.29 18.08
N ARG A 236 -1.89 38.68 19.03
CA ARG A 236 -0.44 38.86 19.09
C ARG A 236 0.14 38.29 17.78
N LEU A 237 -0.51 37.26 17.24
CA LEU A 237 -0.06 36.64 15.99
C LEU A 237 -0.33 37.57 14.79
N ILE A 238 -1.42 38.33 14.86
CA ILE A 238 -1.72 39.26 13.78
C ILE A 238 -0.71 40.38 13.81
N VAL A 239 -0.32 40.79 15.02
CA VAL A 239 0.69 41.82 15.17
C VAL A 239 1.97 41.22 14.57
N GLY A 240 2.10 39.90 14.74
CA GLY A 240 3.25 39.18 14.22
C GLY A 240 3.30 39.11 12.71
N GLY A 241 2.27 39.63 12.05
CA GLY A 241 2.24 39.60 10.60
C GLY A 241 1.72 38.32 9.99
N LEU A 242 1.05 37.47 10.78
CA LEU A 242 0.54 36.22 10.22
C LEU A 242 -0.67 36.44 9.32
N GLU A 243 -1.31 37.60 9.46
CA GLU A 243 -2.44 37.99 8.61
C GLU A 243 -3.73 37.17 8.65
N LYS A 244 -3.62 35.85 8.59
CA LYS A 244 -4.81 34.99 8.62
C LYS A 244 -4.54 33.76 9.45
N VAL A 245 -5.11 33.73 10.65
CA VAL A 245 -4.91 32.60 11.53
C VAL A 245 -6.23 32.11 12.12
N TYR A 246 -6.24 30.86 12.58
CA TYR A 246 -7.42 30.29 13.20
C TYR A 246 -7.00 29.14 14.10
N GLU A 247 -7.82 28.91 15.12
CA GLU A 247 -7.55 27.84 16.07
C GLU A 247 -8.90 27.30 16.53
N ILE A 248 -9.11 26.01 16.33
CA ILE A 248 -10.31 25.35 16.80
C ILE A 248 -9.84 24.61 18.06
N GLY A 249 -10.09 25.18 19.23
CA GLY A 249 -9.62 24.54 20.44
C GLY A 249 -10.53 24.63 21.64
N ARG A 250 -10.12 23.96 22.70
CA ARG A 250 -10.88 23.95 23.93
C ARG A 250 -10.72 25.30 24.63
N VAL A 251 -11.79 25.67 25.33
CA VAL A 251 -11.85 26.91 26.09
C VAL A 251 -12.49 26.50 27.41
N PHE A 252 -12.02 27.06 28.52
CA PHE A 252 -12.57 26.68 29.81
C PHE A 252 -13.14 27.86 30.57
N ARG A 253 -14.38 27.67 31.02
CA ARG A 253 -15.07 28.69 31.78
C ARG A 253 -15.73 28.04 33.00
N ASN A 254 -15.31 28.53 34.16
CA ASN A 254 -15.77 28.04 35.44
C ASN A 254 -17.19 28.51 35.68
N GLU A 255 -18.11 27.97 34.88
CA GLU A 255 -19.52 28.35 34.99
C GLU A 255 -20.34 27.07 35.07
N GLY A 256 -21.58 27.20 35.54
CA GLY A 256 -22.43 26.03 35.66
C GLY A 256 -22.86 25.44 34.34
N ILE A 257 -23.34 24.20 34.38
CA ILE A 257 -23.77 23.50 33.17
C ILE A 257 -25.23 23.76 32.83
N SER A 258 -25.60 23.39 31.62
CA SER A 258 -26.95 23.54 31.11
C SER A 258 -27.02 22.82 29.78
N THR A 259 -28.16 22.91 29.12
CA THR A 259 -28.33 22.25 27.84
C THR A 259 -27.58 23.01 26.74
N ARG A 260 -27.14 24.22 27.06
CA ARG A 260 -26.40 25.06 26.11
C ARG A 260 -24.92 25.27 26.47
N HIS A 261 -24.53 25.00 27.72
CA HIS A 261 -23.14 25.21 28.16
C HIS A 261 -22.47 24.03 28.88
N ASN A 262 -21.16 23.89 28.64
CA ASN A 262 -20.33 22.86 29.29
C ASN A 262 -19.05 23.63 29.70
N PRO A 263 -18.51 23.37 30.91
CA PRO A 263 -17.31 24.06 31.41
C PRO A 263 -16.12 24.07 30.43
N GLU A 264 -15.90 22.95 29.74
CA GLU A 264 -14.85 22.92 28.72
C GLU A 264 -15.60 22.70 27.42
N PHE A 265 -15.42 23.61 26.47
CA PHE A 265 -16.08 23.50 25.17
C PHE A 265 -15.12 23.84 24.05
N THR A 266 -15.55 23.58 22.82
CA THR A 266 -14.69 23.85 21.67
C THR A 266 -15.06 25.12 20.93
N MET A 267 -14.13 26.06 20.88
CA MET A 267 -14.39 27.30 20.17
C MET A 267 -13.46 27.50 18.99
N LEU A 268 -14.02 28.05 17.91
CA LEU A 268 -13.18 28.36 16.77
C LEU A 268 -12.97 29.85 16.90
N GLU A 269 -11.72 30.29 16.84
CA GLU A 269 -11.41 31.71 16.85
C GLU A 269 -10.56 31.94 15.60
N LEU A 270 -10.84 33.03 14.89
CA LEU A 270 -10.11 33.33 13.68
C LEU A 270 -9.97 34.83 13.48
N TYR A 271 -8.82 35.24 12.96
CA TYR A 271 -8.58 36.65 12.73
C TYR A 271 -8.08 36.89 11.33
N GLU A 272 -8.52 38.00 10.77
CA GLU A 272 -8.12 38.39 9.41
C GLU A 272 -7.77 39.86 9.34
N ALA A 273 -6.48 40.12 9.13
CA ALA A 273 -5.99 41.48 9.02
C ALA A 273 -6.61 42.10 7.78
N TYR A 274 -6.75 43.42 7.78
CA TYR A 274 -7.30 44.16 6.65
C TYR A 274 -8.79 43.94 6.35
N ALA A 275 -9.48 43.17 7.19
CA ALA A 275 -10.92 42.98 7.00
C ALA A 275 -11.67 43.65 8.18
N ASP A 276 -12.99 43.78 8.06
CA ASP A 276 -13.79 44.36 9.13
C ASP A 276 -14.98 43.42 9.42
N PHE A 277 -15.80 43.75 10.42
CA PHE A 277 -16.91 42.87 10.79
C PHE A 277 -17.94 42.57 9.70
N ARG A 278 -17.99 43.41 8.67
CA ARG A 278 -18.90 43.16 7.56
C ARG A 278 -18.29 42.01 6.76
N ASP A 279 -16.98 42.07 6.57
CA ASP A 279 -16.27 41.01 5.87
C ASP A 279 -16.45 39.71 6.64
N ILE A 280 -16.40 39.80 7.97
CA ILE A 280 -16.55 38.61 8.80
C ILE A 280 -17.96 38.04 8.69
N MET A 281 -18.96 38.90 8.55
CA MET A 281 -20.33 38.43 8.40
C MET A 281 -20.42 37.49 7.21
N LYS A 282 -19.86 37.93 6.09
CA LYS A 282 -19.89 37.14 4.85
C LYS A 282 -19.15 35.82 4.97
N LEU A 283 -18.04 35.83 5.71
CA LEU A 283 -17.23 34.65 5.92
C LEU A 283 -18.00 33.63 6.76
N THR A 284 -18.57 34.12 7.84
CA THR A 284 -19.32 33.28 8.77
C THR A 284 -20.44 32.53 8.06
N GLU A 285 -21.24 33.23 7.28
CA GLU A 285 -22.33 32.59 6.56
C GLU A 285 -21.81 31.65 5.46
N ASN A 286 -20.75 32.05 4.76
CA ASN A 286 -20.21 31.17 3.72
C ASN A 286 -19.65 29.90 4.35
N LEU A 287 -18.91 30.05 5.44
CA LEU A 287 -18.33 28.93 6.17
C LEU A 287 -19.39 27.97 6.68
N ILE A 288 -20.33 28.50 7.44
CA ILE A 288 -21.40 27.66 7.95
C ILE A 288 -22.18 27.05 6.78
N ALA A 289 -22.46 27.84 5.75
CA ALA A 289 -23.20 27.30 4.61
C ALA A 289 -22.42 26.17 3.97
N HIS A 290 -21.09 26.33 3.92
CA HIS A 290 -20.22 25.32 3.32
C HIS A 290 -20.29 24.01 4.08
N ILE A 291 -20.15 24.10 5.40
CA ILE A 291 -20.19 22.93 6.25
C ILE A 291 -21.51 22.18 6.11
N ALA A 292 -22.63 22.90 6.25
CA ALA A 292 -23.93 22.25 6.15
C ALA A 292 -24.09 21.59 4.78
N THR A 293 -23.80 22.35 3.73
CA THR A 293 -23.90 21.84 2.37
C THR A 293 -23.10 20.55 2.24
N GLU A 294 -21.83 20.61 2.60
CA GLU A 294 -20.93 19.47 2.48
C GLU A 294 -21.29 18.28 3.35
N VAL A 295 -21.91 18.51 4.50
CA VAL A 295 -22.24 17.42 5.39
C VAL A 295 -23.70 16.92 5.31
N LEU A 296 -24.64 17.85 5.26
CA LEU A 296 -26.05 17.47 5.18
C LEU A 296 -26.53 17.45 3.73
N GLY A 297 -25.80 18.11 2.86
CA GLY A 297 -26.18 18.16 1.46
C GLY A 297 -27.16 19.29 1.19
N THR A 298 -27.38 20.14 2.19
CA THR A 298 -28.32 21.25 2.06
C THR A 298 -28.21 22.24 3.18
N THR A 299 -28.60 23.49 2.92
CA THR A 299 -28.57 24.52 3.94
C THR A 299 -29.98 24.73 4.50
N LYS A 300 -30.92 23.89 4.09
CA LYS A 300 -32.28 23.96 4.59
C LYS A 300 -32.36 22.85 5.64
N ILE A 301 -32.44 23.23 6.91
CA ILE A 301 -32.45 22.22 7.95
C ILE A 301 -33.61 22.29 8.95
N GLN A 302 -33.78 21.19 9.66
CA GLN A 302 -34.81 21.07 10.66
C GLN A 302 -34.19 21.00 12.05
N TYR A 303 -34.62 21.88 12.95
CA TYR A 303 -34.13 21.88 14.32
C TYR A 303 -35.33 21.94 15.27
N GLY A 304 -35.69 20.81 15.84
CA GLY A 304 -36.83 20.77 16.73
C GLY A 304 -38.08 21.03 15.91
N GLU A 305 -38.93 21.94 16.37
CA GLU A 305 -40.16 22.28 15.65
C GLU A 305 -39.90 23.30 14.55
N HIS A 306 -38.67 23.77 14.46
CA HIS A 306 -38.33 24.78 13.47
C HIS A 306 -37.72 24.31 12.16
N LEU A 307 -38.05 25.02 11.11
CA LEU A 307 -37.50 24.74 9.80
C LEU A 307 -36.56 25.93 9.58
N VAL A 308 -35.29 25.72 9.91
CA VAL A 308 -34.29 26.77 9.80
C VAL A 308 -33.62 26.78 8.43
N ASP A 309 -33.58 27.95 7.80
CA ASP A 309 -32.98 28.12 6.47
C ASP A 309 -31.62 28.80 6.54
N LEU A 310 -30.56 28.00 6.53
CA LEU A 310 -29.20 28.51 6.62
C LEU A 310 -28.62 29.08 5.34
N THR A 311 -29.42 29.17 4.29
CA THR A 311 -28.94 29.70 3.01
C THR A 311 -28.64 31.20 3.07
N PRO A 312 -27.37 31.58 2.78
CA PRO A 312 -26.99 33.01 2.79
C PRO A 312 -27.75 33.74 1.69
N GLU A 313 -27.90 35.06 1.81
CA GLU A 313 -27.34 35.84 2.91
C GLU A 313 -28.31 35.88 4.09
N TRP A 314 -27.75 35.99 5.29
CA TRP A 314 -28.56 36.03 6.49
C TRP A 314 -28.95 37.45 6.86
N ARG A 315 -30.04 37.54 7.62
CA ARG A 315 -30.57 38.82 8.07
C ARG A 315 -29.58 39.64 8.91
N ARG A 316 -29.47 40.93 8.59
CA ARG A 316 -28.62 41.87 9.34
C ARG A 316 -29.55 42.77 10.15
N LEU A 317 -29.35 42.84 11.46
CA LEU A 317 -30.20 43.66 12.30
C LEU A 317 -29.45 44.27 13.48
N HIS A 318 -29.49 45.59 13.58
CA HIS A 318 -28.83 46.30 14.68
C HIS A 318 -29.53 45.98 16.00
N MET A 319 -28.74 45.69 17.04
CA MET A 319 -29.31 45.36 18.33
C MET A 319 -30.40 46.36 18.75
N VAL A 320 -30.17 47.64 18.47
CA VAL A 320 -31.14 48.64 18.84
C VAL A 320 -32.42 48.53 18.04
N ASP A 321 -32.31 48.19 16.77
CA ASP A 321 -33.49 48.05 15.92
C ASP A 321 -34.22 46.77 16.33
N ALA A 322 -33.46 45.80 16.84
CA ALA A 322 -34.06 44.55 17.27
C ALA A 322 -34.91 44.83 18.51
N ILE A 323 -34.38 45.62 19.43
CA ILE A 323 -35.13 45.96 20.63
C ILE A 323 -36.37 46.75 20.27
N LYS A 324 -36.27 47.60 19.25
CA LYS A 324 -37.44 48.36 18.86
C LYS A 324 -38.48 47.45 18.22
N GLU A 325 -38.04 46.51 17.40
CA GLU A 325 -38.98 45.63 16.72
C GLU A 325 -39.67 44.67 17.68
N TYR A 326 -38.87 44.05 18.54
CA TYR A 326 -39.39 43.05 19.45
C TYR A 326 -39.87 43.48 20.83
N VAL A 327 -39.62 44.73 21.20
CA VAL A 327 -40.08 45.23 22.49
C VAL A 327 -40.87 46.53 22.36
N GLY A 328 -40.38 47.43 21.53
CA GLY A 328 -41.06 48.70 21.32
C GLY A 328 -40.31 49.91 21.87
N VAL A 329 -39.23 49.66 22.61
CA VAL A 329 -38.43 50.72 23.20
C VAL A 329 -37.31 51.12 22.23
N ASP A 330 -37.17 52.41 21.98
CA ASP A 330 -36.15 52.93 21.05
C ASP A 330 -34.91 53.47 21.75
N PHE A 331 -33.81 52.71 21.74
CA PHE A 331 -32.60 53.17 22.41
C PHE A 331 -31.70 54.06 21.57
N TRP A 332 -32.12 54.38 20.34
CA TRP A 332 -31.30 55.28 19.52
C TRP A 332 -31.29 56.64 20.21
N ARG A 333 -32.34 56.90 20.99
CA ARG A 333 -32.49 58.14 21.72
C ARG A 333 -31.38 58.35 22.76
N GLN A 334 -30.71 59.50 22.70
CA GLN A 334 -29.68 59.81 23.68
C GLN A 334 -30.43 59.97 24.98
N MET A 335 -30.14 59.13 25.97
CA MET A 335 -30.81 59.22 27.26
C MET A 335 -29.79 59.02 28.39
N SER A 336 -30.15 59.41 29.60
CA SER A 336 -29.27 59.25 30.75
C SER A 336 -29.35 57.81 31.20
N ASP A 337 -28.41 57.37 32.04
CA ASP A 337 -28.44 55.99 32.52
C ASP A 337 -29.69 55.76 33.34
N GLU A 338 -30.12 56.79 34.06
CA GLU A 338 -31.30 56.67 34.90
C GLU A 338 -32.58 56.41 34.11
N GLU A 339 -32.76 57.12 33.01
CA GLU A 339 -33.96 56.94 32.18
C GLU A 339 -33.99 55.49 31.67
N ALA A 340 -32.81 54.97 31.34
CA ALA A 340 -32.72 53.59 30.86
C ALA A 340 -33.09 52.65 32.01
N ARG A 341 -32.70 52.99 33.22
CA ARG A 341 -33.05 52.17 34.36
C ARG A 341 -34.56 52.16 34.52
N GLU A 342 -35.18 53.34 34.33
CA GLU A 342 -36.63 53.47 34.44
C GLU A 342 -37.32 52.59 33.42
N LEU A 343 -36.81 52.64 32.18
CA LEU A 343 -37.36 51.84 31.10
C LEU A 343 -37.18 50.36 31.42
N ALA A 344 -36.11 50.03 32.12
CA ALA A 344 -35.84 48.64 32.49
C ALA A 344 -36.88 48.19 33.51
N LYS A 345 -37.23 49.05 34.45
CA LYS A 345 -38.23 48.73 35.45
C LYS A 345 -39.59 48.48 34.77
N GLU A 346 -39.97 49.42 33.91
CA GLU A 346 -41.25 49.35 33.21
C GLU A 346 -41.42 48.14 32.28
N HIS A 347 -40.33 47.55 31.81
CA HIS A 347 -40.46 46.40 30.93
C HIS A 347 -39.97 45.08 31.53
N GLY A 348 -39.71 45.08 32.83
CA GLY A 348 -39.28 43.86 33.49
C GLY A 348 -37.94 43.30 33.10
N VAL A 349 -36.98 44.19 32.82
CA VAL A 349 -35.64 43.79 32.44
C VAL A 349 -34.76 43.98 33.68
N GLU A 350 -34.19 42.88 34.20
CA GLU A 350 -33.35 42.98 35.39
C GLU A 350 -31.97 43.55 35.04
N VAL A 351 -31.48 44.47 35.87
CA VAL A 351 -30.18 45.09 35.67
C VAL A 351 -29.31 44.91 36.92
N ALA A 352 -28.03 45.21 36.80
CA ALA A 352 -27.11 45.10 37.94
C ALA A 352 -26.58 46.50 38.31
N PRO A 353 -26.05 46.67 39.54
CA PRO A 353 -25.52 47.95 40.00
C PRO A 353 -24.47 48.63 39.10
N HIS A 354 -23.54 47.85 38.56
CA HIS A 354 -22.49 48.41 37.71
C HIS A 354 -23.00 48.89 36.34
N MET A 355 -24.24 48.54 36.02
CA MET A 355 -24.81 48.88 34.71
C MET A 355 -25.21 50.31 34.42
N THR A 356 -24.97 50.70 33.17
CA THR A 356 -25.28 52.01 32.63
C THR A 356 -26.02 51.79 31.31
N PHE A 357 -26.32 52.87 30.57
CA PHE A 357 -27.06 52.78 29.32
C PHE A 357 -26.70 51.53 28.49
N GLY A 358 -25.43 51.44 28.10
CA GLY A 358 -24.95 50.32 27.30
C GLY A 358 -25.30 48.93 27.80
N HIS A 359 -25.03 48.66 29.08
CA HIS A 359 -25.33 47.34 29.62
C HIS A 359 -26.83 47.08 29.59
N ILE A 360 -27.60 48.11 29.92
CA ILE A 360 -29.04 47.98 29.97
C ILE A 360 -29.62 47.60 28.61
N VAL A 361 -29.16 48.27 27.56
CA VAL A 361 -29.61 47.98 26.21
C VAL A 361 -29.40 46.50 25.91
N ASN A 362 -28.24 45.98 26.27
CA ASN A 362 -27.94 44.57 26.00
C ASN A 362 -28.83 43.62 26.80
N GLU A 363 -29.23 44.03 27.99
CA GLU A 363 -30.09 43.20 28.83
C GLU A 363 -31.48 43.17 28.22
N PHE A 364 -31.88 44.29 27.62
CA PHE A 364 -33.18 44.34 26.98
C PHE A 364 -33.15 43.29 25.87
N PHE A 365 -32.03 43.25 25.14
CA PHE A 365 -31.91 42.28 24.07
C PHE A 365 -31.88 40.83 24.54
N GLU A 366 -31.01 40.51 25.49
CA GLU A 366 -30.91 39.14 25.96
C GLU A 366 -32.14 38.61 26.68
N GLN A 367 -32.76 39.49 27.48
CA GLN A 367 -33.92 39.11 28.27
C GLN A 367 -35.25 39.11 27.52
N LYS A 368 -35.40 40.09 26.63
CA LYS A 368 -36.65 40.26 25.87
C LYS A 368 -36.64 39.88 24.39
N VAL A 369 -35.48 39.84 23.75
CA VAL A 369 -35.43 39.56 22.31
C VAL A 369 -34.82 38.24 21.84
N GLU A 370 -33.64 37.92 22.34
CA GLU A 370 -32.90 36.71 21.97
C GLU A 370 -33.67 35.48 21.48
N ASP A 371 -34.48 34.92 22.39
CA ASP A 371 -35.22 33.71 22.08
C ASP A 371 -36.16 33.77 20.90
N LYS A 372 -36.48 34.96 20.42
CA LYS A 372 -37.39 35.07 19.29
C LYS A 372 -36.67 34.99 17.94
N LEU A 373 -35.34 35.07 17.96
CA LEU A 373 -34.57 35.01 16.74
C LEU A 373 -34.33 33.57 16.28
N ILE A 374 -35.21 33.06 15.43
CA ILE A 374 -35.11 31.69 14.96
C ILE A 374 -34.18 31.51 13.76
N GLN A 375 -34.51 32.19 12.66
CA GLN A 375 -33.72 32.14 11.44
C GLN A 375 -32.37 32.79 11.71
N PRO A 376 -31.30 32.34 11.02
CA PRO A 376 -29.98 32.93 11.23
C PRO A 376 -29.99 34.45 11.15
N THR A 377 -29.58 35.09 12.23
CA THR A 377 -29.59 36.55 12.30
C THR A 377 -28.30 37.14 12.84
N PHE A 378 -27.81 38.17 12.15
CA PHE A 378 -26.61 38.88 12.57
C PHE A 378 -27.06 40.12 13.35
N ILE A 379 -26.94 40.05 14.67
CA ILE A 379 -27.31 41.18 15.53
C ILE A 379 -26.03 42.00 15.71
N TYR A 380 -26.07 43.26 15.31
CA TYR A 380 -24.88 44.08 15.44
C TYR A 380 -25.07 45.42 16.15
N GLY A 381 -23.94 46.02 16.51
CA GLY A 381 -23.97 47.31 17.17
C GLY A 381 -23.93 47.26 18.68
N HIS A 382 -23.47 46.15 19.24
CA HIS A 382 -23.37 46.00 20.69
C HIS A 382 -22.82 47.26 21.35
N PRO A 383 -23.46 47.71 22.44
CA PRO A 383 -22.99 48.91 23.15
C PRO A 383 -21.50 48.78 23.49
N VAL A 384 -20.80 49.91 23.55
CA VAL A 384 -19.37 49.90 23.86
C VAL A 384 -19.05 49.32 25.24
N GLU A 385 -19.85 49.67 26.27
CA GLU A 385 -19.60 49.14 27.62
C GLU A 385 -19.40 47.63 27.72
N ILE A 386 -20.04 46.84 26.86
CA ILE A 386 -19.87 45.39 26.93
C ILE A 386 -18.98 44.86 25.78
N SER A 387 -18.32 45.77 25.07
CA SER A 387 -17.48 45.38 23.95
C SER A 387 -16.10 46.01 24.09
N PRO A 388 -15.37 45.65 25.15
CA PRO A 388 -14.04 46.19 25.43
C PRO A 388 -12.93 45.92 24.40
N LEU A 389 -13.13 44.95 23.52
CA LEU A 389 -12.10 44.62 22.53
C LEU A 389 -12.55 44.91 21.09
N ALA A 390 -13.67 45.59 20.96
CA ALA A 390 -14.21 45.92 19.64
C ALA A 390 -14.07 47.41 19.36
N LYS A 391 -13.83 47.75 18.10
CA LYS A 391 -13.68 49.16 17.72
C LYS A 391 -15.03 49.86 17.75
N LYS A 392 -15.03 51.12 18.19
CA LYS A 392 -16.26 51.91 18.27
C LYS A 392 -16.76 52.29 16.89
N ASN A 393 -18.08 52.41 16.74
CA ASN A 393 -18.67 52.81 15.47
C ASN A 393 -18.41 54.31 15.29
N PRO A 394 -17.97 54.72 14.08
CA PRO A 394 -17.66 56.11 13.74
C PRO A 394 -18.80 57.09 13.92
N ASP A 395 -19.99 56.67 13.50
CA ASP A 395 -21.16 57.52 13.58
C ASP A 395 -21.77 57.68 14.96
N ASP A 396 -21.90 56.59 15.72
CA ASP A 396 -22.47 56.64 17.07
C ASP A 396 -21.58 55.80 18.00
N PRO A 397 -20.66 56.47 18.73
CA PRO A 397 -19.69 55.94 19.69
C PRO A 397 -20.27 55.19 20.89
N ARG A 398 -21.58 55.18 21.00
CA ARG A 398 -22.20 54.46 22.09
C ARG A 398 -22.15 52.99 21.72
N PHE A 399 -21.97 52.72 20.43
CA PHE A 399 -21.94 51.34 19.96
C PHE A 399 -20.67 50.98 19.20
N THR A 400 -20.41 49.68 19.09
CA THR A 400 -19.22 49.18 18.41
C THR A 400 -19.59 48.36 17.19
N ASP A 401 -18.61 48.14 16.30
CA ASP A 401 -18.83 47.36 15.10
C ASP A 401 -18.60 45.92 15.48
N ARG A 402 -19.63 45.33 16.07
CA ARG A 402 -19.56 43.97 16.54
C ARG A 402 -20.88 43.29 16.24
N PHE A 403 -20.86 41.97 16.19
CA PHE A 403 -22.09 41.23 15.95
C PHE A 403 -22.08 39.89 16.65
N GLU A 404 -23.27 39.35 16.81
CA GLU A 404 -23.45 38.03 17.37
C GLU A 404 -24.40 37.38 16.40
N LEU A 405 -24.22 36.07 16.23
CA LEU A 405 -25.05 35.31 15.32
C LEU A 405 -26.06 34.52 16.14
N PHE A 406 -27.34 34.79 15.89
CA PHE A 406 -28.37 34.06 16.61
C PHE A 406 -29.10 33.14 15.67
N ILE A 407 -29.33 31.91 16.12
CA ILE A 407 -30.03 30.92 15.34
C ILE A 407 -30.82 30.16 16.37
N VAL A 408 -32.04 29.77 16.00
CA VAL A 408 -32.91 29.06 16.90
C VAL A 408 -32.86 29.62 18.32
N GLY A 409 -32.83 30.95 18.42
CA GLY A 409 -32.83 31.62 19.71
C GLY A 409 -31.60 31.61 20.60
N ARG A 410 -30.49 31.08 20.09
CA ARG A 410 -29.23 31.03 20.86
C ARG A 410 -28.10 31.64 20.08
N GLU A 411 -27.06 32.07 20.80
CA GLU A 411 -25.89 32.67 20.18
C GLU A 411 -24.93 31.58 19.68
N HIS A 412 -24.48 31.71 18.43
CA HIS A 412 -23.58 30.75 17.81
C HIS A 412 -22.23 31.35 17.46
N ALA A 413 -22.16 32.67 17.47
CA ALA A 413 -20.93 33.37 17.15
C ALA A 413 -20.93 34.77 17.72
N ASN A 414 -19.73 35.29 17.90
CA ASN A 414 -19.46 36.61 18.44
C ASN A 414 -18.30 37.08 17.56
N ALA A 415 -18.35 38.31 17.08
CA ALA A 415 -17.28 38.80 16.20
C ALA A 415 -17.23 40.31 16.09
N PHE A 416 -16.09 40.85 15.66
CA PHE A 416 -15.99 42.28 15.50
C PHE A 416 -14.82 42.88 14.73
N THR A 417 -14.92 44.18 14.53
CA THR A 417 -13.86 44.95 13.89
C THR A 417 -13.02 45.16 15.12
N GLU A 418 -11.83 44.58 15.11
CA GLU A 418 -10.94 44.63 16.25
C GLU A 418 -10.42 46.00 16.63
N LEU A 419 -10.35 46.22 17.93
CA LEU A 419 -9.85 47.46 18.46
C LEU A 419 -8.34 47.30 18.42
N ASN A 420 -7.67 48.03 17.53
CA ASN A 420 -6.22 47.94 17.39
C ASN A 420 -5.50 49.20 17.85
N ASP A 421 -6.27 50.18 18.32
CA ASP A 421 -5.74 51.43 18.86
C ASP A 421 -5.42 51.14 20.33
N PRO A 422 -4.12 51.10 20.69
CA PRO A 422 -3.67 50.83 22.07
C PRO A 422 -4.06 51.84 23.14
N ILE A 423 -4.16 53.11 22.80
CA ILE A 423 -4.56 54.12 23.79
C ILE A 423 -6.00 53.84 24.21
N ASP A 424 -6.87 53.61 23.23
CA ASP A 424 -8.27 53.33 23.49
C ASP A 424 -8.42 51.99 24.20
N GLN A 425 -7.68 50.97 23.74
CA GLN A 425 -7.77 49.65 24.38
C GLN A 425 -7.47 49.74 25.89
N ARG A 426 -6.42 50.50 26.23
CA ARG A 426 -6.04 50.68 27.62
C ARG A 426 -7.23 51.28 28.39
N GLN A 427 -7.85 52.29 27.79
CA GLN A 427 -9.01 52.97 28.36
C GLN A 427 -10.14 51.98 28.67
N ARG A 428 -10.41 51.07 27.74
CA ARG A 428 -11.49 50.11 27.95
C ARG A 428 -11.15 49.24 29.16
N PHE A 429 -9.93 48.70 29.17
CA PHE A 429 -9.49 47.86 30.28
C PHE A 429 -9.72 48.58 31.60
N GLU A 430 -9.39 49.87 31.63
CA GLU A 430 -9.59 50.65 32.84
C GLU A 430 -11.08 50.67 33.20
N GLU A 431 -11.94 50.82 32.20
CA GLU A 431 -13.38 50.84 32.45
C GLU A 431 -13.83 49.50 33.05
N GLN A 432 -13.24 48.42 32.53
CA GLN A 432 -13.59 47.07 33.01
C GLN A 432 -13.15 46.90 34.46
N LEU A 433 -11.90 47.27 34.76
CA LEU A 433 -11.40 47.17 36.12
C LEU A 433 -12.37 47.94 37.03
N LYS A 434 -12.79 49.10 36.56
CA LYS A 434 -13.72 49.92 37.33
C LYS A 434 -15.02 49.17 37.60
N GLU A 435 -15.53 48.48 36.60
CA GLU A 435 -16.76 47.74 36.77
C GLU A 435 -16.59 46.65 37.80
N ARG A 436 -15.48 45.91 37.69
CA ARG A 436 -15.19 44.82 38.62
C ARG A 436 -15.23 45.39 40.05
N GLU A 437 -14.79 46.65 40.19
CA GLU A 437 -14.83 47.31 41.49
C GLU A 437 -16.29 47.39 41.93
N GLN A 438 -17.15 47.78 41.00
CA GLN A 438 -18.59 47.94 41.27
C GLN A 438 -19.36 46.64 41.36
N GLY A 439 -18.65 45.51 41.34
CA GLY A 439 -19.31 44.21 41.45
C GLY A 439 -19.32 43.33 40.22
N ASN A 440 -18.95 43.84 39.04
CA ASN A 440 -18.96 42.98 37.85
C ASN A 440 -17.76 42.05 37.85
N ASP A 441 -17.94 40.88 38.46
CA ASP A 441 -16.88 39.89 38.56
C ASP A 441 -16.59 39.13 37.27
N GLU A 442 -17.08 39.65 36.15
CA GLU A 442 -16.83 39.05 34.85
C GLU A 442 -16.19 40.09 33.94
N ALA A 443 -15.75 41.20 34.53
CA ALA A 443 -15.12 42.25 33.75
C ALA A 443 -13.74 41.77 33.27
N HIS A 444 -13.43 42.09 32.02
CA HIS A 444 -12.14 41.71 31.45
C HIS A 444 -11.06 42.22 32.38
N GLU A 445 -9.95 41.50 32.47
CA GLU A 445 -8.87 41.93 33.34
C GLU A 445 -7.77 42.53 32.47
N MET A 446 -6.92 43.35 33.09
CA MET A 446 -5.83 43.98 32.35
C MET A 446 -4.70 43.00 31.99
N ASP A 447 -4.06 43.26 30.87
CA ASP A 447 -2.94 42.43 30.39
C ASP A 447 -1.95 43.37 29.71
N GLU A 448 -0.97 43.85 30.46
CA GLU A 448 0.05 44.74 29.96
C GLU A 448 0.72 44.21 28.71
N ASP A 449 0.99 42.91 28.70
CA ASP A 449 1.64 42.29 27.56
C ASP A 449 0.88 42.54 26.29
N PHE A 450 -0.43 42.33 26.35
CA PHE A 450 -1.27 42.54 25.20
C PHE A 450 -1.22 43.99 24.74
N LEU A 451 -1.23 44.93 25.69
CA LEU A 451 -1.19 46.34 25.33
C LEU A 451 0.13 46.68 24.67
N GLU A 452 1.20 46.07 25.15
CA GLU A 452 2.53 46.31 24.59
C GLU A 452 2.52 45.82 23.15
N ALA A 453 1.89 44.68 22.93
CA ALA A 453 1.79 44.08 21.62
C ALA A 453 1.07 45.01 20.64
N LEU A 454 -0.09 45.53 21.04
CA LEU A 454 -0.83 46.43 20.17
C LEU A 454 0.01 47.69 19.96
N GLU A 455 0.81 48.08 20.94
CA GLU A 455 1.61 49.27 20.80
C GLU A 455 2.63 49.17 19.68
N TYR A 456 3.01 47.95 19.32
CA TYR A 456 3.96 47.78 18.22
C TYR A 456 3.19 47.89 16.91
N GLY A 457 1.87 47.90 17.01
CA GLY A 457 1.05 48.02 15.82
C GLY A 457 0.39 46.77 15.28
N MET A 458 -0.95 46.78 15.31
CA MET A 458 -1.77 45.68 14.81
C MET A 458 -2.70 46.25 13.75
N PRO A 459 -2.59 45.74 12.52
CA PRO A 459 -3.41 46.20 11.39
C PRO A 459 -4.89 46.13 11.70
N PRO A 460 -5.73 46.89 10.97
CA PRO A 460 -7.16 46.82 11.26
C PRO A 460 -7.46 45.35 11.08
N THR A 461 -8.26 44.79 11.97
CA THR A 461 -8.52 43.37 11.87
C THR A 461 -9.99 42.99 12.08
N GLY A 462 -10.35 41.83 11.54
CA GLY A 462 -11.69 41.31 11.68
C GLY A 462 -11.58 39.99 12.43
N GLY A 463 -12.23 39.91 13.59
CA GLY A 463 -12.14 38.70 14.39
C GLY A 463 -13.48 38.01 14.54
N LEU A 464 -13.43 36.69 14.76
CA LEU A 464 -14.64 35.89 14.88
C LEU A 464 -14.46 34.74 15.86
N GLY A 465 -15.56 34.36 16.50
CA GLY A 465 -15.57 33.25 17.45
C GLY A 465 -16.87 32.48 17.29
N ILE A 466 -16.74 31.18 17.01
CA ILE A 466 -17.91 30.31 16.83
C ILE A 466 -17.90 29.15 17.81
N GLY A 467 -19.03 28.94 18.48
CA GLY A 467 -19.11 27.81 19.42
C GLY A 467 -19.33 26.57 18.57
N VAL A 468 -18.28 25.77 18.40
CA VAL A 468 -18.38 24.57 17.58
C VAL A 468 -19.42 23.57 18.06
N ASP A 469 -19.47 23.36 19.36
CA ASP A 469 -20.44 22.44 19.95
C ASP A 469 -21.85 22.89 19.58
N ARG A 470 -22.11 24.19 19.66
CA ARG A 470 -23.44 24.67 19.31
C ARG A 470 -23.74 24.53 17.82
N LEU A 471 -22.73 24.70 16.97
CA LEU A 471 -22.96 24.55 15.54
C LEU A 471 -23.34 23.10 15.27
N VAL A 472 -22.63 22.15 15.87
CA VAL A 472 -22.95 20.75 15.67
C VAL A 472 -24.33 20.38 16.22
N MET A 473 -24.71 20.96 17.36
CA MET A 473 -26.04 20.67 17.93
C MET A 473 -27.08 21.05 16.88
N LEU A 474 -26.85 22.18 16.23
CA LEU A 474 -27.73 22.69 15.20
C LEU A 474 -27.79 21.77 13.97
N LEU A 475 -26.63 21.35 13.49
CA LEU A 475 -26.55 20.49 12.31
C LEU A 475 -26.92 19.03 12.52
N THR A 476 -27.09 18.60 13.76
CA THR A 476 -27.47 17.22 14.03
C THR A 476 -28.82 17.20 14.75
N ASN A 477 -29.43 18.36 14.90
CA ASN A 477 -30.73 18.45 15.57
C ASN A 477 -30.65 17.82 16.97
N SER A 478 -29.64 18.24 17.74
CA SER A 478 -29.46 17.74 19.10
C SER A 478 -29.99 18.81 20.03
N PRO A 479 -31.04 18.48 20.80
CA PRO A 479 -31.63 19.45 21.73
C PRO A 479 -30.70 19.93 22.84
N SER A 480 -29.72 19.09 23.18
CA SER A 480 -28.80 19.45 24.25
C SER A 480 -27.34 19.26 23.88
N ILE A 481 -26.50 20.17 24.38
CA ILE A 481 -25.08 20.08 24.10
C ILE A 481 -24.53 18.76 24.64
N ARG A 482 -25.19 18.19 25.64
CA ARG A 482 -24.71 16.94 26.20
C ARG A 482 -24.84 15.82 25.18
N ASP A 483 -25.54 16.09 24.08
CA ASP A 483 -25.71 15.08 23.03
C ASP A 483 -24.64 15.12 21.96
N VAL A 484 -23.82 16.19 21.95
CA VAL A 484 -22.75 16.30 20.96
C VAL A 484 -21.36 16.27 21.58
N LEU A 485 -21.31 15.99 22.89
CA LEU A 485 -20.07 15.88 23.65
C LEU A 485 -20.00 14.43 24.09
N LEU A 486 -18.93 13.72 23.71
CA LEU A 486 -18.79 12.32 24.09
C LEU A 486 -18.93 12.10 25.61
N PHE A 487 -18.26 12.92 26.40
CA PHE A 487 -18.31 12.81 27.86
C PHE A 487 -18.52 14.20 28.50
N PRO A 488 -19.78 14.66 28.59
CA PRO A 488 -20.08 15.97 29.18
C PRO A 488 -19.82 16.05 30.68
N GLN A 489 -19.56 17.25 31.19
CA GLN A 489 -19.32 17.36 32.62
C GLN A 489 -20.60 16.92 33.32
N MET A 490 -20.46 16.01 34.29
CA MET A 490 -21.59 15.50 35.03
C MET A 490 -21.63 16.13 36.42
N ARG A 491 -22.81 16.13 37.03
CA ARG A 491 -22.96 16.67 38.38
C ARG A 491 -22.36 15.65 39.33
N HIS A 492 -21.80 16.14 40.43
CA HIS A 492 -21.19 15.28 41.42
C HIS A 492 -22.22 14.22 41.84
N GLU B 4 16.91 57.16 27.15
CA GLU B 4 17.63 57.38 25.86
C GLU B 4 16.65 57.55 24.69
N LEU B 5 15.64 56.67 24.66
CA LEU B 5 14.62 56.70 23.60
C LEU B 5 13.25 56.70 24.27
N ASN B 6 12.96 57.77 25.00
CA ASN B 6 11.70 57.92 25.71
C ASN B 6 10.79 58.90 24.99
N ASP B 7 11.40 59.86 24.30
CA ASP B 7 10.63 60.84 23.55
C ASP B 7 10.51 60.29 22.13
N GLN B 8 11.18 59.17 21.89
CA GLN B 8 11.13 58.51 20.60
C GLN B 8 9.68 58.05 20.49
N LEU B 9 9.15 57.59 21.62
CA LEU B 9 7.77 57.14 21.70
C LEU B 9 6.87 58.36 21.63
N ARG B 10 7.39 59.50 22.05
CA ARG B 10 6.62 60.73 22.01
C ARG B 10 6.64 61.29 20.59
N VAL B 11 7.72 61.02 19.86
CA VAL B 11 7.83 61.47 18.47
C VAL B 11 6.75 60.75 17.68
N ARG B 12 6.53 59.48 18.00
CA ARG B 12 5.52 58.66 17.34
C ARG B 12 4.11 59.05 17.82
N ARG B 13 3.99 59.35 19.11
CA ARG B 13 2.70 59.74 19.69
C ARG B 13 2.24 61.08 19.11
N GLU B 14 3.18 61.80 18.50
CA GLU B 14 2.88 63.08 17.89
C GLU B 14 2.43 62.93 16.44
N LYS B 15 3.11 62.07 15.70
CA LYS B 15 2.72 61.86 14.31
C LYS B 15 1.30 61.32 14.29
N LEU B 16 0.90 60.66 15.37
CA LEU B 16 -0.45 60.12 15.45
C LEU B 16 -1.46 61.25 15.47
N LYS B 17 -1.19 62.27 16.28
CA LYS B 17 -2.08 63.42 16.37
C LYS B 17 -2.14 64.13 15.01
N LYS B 18 -0.98 64.30 14.39
CA LYS B 18 -0.88 64.96 13.10
C LYS B 18 -1.68 64.20 12.04
N ILE B 19 -1.47 62.88 12.00
CA ILE B 19 -2.16 62.04 11.04
C ILE B 19 -3.66 62.17 11.19
N GLU B 20 -4.14 62.12 12.44
CA GLU B 20 -5.56 62.24 12.74
C GLU B 20 -6.10 63.56 12.17
N GLU B 21 -5.60 64.66 12.70
CA GLU B 21 -6.04 65.97 12.26
C GLU B 21 -5.90 66.12 10.75
N LEU B 22 -5.20 65.19 10.12
CA LEU B 22 -5.02 65.23 8.68
C LEU B 22 -6.24 64.57 8.04
N GLY B 23 -7.22 64.25 8.89
CA GLY B 23 -8.46 63.63 8.44
C GLY B 23 -8.51 62.12 8.25
N VAL B 24 -7.43 61.41 8.55
CA VAL B 24 -7.43 59.98 8.36
C VAL B 24 -7.39 59.17 9.65
N ASP B 25 -8.08 58.03 9.63
CA ASP B 25 -8.13 57.13 10.77
C ASP B 25 -6.75 56.51 10.94
N PRO B 26 -6.00 56.94 11.97
CA PRO B 26 -4.65 56.42 12.22
C PRO B 26 -4.62 54.91 12.41
N PHE B 27 -5.78 54.30 12.58
CA PHE B 27 -5.82 52.86 12.76
C PHE B 27 -6.54 52.09 11.67
N GLY B 28 -6.66 52.77 10.52
CA GLY B 28 -7.27 52.22 9.31
C GLY B 28 -8.58 51.47 9.31
N LYS B 29 -9.11 51.32 8.11
CA LYS B 29 -10.36 50.60 7.84
C LYS B 29 -9.94 49.37 7.02
N ARG B 30 -10.91 48.65 6.49
CA ARG B 30 -10.62 47.46 5.69
C ARG B 30 -9.81 47.84 4.44
N PHE B 31 -9.01 46.91 3.94
CA PHE B 31 -8.23 47.15 2.74
C PHE B 31 -8.27 45.92 1.83
N GLU B 32 -8.70 46.12 0.59
CA GLU B 32 -8.76 45.00 -0.35
C GLU B 32 -7.43 44.83 -1.06
N ARG B 33 -6.94 43.58 -1.09
CA ARG B 33 -5.67 43.28 -1.73
C ARG B 33 -5.86 42.40 -2.96
N THR B 34 -4.85 42.32 -3.82
CA THR B 34 -4.93 41.47 -5.01
C THR B 34 -3.86 40.38 -4.99
N HIS B 35 -2.76 40.65 -4.30
CA HIS B 35 -1.69 39.67 -4.21
C HIS B 35 -0.93 39.80 -2.92
N LYS B 36 0.16 39.05 -2.84
CA LYS B 36 1.08 39.05 -1.72
C LYS B 36 2.42 39.16 -2.41
N ALA B 37 3.38 39.76 -1.72
CA ALA B 37 4.74 39.97 -2.24
C ALA B 37 5.27 38.83 -3.10
N GLU B 38 5.27 37.63 -2.56
CA GLU B 38 5.80 36.47 -3.27
C GLU B 38 5.17 36.20 -4.63
N GLU B 39 3.86 36.41 -4.74
CA GLU B 39 3.13 36.17 -5.99
C GLU B 39 3.57 37.15 -7.07
N LEU B 40 3.89 38.37 -6.65
CA LEU B 40 4.32 39.41 -7.58
C LEU B 40 5.61 39.01 -8.28
N PHE B 41 6.61 38.59 -7.51
CA PHE B 41 7.89 38.18 -8.08
C PHE B 41 7.76 36.97 -8.99
N GLU B 42 6.89 36.04 -8.61
CA GLU B 42 6.68 34.84 -9.40
C GLU B 42 5.88 35.14 -10.66
N LEU B 43 5.12 36.22 -10.65
CA LEU B 43 4.33 36.58 -11.83
C LEU B 43 4.96 37.64 -12.71
N TYR B 44 5.70 38.57 -12.09
CA TYR B 44 6.30 39.65 -12.86
C TYR B 44 7.79 39.86 -12.59
N GLY B 45 8.44 38.87 -12.00
CA GLY B 45 9.85 39.00 -11.72
C GLY B 45 10.75 38.98 -12.96
N ASP B 46 10.30 38.33 -14.03
CA ASP B 46 11.11 38.23 -15.26
C ASP B 46 10.69 39.15 -16.39
N LEU B 47 9.71 40.02 -16.14
CA LEU B 47 9.26 40.93 -17.16
C LEU B 47 10.22 42.10 -17.32
N SER B 48 10.37 42.62 -18.54
CA SER B 48 11.28 43.74 -18.76
C SER B 48 10.75 45.04 -18.16
N LYS B 49 11.65 45.96 -17.86
CA LYS B 49 11.29 47.25 -17.28
C LYS B 49 10.27 47.97 -18.16
N GLU B 50 10.58 48.13 -19.44
CA GLU B 50 9.67 48.82 -20.33
C GLU B 50 8.36 48.10 -20.69
N GLU B 51 8.34 46.77 -20.62
CA GLU B 51 7.09 46.06 -20.94
C GLU B 51 6.13 46.17 -19.74
N LEU B 52 6.70 46.38 -18.55
CA LEU B 52 5.91 46.55 -17.33
C LEU B 52 5.34 47.95 -17.40
N GLU B 53 6.15 48.89 -17.84
CA GLU B 53 5.73 50.29 -17.97
C GLU B 53 4.57 50.37 -18.97
N GLU B 54 4.63 49.55 -20.01
CA GLU B 54 3.61 49.51 -21.05
C GLU B 54 2.34 48.83 -20.56
N GLN B 55 2.51 47.69 -19.90
CA GLN B 55 1.40 46.88 -19.43
C GLN B 55 0.52 47.47 -18.30
N GLN B 56 1.06 48.36 -17.48
CA GLN B 56 0.30 48.95 -16.36
C GLN B 56 -0.52 47.88 -15.63
N ILE B 57 0.17 46.88 -15.11
CA ILE B 57 -0.44 45.80 -14.36
C ILE B 57 -0.73 46.34 -12.96
N GLU B 58 -2.01 46.58 -12.66
CA GLU B 58 -2.39 47.13 -11.36
C GLU B 58 -2.54 46.10 -10.24
N VAL B 59 -1.88 46.36 -9.11
CA VAL B 59 -1.96 45.45 -7.96
C VAL B 59 -2.35 46.26 -6.72
N ALA B 60 -2.56 45.55 -5.62
CA ALA B 60 -2.92 46.19 -4.36
C ALA B 60 -2.38 45.25 -3.29
N VAL B 61 -1.53 45.79 -2.43
CA VAL B 61 -0.90 45.00 -1.39
C VAL B 61 -0.89 45.80 -0.09
N ALA B 62 -0.49 45.15 1.00
CA ALA B 62 -0.44 45.82 2.30
C ALA B 62 0.58 45.15 3.21
N GLY B 63 1.17 45.93 4.11
CA GLY B 63 2.15 45.39 5.02
C GLY B 63 2.83 46.42 5.90
N ARG B 64 3.85 45.97 6.62
CA ARG B 64 4.59 46.83 7.53
C ARG B 64 5.85 47.40 6.90
N ILE B 65 6.14 48.65 7.26
CA ILE B 65 7.30 49.36 6.77
C ILE B 65 8.54 48.94 7.54
N MET B 66 9.41 48.20 6.85
CA MET B 66 10.64 47.68 7.44
C MET B 66 11.83 48.58 7.09
N THR B 67 11.78 49.18 5.90
CA THR B 67 12.84 50.07 5.46
C THR B 67 12.17 51.20 4.70
N LYS B 68 12.72 52.40 4.84
CA LYS B 68 12.18 53.57 4.16
C LYS B 68 13.35 54.47 3.82
N ARG B 69 13.39 55.01 2.61
CA ARG B 69 14.51 55.87 2.24
C ARG B 69 14.15 56.96 1.23
N GLY B 70 15.08 57.89 1.05
CA GLY B 70 14.88 58.95 0.09
C GLY B 70 14.05 60.09 0.60
N MET B 71 14.63 61.29 0.56
CA MET B 71 13.93 62.48 1.00
C MET B 71 13.52 63.27 -0.23
N GLY B 72 12.75 64.33 -0.01
CA GLY B 72 12.31 65.13 -1.13
C GLY B 72 10.88 64.82 -1.55
N LYS B 73 10.61 64.90 -2.84
CA LYS B 73 9.26 64.66 -3.35
C LYS B 73 9.07 63.26 -3.92
N ALA B 74 9.91 62.33 -3.47
CA ALA B 74 9.80 60.95 -3.92
C ALA B 74 10.56 60.07 -2.94
N GLY B 75 10.01 58.88 -2.67
CA GLY B 75 10.67 57.99 -1.74
C GLY B 75 10.37 56.53 -2.01
N PHE B 76 11.13 55.68 -1.33
CA PHE B 76 10.96 54.23 -1.47
C PHE B 76 10.73 53.69 -0.07
N ALA B 77 10.33 52.43 -0.04
CA ALA B 77 10.11 51.75 1.22
C ALA B 77 9.86 50.31 0.90
N HIS B 78 10.27 49.43 1.80
CA HIS B 78 10.03 48.02 1.61
C HIS B 78 8.88 47.65 2.55
N ILE B 79 7.82 47.12 1.97
CA ILE B 79 6.63 46.70 2.71
C ILE B 79 6.68 45.20 2.86
N GLN B 80 6.45 44.72 4.07
CA GLN B 80 6.50 43.30 4.35
C GLN B 80 5.17 42.64 4.68
N ASP B 81 4.84 41.55 3.98
CA ASP B 81 3.62 40.82 4.29
C ASP B 81 4.00 39.38 4.65
N VAL B 82 3.01 38.59 5.06
CA VAL B 82 3.27 37.21 5.45
C VAL B 82 4.20 36.43 4.51
N THR B 83 4.29 36.84 3.23
CA THR B 83 5.15 36.12 2.27
C THR B 83 6.49 36.76 1.98
N GLY B 84 6.78 37.89 2.60
CA GLY B 84 8.05 38.54 2.36
C GLY B 84 7.92 40.04 2.19
N GLN B 85 8.88 40.62 1.49
CA GLN B 85 8.90 42.06 1.25
C GLN B 85 8.86 42.44 -0.22
N ILE B 86 8.32 43.62 -0.50
CA ILE B 86 8.22 44.14 -1.86
C ILE B 86 8.45 45.65 -1.77
N GLN B 87 9.24 46.19 -2.69
CA GLN B 87 9.51 47.61 -2.67
C GLN B 87 8.40 48.43 -3.32
N ILE B 88 8.03 49.53 -2.67
CA ILE B 88 7.01 50.41 -3.22
C ILE B 88 7.70 51.74 -3.47
N TYR B 89 7.24 52.46 -4.49
CA TYR B 89 7.84 53.75 -4.85
C TYR B 89 6.76 54.83 -4.89
N VAL B 90 6.87 55.84 -4.04
CA VAL B 90 5.84 56.88 -4.02
C VAL B 90 6.33 58.27 -4.44
N ARG B 91 5.67 58.82 -5.46
CA ARG B 91 6.01 60.13 -6.01
C ARG B 91 4.89 61.14 -5.75
N GLN B 92 5.26 62.27 -5.17
CA GLN B 92 4.32 63.35 -4.88
C GLN B 92 3.51 63.64 -6.13
N ASP B 93 4.20 63.73 -7.27
CA ASP B 93 3.51 64.05 -8.52
C ASP B 93 2.59 62.93 -8.99
N ASP B 94 2.47 61.87 -8.19
CA ASP B 94 1.60 60.73 -8.50
C ASP B 94 0.42 60.60 -7.53
N VAL B 95 0.72 60.50 -6.24
CA VAL B 95 -0.32 60.31 -5.24
C VAL B 95 -0.94 61.59 -4.68
N GLY B 96 -0.38 62.75 -5.05
CA GLY B 96 -0.90 64.01 -4.55
C GLY B 96 -0.24 64.42 -3.25
N GLU B 97 -0.61 65.59 -2.72
CA GLU B 97 0.00 66.09 -1.50
C GLU B 97 -0.44 65.43 -0.19
N GLN B 98 -1.73 65.21 -0.04
CA GLN B 98 -2.23 64.59 1.19
C GLN B 98 -1.60 63.23 1.39
N GLN B 99 -1.63 62.42 0.34
CA GLN B 99 -1.06 61.10 0.43
C GLN B 99 0.44 61.17 0.57
N TYR B 100 1.11 62.04 -0.16
CA TYR B 100 2.57 62.11 -0.01
C TYR B 100 2.92 62.50 1.42
N GLU B 101 2.07 63.30 2.04
CA GLU B 101 2.29 63.71 3.42
C GLU B 101 2.12 62.48 4.29
N LEU B 102 1.15 61.64 3.95
CA LEU B 102 0.92 60.42 4.73
C LEU B 102 2.16 59.53 4.63
N PHE B 103 2.75 59.48 3.44
CA PHE B 103 3.95 58.68 3.23
C PHE B 103 5.11 59.27 4.01
N LYS B 104 5.25 60.59 3.95
CA LYS B 104 6.32 61.27 4.65
C LYS B 104 6.29 61.12 6.16
N ILE B 105 5.11 61.08 6.75
CA ILE B 105 5.01 60.92 8.20
C ILE B 105 5.17 59.46 8.61
N SER B 106 4.89 58.53 7.69
CA SER B 106 4.99 57.10 7.95
C SER B 106 6.33 56.70 8.57
N ASP B 107 6.25 55.90 9.64
CA ASP B 107 7.41 55.39 10.39
C ASP B 107 7.72 53.94 10.04
N LEU B 108 8.95 53.51 10.31
CA LEU B 108 9.28 52.11 10.08
C LEU B 108 8.39 51.48 11.16
N GLY B 109 7.71 50.38 10.86
CA GLY B 109 6.85 49.77 11.84
C GLY B 109 5.38 50.06 11.55
N ASP B 110 5.12 51.17 10.88
CA ASP B 110 3.75 51.50 10.55
C ASP B 110 3.27 50.59 9.45
N ILE B 111 1.97 50.35 9.42
CA ILE B 111 1.37 49.47 8.43
C ILE B 111 0.59 50.29 7.42
N VAL B 112 0.87 50.05 6.15
CA VAL B 112 0.21 50.79 5.08
C VAL B 112 -0.31 49.87 3.96
N GLY B 113 -1.25 50.40 3.19
CA GLY B 113 -1.79 49.64 2.08
C GLY B 113 -1.61 50.49 0.81
N VAL B 114 -1.24 49.88 -0.30
CA VAL B 114 -1.07 50.64 -1.53
C VAL B 114 -1.67 50.01 -2.79
N ARG B 115 -2.03 50.86 -3.73
CA ARG B 115 -2.56 50.43 -5.02
C ARG B 115 -1.62 51.06 -6.03
N GLY B 116 -1.19 50.28 -7.02
CA GLY B 116 -0.29 50.81 -8.04
C GLY B 116 -0.02 49.82 -9.15
N THR B 117 0.94 50.14 -10.02
CA THR B 117 1.29 49.24 -11.11
C THR B 117 2.69 48.68 -10.91
N MET B 118 2.91 47.49 -11.48
CA MET B 118 4.21 46.87 -11.38
C MET B 118 5.18 47.60 -12.29
N PHE B 119 6.43 47.65 -11.88
CA PHE B 119 7.47 48.30 -12.66
C PHE B 119 8.82 47.90 -12.09
N LYS B 120 9.89 48.27 -12.77
CA LYS B 120 11.24 47.95 -12.30
C LYS B 120 12.09 49.22 -12.27
N THR B 121 12.96 49.32 -11.26
CA THR B 121 13.84 50.47 -11.15
C THR B 121 14.97 50.26 -12.16
N LYS B 122 15.87 51.22 -12.27
CA LYS B 122 16.97 51.06 -13.22
C LYS B 122 17.79 49.85 -12.78
N VAL B 123 18.06 49.76 -11.49
CA VAL B 123 18.84 48.67 -10.94
C VAL B 123 18.13 47.32 -11.13
N GLY B 124 16.94 47.37 -11.72
CA GLY B 124 16.20 46.15 -11.97
C GLY B 124 15.30 45.57 -10.88
N GLU B 125 15.15 46.23 -9.74
CA GLU B 125 14.29 45.68 -8.68
C GLU B 125 12.80 45.80 -9.01
N LEU B 126 12.07 44.70 -8.81
CA LEU B 126 10.63 44.68 -9.07
C LEU B 126 9.97 45.47 -7.94
N SER B 127 9.09 46.39 -8.29
CA SER B 127 8.46 47.22 -7.27
C SER B 127 7.06 47.65 -7.67
N ILE B 128 6.44 48.44 -6.80
CA ILE B 128 5.11 48.95 -7.09
C ILE B 128 5.10 50.46 -7.16
N LYS B 129 4.77 50.98 -8.33
CA LYS B 129 4.68 52.43 -8.53
C LYS B 129 3.34 52.80 -7.94
N VAL B 130 3.37 53.40 -6.76
CA VAL B 130 2.16 53.76 -6.04
C VAL B 130 1.36 54.90 -6.67
N SER B 131 0.05 54.67 -6.79
CA SER B 131 -0.87 55.66 -7.35
C SER B 131 -1.93 55.97 -6.29
N SER B 132 -1.81 55.27 -5.17
CA SER B 132 -2.76 55.40 -4.07
C SER B 132 -2.09 54.87 -2.81
N TYR B 133 -1.86 55.73 -1.82
CA TYR B 133 -1.20 55.32 -0.58
C TYR B 133 -2.15 55.43 0.63
N GLU B 134 -2.53 54.28 1.16
CA GLU B 134 -3.45 54.25 2.28
C GLU B 134 -2.76 54.01 3.63
N PHE B 135 -3.03 54.87 4.61
CA PHE B 135 -2.44 54.66 5.92
C PHE B 135 -3.34 53.69 6.69
N LEU B 136 -2.78 52.56 7.14
CA LEU B 136 -3.57 51.57 7.87
C LEU B 136 -3.38 51.53 9.40
N THR B 137 -2.13 51.57 9.88
CA THR B 137 -1.92 51.56 11.34
C THR B 137 -0.64 52.22 11.85
N LYS B 138 -0.79 53.07 12.87
CA LYS B 138 0.35 53.74 13.47
C LYS B 138 0.95 52.92 14.60
N ALA B 139 2.25 52.66 14.51
CA ALA B 139 2.93 51.91 15.55
C ALA B 139 3.50 52.90 16.54
N LEU B 140 3.04 52.83 17.79
CA LEU B 140 3.53 53.73 18.84
C LEU B 140 4.92 53.33 19.37
N ARG B 141 5.36 52.11 19.08
CA ARG B 141 6.69 51.66 19.51
C ARG B 141 7.49 51.27 18.28
N PRO B 142 8.77 51.68 18.22
CA PRO B 142 9.63 51.35 17.08
C PRO B 142 10.00 49.87 16.98
N LEU B 143 10.48 49.48 15.80
CA LEU B 143 10.92 48.12 15.56
C LEU B 143 12.27 47.98 16.23
N PRO B 144 12.64 46.75 16.63
CA PRO B 144 13.95 46.59 17.27
C PRO B 144 15.05 47.10 16.34
N GLU B 145 15.71 46.18 15.64
CA GLU B 145 16.76 46.54 14.70
C GLU B 145 17.46 45.35 14.08
N LYS B 146 17.71 45.45 12.77
CA LYS B 146 18.36 44.41 12.01
C LYS B 146 19.22 45.03 10.91
N ASP B 152 17.97 38.10 20.78
CA ASP B 152 17.99 37.52 22.12
C ASP B 152 17.14 36.26 22.19
N ILE B 153 17.80 35.11 22.16
CA ILE B 153 17.14 33.81 22.20
C ILE B 153 15.90 33.78 23.12
N GLU B 154 16.04 34.26 24.35
CA GLU B 154 14.92 34.24 25.30
C GLU B 154 13.92 35.40 25.16
N GLN B 155 14.31 36.49 24.50
CA GLN B 155 13.43 37.64 24.30
C GLN B 155 12.55 37.45 23.07
N ARG B 156 12.86 36.42 22.29
CA ARG B 156 12.11 36.07 21.09
C ARG B 156 10.84 35.32 21.46
N TYR B 157 10.91 34.52 22.52
CA TYR B 157 9.77 33.75 23.01
C TYR B 157 8.90 34.66 23.90
N ARG B 158 9.54 35.62 24.56
CA ARG B 158 8.84 36.54 25.45
C ARG B 158 8.01 37.54 24.65
N GLN B 159 8.31 37.65 23.36
CA GLN B 159 7.59 38.54 22.46
C GLN B 159 7.64 37.93 21.08
N ARG B 160 6.94 36.81 20.93
CA ARG B 160 6.92 36.09 19.66
C ARG B 160 6.51 36.99 18.51
N TYR B 161 5.67 38.00 18.77
CA TYR B 161 5.24 38.87 17.69
C TYR B 161 6.42 39.61 17.07
N LEU B 162 7.35 40.07 17.89
CA LEU B 162 8.54 40.73 17.38
C LEU B 162 9.40 39.75 16.57
N ASP B 163 9.54 38.52 17.08
CA ASP B 163 10.33 37.49 16.41
C ASP B 163 9.80 37.20 15.01
N LEU B 164 8.49 36.96 14.91
CA LEU B 164 7.86 36.65 13.62
C LEU B 164 8.05 37.77 12.59
N ILE B 165 8.19 39.00 13.07
CA ILE B 165 8.39 40.15 12.17
C ILE B 165 9.84 40.25 11.69
N MET B 166 10.78 40.10 12.61
CA MET B 166 12.21 40.22 12.29
C MET B 166 12.92 39.00 11.69
N ASN B 167 12.47 37.79 12.02
CA ASN B 167 13.12 36.58 11.50
C ASN B 167 12.25 35.69 10.62
N PRO B 168 12.36 35.86 9.29
CA PRO B 168 11.59 35.08 8.33
C PRO B 168 11.54 33.58 8.63
N GLU B 169 12.71 33.02 8.91
CA GLU B 169 12.82 31.60 9.20
C GLU B 169 11.89 31.09 10.30
N SER B 170 11.64 31.92 11.32
CA SER B 170 10.77 31.47 12.40
C SER B 170 9.40 31.24 11.81
N LYS B 171 8.94 32.20 11.01
CA LYS B 171 7.65 32.10 10.38
C LYS B 171 7.53 30.76 9.62
N LYS B 172 8.55 30.45 8.83
CA LYS B 172 8.57 29.21 8.05
C LYS B 172 8.31 28.01 8.97
N THR B 173 8.98 28.02 10.12
CA THR B 173 8.85 26.94 11.08
C THR B 173 7.40 26.71 11.48
N PHE B 174 6.73 27.76 11.90
CA PHE B 174 5.34 27.65 12.32
C PHE B 174 4.40 27.27 11.19
N ILE B 175 4.72 27.71 9.97
CA ILE B 175 3.90 27.34 8.83
C ILE B 175 4.12 25.85 8.65
N THR B 176 5.38 25.42 8.67
CA THR B 176 5.69 24.01 8.51
C THR B 176 4.91 23.21 9.55
N ARG B 177 4.84 23.74 10.77
CA ARG B 177 4.11 23.09 11.85
C ARG B 177 2.64 22.87 11.47
N SER B 178 2.00 23.88 10.87
CA SER B 178 0.60 23.76 10.47
C SER B 178 0.44 22.69 9.40
N LEU B 179 1.44 22.57 8.54
CA LEU B 179 1.37 21.61 7.46
C LEU B 179 1.51 20.20 8.01
N ILE B 180 2.41 20.03 8.98
CA ILE B 180 2.64 18.73 9.58
C ILE B 180 1.37 18.19 10.25
N ILE B 181 0.74 19.01 11.09
CA ILE B 181 -0.46 18.58 11.77
C ILE B 181 -1.58 18.34 10.75
N GLN B 182 -1.62 19.16 9.71
CA GLN B 182 -2.63 19.00 8.68
C GLN B 182 -2.37 17.70 7.94
N SER B 183 -1.12 17.43 7.61
CA SER B 183 -0.75 16.21 6.90
C SER B 183 -1.09 14.97 7.73
N MET B 184 -0.87 15.07 9.04
CA MET B 184 -1.13 13.97 9.94
C MET B 184 -2.60 13.58 9.93
N ARG B 185 -3.50 14.56 9.99
CA ARG B 185 -4.94 14.29 9.99
C ARG B 185 -5.46 13.74 8.65
N ARG B 186 -4.85 14.15 7.54
CA ARG B 186 -5.28 13.68 6.22
C ARG B 186 -4.97 12.20 6.09
N TYR B 187 -3.81 11.81 6.60
CA TYR B 187 -3.39 10.43 6.56
C TYR B 187 -4.31 9.60 7.46
N LEU B 188 -4.46 10.02 8.71
CA LEU B 188 -5.31 9.30 9.65
C LEU B 188 -6.77 9.27 9.19
N ASP B 189 -7.31 10.42 8.83
CA ASP B 189 -8.68 10.46 8.37
C ASP B 189 -8.89 9.53 7.16
N SER B 190 -7.95 9.54 6.22
CA SER B 190 -8.08 8.71 5.03
C SER B 190 -7.88 7.23 5.32
N HIS B 191 -7.29 6.90 6.46
CA HIS B 191 -7.09 5.50 6.81
C HIS B 191 -8.16 5.01 7.77
N GLY B 192 -9.25 5.76 7.86
CA GLY B 192 -10.36 5.36 8.69
C GLY B 192 -10.35 5.72 10.16
N TYR B 193 -9.40 6.53 10.61
CA TYR B 193 -9.38 6.88 12.03
C TYR B 193 -10.28 8.08 12.31
N LEU B 194 -11.19 7.92 13.26
CA LEU B 194 -12.13 8.97 13.64
C LEU B 194 -11.53 10.00 14.59
N GLU B 195 -11.52 11.25 14.15
CA GLU B 195 -10.98 12.33 14.98
C GLU B 195 -12.04 12.69 16.03
N VAL B 196 -11.69 12.56 17.30
CA VAL B 196 -12.65 12.85 18.36
C VAL B 196 -12.11 13.82 19.41
N GLU B 197 -13.00 14.30 20.26
CA GLU B 197 -12.63 15.21 21.32
C GLU B 197 -13.14 14.66 22.66
N THR B 198 -12.20 14.33 23.54
CA THR B 198 -12.55 13.80 24.86
C THR B 198 -12.13 14.80 25.93
N PRO B 199 -12.69 14.70 27.13
CA PRO B 199 -12.39 15.59 28.26
C PRO B 199 -10.93 15.94 28.53
N MET B 200 -10.71 17.17 28.96
CA MET B 200 -9.38 17.66 29.31
C MET B 200 -9.38 17.94 30.82
N MET B 201 -10.57 17.95 31.40
CA MET B 201 -10.74 18.16 32.83
C MET B 201 -11.26 16.81 33.35
N HIS B 202 -10.46 16.15 34.18
CA HIS B 202 -10.79 14.82 34.68
C HIS B 202 -11.08 14.73 36.17
N ALA B 203 -11.86 13.73 36.54
CA ALA B 203 -12.16 13.51 37.94
C ALA B 203 -10.87 12.92 38.49
N VAL B 204 -10.29 11.98 37.73
CA VAL B 204 -9.04 11.33 38.11
C VAL B 204 -8.03 11.36 36.96
N ALA B 205 -6.86 11.93 37.21
CA ALA B 205 -5.83 12.06 36.19
C ALA B 205 -5.11 10.76 35.88
N GLY B 206 -5.61 10.02 34.89
CA GLY B 206 -4.98 8.76 34.54
C GLY B 206 -4.36 8.71 33.15
N GLY B 207 -3.86 7.55 32.76
CA GLY B 207 -3.26 7.42 31.44
C GLY B 207 -1.75 7.58 31.37
N ALA B 208 -1.11 7.95 32.48
CA ALA B 208 0.33 8.14 32.50
C ALA B 208 0.84 8.29 33.93
N ALA B 209 2.16 8.33 34.06
CA ALA B 209 2.78 8.54 35.36
C ALA B 209 3.24 9.99 35.28
N ALA B 210 2.43 10.88 35.85
CA ALA B 210 2.78 12.29 35.81
C ALA B 210 2.02 13.09 36.85
N ARG B 211 2.62 14.20 37.27
CA ARG B 211 2.01 15.10 38.23
C ARG B 211 1.02 15.99 37.50
N PRO B 212 -0.16 16.20 38.10
CA PRO B 212 -1.21 17.04 37.49
C PRO B 212 -1.34 18.50 37.89
N PHE B 213 -2.04 19.24 37.04
CA PHE B 213 -2.37 20.63 37.34
C PHE B 213 -3.75 20.42 37.96
N ILE B 214 -3.97 21.03 39.12
CA ILE B 214 -5.22 20.86 39.82
C ILE B 214 -6.02 22.13 39.82
N THR B 215 -7.32 22.00 39.59
CA THR B 215 -8.21 23.14 39.54
C THR B 215 -9.54 22.80 40.22
N HIS B 216 -10.41 23.80 40.36
CA HIS B 216 -11.67 23.61 41.04
C HIS B 216 -12.84 24.26 40.34
N HIS B 217 -13.97 23.54 40.30
CA HIS B 217 -15.18 24.04 39.67
C HIS B 217 -16.07 24.62 40.78
N ASN B 218 -16.38 25.90 40.69
CA ASN B 218 -17.17 26.56 41.72
C ASN B 218 -18.62 26.08 41.83
N ALA B 219 -19.38 26.13 40.74
CA ALA B 219 -20.79 25.73 40.78
C ALA B 219 -21.02 24.26 41.18
N LEU B 220 -20.23 23.35 40.64
CA LEU B 220 -20.40 21.93 40.95
C LEU B 220 -19.54 21.47 42.11
N ASP B 221 -18.80 22.42 42.70
CA ASP B 221 -17.92 22.14 43.82
C ASP B 221 -17.15 20.84 43.63
N MET B 222 -16.47 20.72 42.50
CA MET B 222 -15.72 19.51 42.20
C MET B 222 -14.27 19.81 41.98
N THR B 223 -13.42 18.85 42.33
CA THR B 223 -12.00 19.00 42.14
C THR B 223 -11.72 18.32 40.81
N LEU B 224 -11.21 19.08 39.86
CA LEU B 224 -10.92 18.54 38.54
C LEU B 224 -9.41 18.57 38.28
N TYR B 225 -8.92 17.60 37.51
CA TYR B 225 -7.50 17.56 37.18
C TYR B 225 -7.36 17.69 35.67
N MET B 226 -6.47 18.55 35.21
CA MET B 226 -6.23 18.69 33.77
C MET B 226 -5.62 17.37 33.32
N ARG B 227 -6.05 16.85 32.19
CA ARG B 227 -5.55 15.56 31.73
C ARG B 227 -4.05 15.49 31.48
N ILE B 228 -3.42 14.43 31.99
CA ILE B 228 -1.98 14.20 31.82
C ILE B 228 -1.81 13.20 30.69
N ALA B 229 -2.95 12.80 30.13
CA ALA B 229 -2.98 11.83 29.04
C ALA B 229 -4.39 11.79 28.44
N ILE B 230 -4.49 11.28 27.22
CA ILE B 230 -5.78 11.19 26.54
C ILE B 230 -6.29 9.77 26.58
N GLU B 231 -5.39 8.85 26.90
CA GLU B 231 -5.63 7.41 26.92
C GLU B 231 -6.90 6.80 27.51
N LEU B 232 -7.25 7.14 28.75
CA LEU B 232 -8.41 6.52 29.37
C LEU B 232 -9.79 6.75 28.74
N HIS B 233 -10.05 7.95 28.25
CA HIS B 233 -11.35 8.21 27.62
C HIS B 233 -11.38 7.62 26.22
N LEU B 234 -10.25 7.65 25.51
CA LEU B 234 -10.22 7.07 24.17
C LEU B 234 -10.49 5.58 24.30
N LYS B 235 -9.91 4.93 25.30
CA LYS B 235 -10.14 3.50 25.50
C LYS B 235 -11.63 3.26 25.72
N ARG B 236 -12.28 4.17 26.44
CA ARG B 236 -13.71 4.05 26.68
C ARG B 236 -14.42 4.02 25.32
N LEU B 237 -13.85 4.74 24.36
CA LEU B 237 -14.44 4.79 23.03
C LEU B 237 -14.23 3.44 22.33
N ILE B 238 -13.10 2.78 22.59
CA ILE B 238 -12.88 1.49 21.97
C ILE B 238 -13.86 0.49 22.55
N VAL B 239 -14.07 0.53 23.86
CA VAL B 239 -15.08 -0.34 24.46
C VAL B 239 -16.40 0.07 23.79
N GLY B 240 -16.50 1.34 23.41
CA GLY B 240 -17.71 1.86 22.78
C GLY B 240 -17.99 1.35 21.37
N GLY B 241 -17.09 0.52 20.85
CA GLY B 241 -17.26 -0.07 19.53
C GLY B 241 -16.85 0.80 18.36
N LEU B 242 -16.18 1.92 18.63
CA LEU B 242 -15.78 2.82 17.58
C LEU B 242 -14.64 2.32 16.68
N GLU B 243 -13.88 1.34 17.15
CA GLU B 243 -12.78 0.71 16.39
C GLU B 243 -11.49 1.47 16.09
N LYS B 244 -11.63 2.66 15.50
CA LYS B 244 -10.48 3.47 15.15
C LYS B 244 -10.72 4.92 15.53
N VAL B 245 -9.96 5.42 16.51
CA VAL B 245 -10.13 6.79 16.93
C VAL B 245 -8.76 7.42 17.18
N TYR B 246 -8.68 8.74 17.03
CA TYR B 246 -7.45 9.47 17.28
C TYR B 246 -7.83 10.85 17.76
N GLU B 247 -6.91 11.50 18.45
CA GLU B 247 -7.14 12.83 18.96
C GLU B 247 -5.82 13.56 19.10
N ILE B 248 -5.75 14.74 18.51
CA ILE B 248 -4.53 15.56 18.59
C ILE B 248 -4.94 16.75 19.44
N GLY B 249 -4.66 16.66 20.74
CA GLY B 249 -5.02 17.71 21.67
C GLY B 249 -3.95 18.00 22.72
N ARG B 250 -4.18 19.06 23.48
CA ARG B 250 -3.25 19.47 24.51
C ARG B 250 -3.31 18.51 25.69
N VAL B 251 -2.16 18.32 26.31
CA VAL B 251 -2.01 17.45 27.46
C VAL B 251 -1.27 18.32 28.48
N PHE B 252 -1.50 18.08 29.77
CA PHE B 252 -0.87 18.93 30.76
C PHE B 252 -0.15 18.17 31.85
N ARG B 253 1.10 18.57 32.11
CA ARG B 253 1.88 17.94 33.16
C ARG B 253 2.61 18.98 34.00
N ASN B 254 2.33 18.96 35.30
CA ASN B 254 2.93 19.86 36.27
C ASN B 254 4.41 19.51 36.41
N GLU B 255 5.18 19.79 35.37
CA GLU B 255 6.60 19.50 35.33
C GLU B 255 7.36 20.76 34.94
N GLY B 256 8.66 20.77 35.27
CA GLY B 256 9.50 21.90 34.94
C GLY B 256 9.89 21.86 33.47
N ILE B 257 10.18 23.03 32.91
CA ILE B 257 10.56 23.15 31.51
C ILE B 257 11.88 22.48 31.12
N SER B 258 11.99 22.13 29.85
CA SER B 258 13.17 21.47 29.31
C SER B 258 13.33 21.87 27.86
N THR B 259 14.42 21.42 27.24
CA THR B 259 14.68 21.71 25.85
C THR B 259 13.67 20.91 25.03
N ARG B 260 13.12 19.85 25.63
CA ARG B 260 12.15 19.00 24.96
C ARG B 260 10.90 18.80 25.80
N HIS B 261 10.73 19.63 26.82
CA HIS B 261 9.56 19.57 27.70
C HIS B 261 8.89 20.92 27.87
N ASN B 262 7.55 20.90 27.91
CA ASN B 262 6.76 22.11 28.14
C ASN B 262 5.50 21.64 28.87
N PRO B 263 5.09 22.32 29.96
CA PRO B 263 3.90 21.96 30.76
C PRO B 263 2.65 21.59 29.95
N GLU B 264 2.37 22.35 28.89
CA GLU B 264 1.25 22.02 28.03
C GLU B 264 1.82 21.74 26.65
N PHE B 265 1.62 20.53 26.16
CA PHE B 265 2.14 20.17 24.85
C PHE B 265 1.05 19.47 24.10
N THR B 266 1.32 19.19 22.84
CA THR B 266 0.35 18.54 21.96
C THR B 266 0.71 17.10 21.69
N MET B 267 -0.24 16.22 21.98
CA MET B 267 -0.01 14.81 21.75
C MET B 267 -1.07 14.20 20.85
N LEU B 268 -0.64 13.22 20.06
CA LEU B 268 -1.57 12.50 19.23
C LEU B 268 -1.80 11.15 19.92
N GLU B 269 -3.03 10.86 20.31
CA GLU B 269 -3.33 9.55 20.89
C GLU B 269 -4.33 8.91 19.92
N LEU B 270 -4.07 7.65 19.57
CA LEU B 270 -4.89 6.89 18.62
C LEU B 270 -5.01 5.45 19.07
N TYR B 271 -6.16 4.83 18.84
CA TYR B 271 -6.38 3.44 19.23
C TYR B 271 -7.06 2.68 18.10
N GLU B 272 -6.62 1.43 17.89
CA GLU B 272 -7.16 0.59 16.84
C GLU B 272 -7.52 -0.78 17.35
N ALA B 273 -8.81 -1.06 17.37
CA ALA B 273 -9.30 -2.35 17.81
C ALA B 273 -8.80 -3.44 16.88
N TYR B 274 -8.42 -4.57 17.46
CA TYR B 274 -7.95 -5.74 16.72
C TYR B 274 -6.50 -5.68 16.23
N ALA B 275 -5.75 -4.67 16.66
CA ALA B 275 -4.35 -4.54 16.27
C ALA B 275 -3.45 -4.67 17.50
N ASP B 276 -2.19 -5.03 17.28
CA ASP B 276 -1.23 -5.14 18.38
C ASP B 276 -0.08 -4.16 18.13
N PHE B 277 0.89 -4.13 19.05
CA PHE B 277 2.00 -3.20 18.91
C PHE B 277 2.85 -3.30 17.64
N ARG B 278 2.94 -4.49 17.03
CA ARG B 278 3.74 -4.60 15.81
C ARG B 278 2.99 -3.87 14.71
N ASP B 279 1.66 -3.94 14.75
CA ASP B 279 0.82 -3.24 13.79
C ASP B 279 1.07 -1.74 13.93
N ILE B 280 1.09 -1.27 15.18
CA ILE B 280 1.33 0.14 15.46
C ILE B 280 2.70 0.62 14.95
N MET B 281 3.74 -0.21 15.11
CA MET B 281 5.06 0.17 14.64
C MET B 281 4.98 0.51 13.16
N LYS B 282 4.29 -0.33 12.41
CA LYS B 282 4.13 -0.10 10.97
C LYS B 282 3.36 1.19 10.72
N LEU B 283 2.32 1.42 11.52
CA LEU B 283 1.50 2.62 11.37
C LEU B 283 2.36 3.83 11.66
N THR B 284 3.12 3.75 12.74
CA THR B 284 3.99 4.85 13.18
C THR B 284 5.00 5.27 12.12
N GLU B 285 5.72 4.30 11.57
CA GLU B 285 6.73 4.57 10.55
C GLU B 285 6.13 5.05 9.24
N ASN B 286 5.00 4.49 8.83
CA ASN B 286 4.38 4.95 7.59
C ASN B 286 3.82 6.35 7.77
N LEU B 287 3.20 6.59 8.92
CA LEU B 287 2.59 7.88 9.22
C LEU B 287 3.64 8.99 9.16
N ILE B 288 4.75 8.78 9.87
CA ILE B 288 5.81 9.77 9.92
C ILE B 288 6.57 9.93 8.61
N ALA B 289 6.81 8.83 7.90
CA ALA B 289 7.52 8.94 6.62
C ALA B 289 6.58 9.70 5.67
N HIS B 290 5.29 9.42 5.79
CA HIS B 290 4.30 10.10 4.95
C HIS B 290 4.37 11.61 5.18
N ILE B 291 4.22 12.02 6.43
CA ILE B 291 4.25 13.44 6.78
C ILE B 291 5.52 14.11 6.27
N ALA B 292 6.67 13.43 6.41
CA ALA B 292 7.93 14.01 5.97
C ALA B 292 7.93 14.19 4.45
N THR B 293 7.42 13.20 3.75
CA THR B 293 7.36 13.27 2.30
C THR B 293 6.42 14.37 1.82
N GLU B 294 5.22 14.40 2.38
CA GLU B 294 4.21 15.38 2.00
C GLU B 294 4.64 16.80 2.30
N VAL B 295 5.21 17.01 3.47
CA VAL B 295 5.62 18.35 3.87
C VAL B 295 6.99 18.83 3.39
N LEU B 296 8.02 18.00 3.51
CA LEU B 296 9.37 18.41 3.10
C LEU B 296 9.80 17.86 1.74
N GLY B 297 9.05 16.89 1.23
CA GLY B 297 9.39 16.30 -0.06
C GLY B 297 10.49 15.26 0.03
N THR B 298 10.76 14.77 1.25
CA THR B 298 11.81 13.79 1.44
C THR B 298 11.75 13.14 2.82
N THR B 299 12.39 11.97 2.96
CA THR B 299 12.43 11.23 4.22
C THR B 299 13.81 11.34 4.88
N LYS B 300 14.72 12.08 4.25
CA LYS B 300 16.06 12.27 4.80
C LYS B 300 16.16 13.71 5.24
N ILE B 301 16.19 13.91 6.56
CA ILE B 301 16.21 15.24 7.12
C ILE B 301 17.38 15.51 8.05
N GLN B 302 17.78 16.78 8.13
CA GLN B 302 18.88 17.17 9.00
C GLN B 302 18.38 17.58 10.38
N TYR B 303 19.15 17.21 11.39
CA TYR B 303 18.85 17.58 12.77
C TYR B 303 20.18 17.62 13.48
N GLY B 304 20.56 18.82 13.94
CA GLY B 304 21.85 18.96 14.60
C GLY B 304 22.87 18.58 13.55
N GLU B 305 23.83 17.74 13.90
CA GLU B 305 24.83 17.31 12.93
C GLU B 305 24.44 15.96 12.32
N HIS B 306 23.21 15.53 12.52
CA HIS B 306 22.76 14.27 12.00
C HIS B 306 21.89 14.37 10.75
N LEU B 307 21.99 13.36 9.90
CA LEU B 307 21.19 13.24 8.69
C LEU B 307 20.34 12.01 9.03
N VAL B 308 19.12 12.28 9.45
CA VAL B 308 18.20 11.22 9.86
C VAL B 308 17.39 10.69 8.69
N ASP B 309 17.42 9.38 8.51
CA ASP B 309 16.67 8.74 7.43
C ASP B 309 15.37 8.16 7.99
N LEU B 310 14.23 8.71 7.57
CA LEU B 310 12.94 8.25 8.05
C LEU B 310 12.26 7.23 7.15
N THR B 311 12.98 6.72 6.16
CA THR B 311 12.44 5.72 5.24
C THR B 311 12.21 4.38 5.93
N PRO B 312 10.99 3.83 5.86
CA PRO B 312 10.72 2.55 6.51
C PRO B 312 11.47 1.44 5.73
N GLU B 313 11.73 0.30 6.37
CA GLU B 313 11.34 0.04 7.74
C GLU B 313 12.46 0.40 8.70
N TRP B 314 12.07 0.89 9.87
CA TRP B 314 13.02 1.31 10.89
C TRP B 314 13.45 0.15 11.77
N ARG B 315 14.56 0.33 12.45
CA ARG B 315 15.12 -0.69 13.33
C ARG B 315 14.25 -1.09 14.52
N ARG B 316 14.08 -2.38 14.72
CA ARG B 316 13.34 -2.88 15.85
C ARG B 316 14.42 -3.46 16.76
N LEU B 317 14.49 -2.95 17.98
CA LEU B 317 15.49 -3.41 18.93
C LEU B 317 14.91 -3.53 20.33
N HIS B 318 15.06 -4.70 20.93
CA HIS B 318 14.52 -4.94 22.27
C HIS B 318 15.35 -4.19 23.30
N MET B 319 14.68 -3.53 24.25
CA MET B 319 15.36 -2.77 25.28
C MET B 319 16.48 -3.54 25.96
N VAL B 320 16.22 -4.80 26.31
CA VAL B 320 17.21 -5.63 26.97
C VAL B 320 18.40 -5.84 26.03
N ASP B 321 18.13 -5.99 24.74
CA ASP B 321 19.23 -6.19 23.80
C ASP B 321 20.03 -4.90 23.64
N ALA B 322 19.32 -3.77 23.58
CA ALA B 322 19.98 -2.49 23.42
C ALA B 322 20.99 -2.32 24.56
N ILE B 323 20.59 -2.72 25.76
CA ILE B 323 21.44 -2.63 26.93
C ILE B 323 22.70 -3.51 26.83
N LYS B 324 22.54 -4.71 26.25
CA LYS B 324 23.67 -5.62 26.08
C LYS B 324 24.62 -5.00 25.06
N GLU B 325 24.05 -4.54 23.96
CA GLU B 325 24.82 -3.92 22.89
C GLU B 325 25.62 -2.68 23.31
N TYR B 326 24.96 -1.71 23.94
CA TYR B 326 25.64 -0.48 24.34
C TYR B 326 26.28 -0.45 25.72
N VAL B 327 25.88 -1.36 26.61
CA VAL B 327 26.43 -1.37 27.95
C VAL B 327 27.24 -2.62 28.24
N GLY B 328 26.81 -3.74 27.69
CA GLY B 328 27.52 -4.99 27.91
C GLY B 328 26.91 -5.79 29.04
N VAL B 329 25.83 -5.30 29.60
CA VAL B 329 25.18 -6.02 30.69
C VAL B 329 23.95 -6.78 30.20
N ASP B 330 23.77 -7.97 30.75
CA ASP B 330 22.65 -8.84 30.39
C ASP B 330 21.51 -8.85 31.39
N PHE B 331 20.29 -8.69 30.91
CA PHE B 331 19.14 -8.75 31.78
C PHE B 331 18.16 -9.84 31.35
N TRP B 332 18.62 -10.69 30.43
CA TRP B 332 17.80 -11.79 29.93
C TRP B 332 17.74 -12.93 30.93
N ARG B 333 18.86 -13.19 31.61
CA ARG B 333 18.90 -14.27 32.60
C ARG B 333 17.93 -13.95 33.73
N GLN B 334 17.50 -14.97 34.47
CA GLN B 334 16.63 -14.74 35.62
C GLN B 334 17.53 -13.95 36.53
N MET B 335 16.99 -12.91 37.16
CA MET B 335 17.80 -12.09 38.03
C MET B 335 17.02 -11.60 39.25
N SER B 336 17.71 -11.56 40.39
CA SER B 336 17.10 -11.10 41.64
C SER B 336 17.17 -9.58 41.66
N ASP B 337 16.31 -8.94 42.46
CA ASP B 337 16.33 -7.49 42.54
C ASP B 337 17.69 -7.05 43.06
N GLU B 338 18.21 -7.81 44.02
CA GLU B 338 19.50 -7.57 44.63
C GLU B 338 20.62 -7.56 43.57
N GLU B 339 20.62 -8.54 42.69
CA GLU B 339 21.64 -8.61 41.65
C GLU B 339 21.50 -7.44 40.68
N ALA B 340 20.27 -6.98 40.47
CA ALA B 340 20.05 -5.85 39.57
C ALA B 340 20.60 -4.59 40.22
N ARG B 341 20.41 -4.49 41.54
CA ARG B 341 20.91 -3.35 42.29
C ARG B 341 22.44 -3.33 42.25
N GLU B 342 23.06 -4.52 42.25
CA GLU B 342 24.52 -4.59 42.19
C GLU B 342 24.99 -4.05 40.85
N LEU B 343 24.45 -4.61 39.78
CA LEU B 343 24.82 -4.17 38.43
C LEU B 343 24.61 -2.67 38.30
N ALA B 344 23.61 -2.15 38.99
CA ALA B 344 23.33 -0.71 38.94
C ALA B 344 24.44 0.10 39.60
N LYS B 345 24.83 -0.29 40.82
CA LYS B 345 25.89 0.39 41.56
C LYS B 345 27.20 0.32 40.77
N GLU B 346 27.42 -0.80 40.10
CA GLU B 346 28.62 -1.01 39.31
C GLU B 346 28.74 -0.09 38.09
N HIS B 347 27.63 0.10 37.37
CA HIS B 347 27.65 0.93 36.18
C HIS B 347 27.22 2.39 36.36
N GLY B 348 27.06 2.80 37.60
CA GLY B 348 26.67 4.17 37.87
C GLY B 348 25.26 4.50 37.42
N VAL B 349 24.35 3.55 37.55
CA VAL B 349 22.97 3.77 37.17
C VAL B 349 22.21 4.06 38.45
N GLU B 350 21.59 5.24 38.55
CA GLU B 350 20.85 5.60 39.75
C GLU B 350 19.51 4.88 39.82
N VAL B 351 19.12 4.52 41.03
CA VAL B 351 17.84 3.83 41.25
C VAL B 351 17.12 4.40 42.47
N ALA B 352 15.78 4.35 42.44
CA ALA B 352 14.96 4.85 43.54
C ALA B 352 14.73 3.73 44.55
N PRO B 353 14.31 4.10 45.78
CA PRO B 353 14.08 3.06 46.78
C PRO B 353 13.01 2.07 46.36
N HIS B 354 12.02 2.51 45.59
CA HIS B 354 10.94 1.62 45.15
C HIS B 354 11.23 0.76 43.93
N MET B 355 12.38 0.94 43.30
CA MET B 355 12.65 0.19 42.09
C MET B 355 13.04 -1.26 42.28
N THR B 356 12.66 -2.07 41.30
CA THR B 356 12.97 -3.50 41.32
C THR B 356 13.58 -3.85 39.97
N PHE B 357 13.85 -5.14 39.74
CA PHE B 357 14.47 -5.57 38.49
C PHE B 357 13.94 -4.80 37.27
N GLY B 358 12.63 -4.76 37.12
CA GLY B 358 12.02 -4.07 35.99
C GLY B 358 12.38 -2.60 35.85
N HIS B 359 12.19 -1.83 36.93
CA HIS B 359 12.49 -0.41 36.90
C HIS B 359 13.98 -0.19 36.59
N ILE B 360 14.81 -1.03 37.20
CA ILE B 360 16.25 -0.94 37.04
C ILE B 360 16.68 -1.15 35.60
N VAL B 361 16.07 -2.11 34.92
CA VAL B 361 16.40 -2.37 33.52
C VAL B 361 16.18 -1.09 32.69
N ASN B 362 15.02 -0.46 32.89
CA ASN B 362 14.66 0.75 32.17
C ASN B 362 15.62 1.87 32.53
N GLU B 363 16.06 1.93 33.78
CA GLU B 363 17.00 2.96 34.16
C GLU B 363 18.30 2.73 33.38
N PHE B 364 18.71 1.47 33.26
CA PHE B 364 19.93 1.18 32.49
C PHE B 364 19.77 1.73 31.07
N PHE B 365 18.60 1.51 30.49
CA PHE B 365 18.34 1.99 29.15
C PHE B 365 18.35 3.51 29.02
N GLU B 366 17.53 4.19 29.83
CA GLU B 366 17.44 5.65 29.77
C GLU B 366 18.72 6.41 30.09
N GLN B 367 19.47 5.91 31.07
CA GLN B 367 20.71 6.57 31.48
C GLN B 367 21.96 6.24 30.66
N LYS B 368 22.07 5.02 30.15
CA LYS B 368 23.26 4.63 29.40
C LYS B 368 23.02 4.32 27.93
N VAL B 369 21.77 4.31 27.48
CA VAL B 369 21.55 3.94 26.10
C VAL B 369 20.81 4.89 25.14
N GLU B 370 19.62 5.35 25.53
CA GLU B 370 18.81 6.20 24.66
C GLU B 370 19.45 7.34 23.90
N ASP B 371 20.22 8.18 24.58
CA ASP B 371 20.85 9.33 23.92
C ASP B 371 21.63 8.96 22.65
N LYS B 372 22.04 7.69 22.57
CA LYS B 372 22.80 7.22 21.41
C LYS B 372 21.97 6.65 20.25
N LEU B 373 20.65 6.60 20.42
CA LEU B 373 19.80 6.11 19.35
C LEU B 373 19.47 7.32 18.44
N ILE B 374 20.22 7.46 17.35
CA ILE B 374 20.02 8.58 16.43
C ILE B 374 19.00 8.29 15.35
N GLN B 375 19.20 7.19 14.60
CA GLN B 375 18.28 6.79 13.54
C GLN B 375 17.00 6.23 14.17
N PRO B 376 15.84 6.50 13.55
CA PRO B 376 14.54 6.03 14.04
C PRO B 376 14.61 4.59 14.52
N THR B 377 14.40 4.38 15.83
CA THR B 377 14.48 3.05 16.41
C THR B 377 13.27 2.68 17.27
N PHE B 378 12.69 1.51 17.02
CA PHE B 378 11.58 1.08 17.85
C PHE B 378 12.14 0.27 19.01
N ILE B 379 12.22 0.86 20.20
CA ILE B 379 12.72 0.12 21.36
C ILE B 379 11.52 -0.57 21.99
N TYR B 380 11.58 -1.89 22.08
CA TYR B 380 10.44 -2.61 22.63
C TYR B 380 10.74 -3.61 23.75
N GLY B 381 9.69 -4.03 24.44
CA GLY B 381 9.85 -4.98 25.53
C GLY B 381 9.96 -4.33 26.90
N HIS B 382 9.52 -3.08 27.00
CA HIS B 382 9.57 -2.36 28.27
C HIS B 382 9.08 -3.26 29.41
N PRO B 383 9.81 -3.29 30.54
CA PRO B 383 9.43 -4.11 31.69
C PRO B 383 8.03 -3.79 32.20
N VAL B 384 7.28 -4.83 32.57
CA VAL B 384 5.92 -4.68 33.04
C VAL B 384 5.73 -3.70 34.21
N GLU B 385 6.73 -3.57 35.08
CA GLU B 385 6.62 -2.67 36.23
C GLU B 385 6.45 -1.21 35.84
N ILE B 386 6.97 -0.83 34.68
CA ILE B 386 6.84 0.56 34.24
C ILE B 386 5.81 0.70 33.14
N SER B 387 5.03 -0.34 32.91
CA SER B 387 4.03 -0.33 31.85
C SER B 387 2.70 -0.86 32.38
N PRO B 388 2.07 -0.13 33.32
CA PRO B 388 0.79 -0.50 33.94
C PRO B 388 -0.46 -0.55 33.08
N LEU B 389 -0.37 -0.04 31.85
CA LEU B 389 -1.51 -0.02 30.95
C LEU B 389 -1.28 -0.86 29.69
N ALA B 390 -0.21 -1.65 29.69
CA ALA B 390 0.14 -2.48 28.55
C ALA B 390 0.04 -3.98 28.85
N LYS B 391 -0.15 -4.79 27.80
CA LYS B 391 -0.29 -6.23 27.96
C LYS B 391 1.05 -6.93 28.06
N LYS B 392 1.12 -7.91 28.97
CA LYS B 392 2.35 -8.66 29.17
C LYS B 392 2.71 -9.46 27.94
N ASN B 393 4.02 -9.64 27.71
CA ASN B 393 4.44 -10.42 26.57
C ASN B 393 4.21 -11.89 26.96
N PRO B 394 3.59 -12.66 26.07
CA PRO B 394 3.29 -14.08 26.30
C PRO B 394 4.46 -14.96 26.73
N ASP B 395 5.48 -15.04 25.89
CA ASP B 395 6.64 -15.86 26.16
C ASP B 395 7.42 -15.48 27.43
N ASP B 396 7.50 -14.19 27.72
CA ASP B 396 8.24 -13.74 28.91
C ASP B 396 7.53 -12.55 29.57
N PRO B 397 6.59 -12.82 30.49
CA PRO B 397 5.81 -11.81 31.23
C PRO B 397 6.62 -10.78 32.03
N ARG B 398 7.95 -10.89 32.06
CA ARG B 398 8.74 -9.89 32.77
C ARG B 398 8.67 -8.58 32.00
N PHE B 399 8.44 -8.67 30.71
CA PHE B 399 8.37 -7.49 29.85
C PHE B 399 7.00 -7.42 29.19
N THR B 400 6.73 -6.30 28.52
CA THR B 400 5.44 -6.09 27.86
C THR B 400 5.56 -5.75 26.38
N ASP B 401 4.48 -6.02 25.66
CA ASP B 401 4.42 -5.73 24.25
C ASP B 401 4.17 -4.24 24.07
N ARG B 402 5.18 -3.47 24.45
CA ARG B 402 5.19 -2.03 24.39
C ARG B 402 6.47 -1.58 23.67
N PHE B 403 6.42 -0.39 23.07
CA PHE B 403 7.59 0.16 22.39
C PHE B 403 7.58 1.67 22.50
N GLU B 404 8.76 2.27 22.36
CA GLU B 404 8.90 3.71 22.36
C GLU B 404 9.78 4.05 21.16
N LEU B 405 9.37 5.03 20.37
CA LEU B 405 10.16 5.41 19.22
C LEU B 405 11.24 6.41 19.62
N PHE B 406 12.48 6.10 19.27
CA PHE B 406 13.60 6.97 19.60
C PHE B 406 14.28 7.48 18.34
N ILE B 407 14.48 8.80 18.29
CA ILE B 407 15.14 9.44 17.15
C ILE B 407 16.00 10.56 17.74
N VAL B 408 17.16 10.79 17.15
CA VAL B 408 18.08 11.79 17.64
C VAL B 408 18.08 11.78 19.17
N GLY B 409 18.34 10.59 19.71
CA GLY B 409 18.43 10.39 21.14
C GLY B 409 17.28 10.77 22.07
N ARG B 410 16.07 10.85 21.56
CA ARG B 410 14.94 11.20 22.42
C ARG B 410 13.64 10.53 21.96
N GLU B 411 12.74 10.28 22.91
CA GLU B 411 11.48 9.63 22.63
C GLU B 411 10.52 10.49 21.83
N HIS B 412 9.97 9.91 20.78
CA HIS B 412 9.02 10.63 19.94
C HIS B 412 7.65 9.97 20.02
N ALA B 413 7.58 8.77 20.56
CA ALA B 413 6.31 8.07 20.66
C ALA B 413 6.32 6.95 21.68
N ASN B 414 5.14 6.62 22.17
CA ASN B 414 4.96 5.56 23.16
C ASN B 414 3.73 4.76 22.70
N ALA B 415 3.85 3.44 22.72
CA ALA B 415 2.74 2.61 22.26
C ALA B 415 2.77 1.18 22.79
N PHE B 416 1.60 0.56 22.81
CA PHE B 416 1.54 -0.81 23.24
C PHE B 416 0.37 -1.64 22.77
N THR B 417 0.45 -2.91 23.12
CA THR B 417 -0.61 -3.85 22.86
C THR B 417 -1.33 -3.59 24.18
N GLU B 418 -2.51 -2.97 24.09
CA GLU B 418 -3.30 -2.58 25.26
C GLU B 418 -3.81 -3.68 26.16
N LEU B 419 -3.80 -3.39 27.46
CA LEU B 419 -4.28 -4.34 28.45
C LEU B 419 -5.79 -4.19 28.55
N ASN B 420 -6.51 -5.17 28.05
CA ASN B 420 -7.97 -5.14 28.10
C ASN B 420 -8.47 -6.10 29.16
N ASP B 421 -7.56 -6.85 29.77
CA ASP B 421 -7.92 -7.78 30.85
C ASP B 421 -8.16 -6.87 32.06
N PRO B 422 -9.43 -6.71 32.48
CA PRO B 422 -9.74 -5.85 33.62
C PRO B 422 -9.27 -6.31 34.98
N ILE B 423 -9.13 -7.62 35.15
CA ILE B 423 -8.67 -8.13 36.44
C ILE B 423 -7.19 -7.79 36.62
N ASP B 424 -6.42 -7.98 35.56
CA ASP B 424 -4.99 -7.68 35.57
C ASP B 424 -4.82 -6.16 35.74
N GLN B 425 -5.61 -5.38 35.00
CA GLN B 425 -5.52 -3.92 35.08
C GLN B 425 -5.71 -3.43 36.51
N ARG B 426 -6.70 -3.99 37.20
CA ARG B 426 -6.93 -3.60 38.58
C ARG B 426 -5.69 -3.94 39.40
N GLN B 427 -5.08 -5.08 39.11
CA GLN B 427 -3.87 -5.50 39.81
C GLN B 427 -2.69 -4.58 39.52
N ARG B 428 -2.64 -4.01 38.32
CA ARG B 428 -1.55 -3.08 38.01
C ARG B 428 -1.69 -1.84 38.88
N PHE B 429 -2.92 -1.35 38.99
CA PHE B 429 -3.18 -0.16 39.77
C PHE B 429 -2.81 -0.28 41.24
N GLU B 430 -3.13 -1.39 41.88
CA GLU B 430 -2.79 -1.56 43.29
C GLU B 430 -1.27 -1.57 43.45
N GLU B 431 -0.58 -2.20 42.50
CA GLU B 431 0.87 -2.22 42.56
C GLU B 431 1.38 -0.80 42.44
N GLN B 432 0.72 -0.01 41.60
CA GLN B 432 1.12 1.38 41.42
C GLN B 432 0.94 2.13 42.73
N LEU B 433 -0.15 1.82 43.43
CA LEU B 433 -0.41 2.47 44.72
C LEU B 433 0.67 2.08 45.72
N LYS B 434 1.09 0.82 45.68
CA LYS B 434 2.13 0.35 46.59
C LYS B 434 3.41 1.13 46.31
N GLU B 435 3.72 1.31 45.04
CA GLU B 435 4.91 2.04 44.67
C GLU B 435 4.85 3.46 45.21
N ARG B 436 3.65 4.02 45.30
CA ARG B 436 3.50 5.37 45.82
C ARG B 436 3.86 5.41 47.30
N GLU B 437 3.29 4.50 48.08
CA GLU B 437 3.58 4.46 49.52
C GLU B 437 5.09 4.27 49.69
N GLN B 438 5.77 3.95 48.59
CA GLN B 438 7.21 3.70 48.62
C GLN B 438 8.09 4.81 48.07
N GLY B 439 7.51 5.96 47.77
CA GLY B 439 8.30 7.07 47.27
C GLY B 439 7.96 7.60 45.89
N ASN B 440 7.42 6.74 45.04
CA ASN B 440 7.07 7.12 43.69
C ASN B 440 5.76 7.90 43.69
N ASP B 441 5.85 9.23 43.59
CA ASP B 441 4.62 10.03 43.59
C ASP B 441 4.08 10.29 42.18
N GLU B 442 4.57 9.51 41.22
CA GLU B 442 4.11 9.60 39.84
C GLU B 442 3.37 8.31 39.51
N ALA B 443 3.27 7.43 40.48
CA ALA B 443 2.59 6.15 40.31
C ALA B 443 1.16 6.43 39.84
N HIS B 444 0.63 5.56 39.01
CA HIS B 444 -0.72 5.73 38.49
C HIS B 444 -1.77 5.63 39.59
N GLU B 445 -2.93 6.21 39.33
CA GLU B 445 -4.01 6.17 40.31
C GLU B 445 -5.17 5.29 39.90
N MET B 446 -5.80 4.69 40.91
CA MET B 446 -6.94 3.81 40.75
C MET B 446 -8.12 4.59 40.15
N ASP B 447 -8.65 4.09 39.04
CA ASP B 447 -9.80 4.73 38.39
C ASP B 447 -10.87 3.66 38.22
N GLU B 448 -11.75 3.57 39.21
CA GLU B 448 -12.83 2.59 39.18
C GLU B 448 -13.66 2.77 37.92
N ASP B 449 -14.02 4.01 37.64
CA ASP B 449 -14.83 4.31 36.46
C ASP B 449 -14.18 3.73 35.20
N PHE B 450 -12.88 3.93 35.06
CA PHE B 450 -12.17 3.37 33.91
C PHE B 450 -12.22 1.85 33.97
N LEU B 451 -11.90 1.28 35.12
CA LEU B 451 -11.92 -0.18 35.28
C LEU B 451 -13.30 -0.74 34.96
N GLU B 452 -14.34 -0.03 35.40
CA GLU B 452 -15.72 -0.44 35.14
C GLU B 452 -15.89 -0.56 33.63
N ALA B 453 -15.37 0.43 32.92
CA ALA B 453 -15.46 0.45 31.47
C ALA B 453 -14.86 -0.82 30.88
N LEU B 454 -13.66 -1.18 31.31
CA LEU B 454 -13.03 -2.39 30.78
C LEU B 454 -13.86 -3.63 31.08
N GLU B 455 -14.66 -3.57 32.15
CA GLU B 455 -15.48 -4.69 32.56
C GLU B 455 -16.64 -5.03 31.61
N TYR B 456 -16.90 -4.15 30.66
CA TYR B 456 -17.97 -4.39 29.69
C TYR B 456 -17.34 -4.97 28.43
N GLY B 457 -16.01 -5.05 28.42
CA GLY B 457 -15.31 -5.62 27.30
C GLY B 457 -14.62 -4.72 26.30
N MET B 458 -13.31 -4.57 26.43
CA MET B 458 -12.55 -3.79 25.45
C MET B 458 -11.89 -4.81 24.52
N PRO B 459 -12.10 -4.69 23.22
CA PRO B 459 -11.46 -5.67 22.33
C PRO B 459 -9.94 -5.55 22.37
N PRO B 460 -9.23 -6.56 21.86
CA PRO B 460 -7.78 -6.40 21.90
C PRO B 460 -7.50 -5.14 21.11
N THR B 461 -6.57 -4.31 21.58
CA THR B 461 -6.31 -3.05 20.90
C THR B 461 -4.84 -2.63 20.89
N GLY B 462 -4.51 -1.79 19.91
CA GLY B 462 -3.17 -1.25 19.79
C GLY B 462 -3.30 0.26 19.93
N GLY B 463 -2.60 0.84 20.88
CA GLY B 463 -2.66 2.28 21.08
C GLY B 463 -1.33 2.93 20.74
N LEU B 464 -1.37 4.22 20.41
CA LEU B 464 -0.19 5.00 20.03
C LEU B 464 -0.23 6.44 20.54
N GLY B 465 0.89 6.89 21.10
CA GLY B 465 1.02 8.24 21.60
C GLY B 465 2.23 8.90 20.92
N ILE B 466 2.04 10.06 20.32
CA ILE B 466 3.13 10.74 19.64
C ILE B 466 3.27 12.20 20.07
N GLY B 467 4.47 12.57 20.50
CA GLY B 467 4.70 13.95 20.90
C GLY B 467 4.77 14.79 19.64
N VAL B 468 3.67 15.43 19.27
CA VAL B 468 3.63 16.25 18.05
C VAL B 468 4.70 17.34 18.02
N ASP B 469 4.84 18.07 19.12
CA ASP B 469 5.81 19.14 19.19
C ASP B 469 7.20 18.61 18.86
N ARG B 470 7.54 17.45 19.42
CA ARG B 470 8.83 16.85 19.18
C ARG B 470 8.98 16.42 17.75
N LEU B 471 7.90 15.95 17.14
CA LEU B 471 7.98 15.55 15.75
C LEU B 471 8.26 16.81 14.94
N VAL B 472 7.60 17.90 15.30
CA VAL B 472 7.78 19.17 14.62
C VAL B 472 9.24 19.62 14.73
N MET B 473 9.80 19.52 15.92
CA MET B 473 11.20 19.88 16.14
C MET B 473 12.08 19.11 15.17
N LEU B 474 11.83 17.81 15.08
CA LEU B 474 12.60 16.94 14.21
C LEU B 474 12.57 17.34 12.74
N LEU B 475 11.38 17.61 12.24
CA LEU B 475 11.20 17.97 10.84
C LEU B 475 11.53 19.41 10.50
N THR B 476 11.77 20.23 11.50
CA THR B 476 12.11 21.63 11.23
C THR B 476 13.52 21.87 11.73
N ASN B 477 14.19 20.81 12.16
CA ASN B 477 15.53 20.92 12.71
C ASN B 477 15.56 22.02 13.77
N SER B 478 14.67 21.89 14.75
CA SER B 478 14.58 22.84 15.86
C SER B 478 15.29 22.24 17.06
N PRO B 479 16.30 22.94 17.59
CA PRO B 479 17.02 22.39 18.75
C PRO B 479 16.25 22.43 20.06
N SER B 480 15.24 23.28 20.15
CA SER B 480 14.45 23.41 21.37
C SER B 480 12.94 23.39 21.09
N ILE B 481 12.16 22.88 22.05
CA ILE B 481 10.72 22.84 21.85
C ILE B 481 10.18 24.26 21.81
N ARG B 482 10.81 25.18 22.53
CA ARG B 482 10.30 26.54 22.50
C ARG B 482 10.48 27.22 21.15
N ASP B 483 11.16 26.55 20.22
CA ASP B 483 11.32 27.10 18.88
C ASP B 483 10.11 26.66 18.06
N VAL B 484 9.41 25.61 18.51
CA VAL B 484 8.24 25.17 17.76
C VAL B 484 6.89 25.46 18.44
N LEU B 485 6.91 26.12 19.58
CA LEU B 485 5.68 26.48 20.28
C LEU B 485 5.59 28.00 20.17
N LEU B 486 4.47 28.52 19.71
CA LEU B 486 4.34 29.97 19.53
C LEU B 486 4.57 30.76 20.82
N PHE B 487 4.06 30.26 21.95
CA PHE B 487 4.25 30.95 23.23
C PHE B 487 4.63 29.92 24.29
N PRO B 488 5.91 29.52 24.30
CA PRO B 488 6.37 28.54 25.29
C PRO B 488 6.21 29.11 26.69
N GLN B 489 5.96 28.23 27.65
CA GLN B 489 5.81 28.67 29.03
C GLN B 489 7.06 29.45 29.45
N MET B 490 6.86 30.66 29.95
CA MET B 490 7.98 31.49 30.39
C MET B 490 8.10 31.44 31.90
N ARG B 491 9.33 31.50 32.39
CA ARG B 491 9.57 31.47 33.83
C ARG B 491 8.99 32.74 34.44
N HIS B 492 8.81 33.75 33.59
CA HIS B 492 8.25 35.05 33.97
C HIS B 492 9.17 35.89 34.83
N GLU C 4 -18.06 16.75 -6.83
CA GLU C 4 -16.96 15.81 -7.22
C GLU C 4 -16.07 16.30 -8.37
N LEU C 5 -15.82 17.61 -8.44
CA LEU C 5 -15.00 18.18 -9.50
C LEU C 5 -13.48 18.02 -9.29
N ASN C 6 -12.80 17.54 -10.33
CA ASN C 6 -11.36 17.33 -10.31
C ASN C 6 -10.82 17.77 -11.68
N ASP C 7 -10.45 19.04 -11.76
CA ASP C 7 -9.96 19.65 -12.99
C ASP C 7 -8.47 19.50 -13.16
N GLN C 8 -7.85 18.68 -12.31
CA GLN C 8 -6.42 18.42 -12.41
C GLN C 8 -6.21 17.86 -13.79
N LEU C 9 -7.14 17.02 -14.21
CA LEU C 9 -7.08 16.39 -15.52
C LEU C 9 -6.98 17.43 -16.62
N ARG C 10 -7.81 18.47 -16.54
CA ARG C 10 -7.78 19.51 -17.55
C ARG C 10 -6.42 20.21 -17.52
N VAL C 11 -5.87 20.34 -16.32
CA VAL C 11 -4.59 21.00 -16.13
C VAL C 11 -3.39 20.22 -16.70
N ARG C 12 -3.27 18.96 -16.33
CA ARG C 12 -2.16 18.17 -16.86
C ARG C 12 -2.25 18.10 -18.38
N ARG C 13 -3.46 17.91 -18.89
CA ARG C 13 -3.67 17.84 -20.33
C ARG C 13 -3.17 19.11 -21.01
N GLU C 14 -3.52 20.25 -20.43
CA GLU C 14 -3.09 21.53 -20.97
C GLU C 14 -1.57 21.68 -20.97
N LYS C 15 -0.92 21.25 -19.89
CA LYS C 15 0.53 21.37 -19.78
C LYS C 15 1.21 20.58 -20.91
N LEU C 16 0.56 19.52 -21.36
CA LEU C 16 1.08 18.68 -22.44
C LEU C 16 1.30 19.56 -23.67
N LYS C 17 0.29 20.33 -24.05
CA LYS C 17 0.38 21.20 -25.21
C LYS C 17 1.43 22.29 -24.97
N LYS C 18 1.68 22.62 -23.70
CA LYS C 18 2.63 23.65 -23.34
C LYS C 18 4.07 23.14 -23.51
N ILE C 19 4.28 21.88 -23.16
CA ILE C 19 5.59 21.25 -23.26
C ILE C 19 6.07 21.17 -24.71
N GLU C 20 5.15 20.81 -25.61
CA GLU C 20 5.51 20.71 -27.02
C GLU C 20 5.69 22.09 -27.63
N GLU C 21 4.97 23.09 -27.12
CA GLU C 21 5.11 24.45 -27.63
C GLU C 21 6.55 24.88 -27.39
N LEU C 22 7.16 24.32 -26.34
CA LEU C 22 8.55 24.62 -26.03
C LEU C 22 9.49 23.85 -26.96
N GLY C 23 8.89 23.08 -27.87
CA GLY C 23 9.68 22.30 -28.81
C GLY C 23 10.15 20.97 -28.27
N VAL C 24 9.43 20.45 -27.28
CA VAL C 24 9.81 19.19 -26.65
C VAL C 24 8.77 18.08 -26.82
N ASP C 25 9.27 16.89 -27.13
CA ASP C 25 8.44 15.71 -27.30
C ASP C 25 8.07 15.32 -25.88
N PRO C 26 6.82 15.60 -25.47
CA PRO C 26 6.32 15.28 -24.14
C PRO C 26 6.32 13.79 -23.79
N PHE C 27 6.81 12.96 -24.71
CA PHE C 27 6.86 11.52 -24.43
C PHE C 27 8.27 10.95 -24.64
N GLY C 28 9.23 11.88 -24.61
CA GLY C 28 10.64 11.59 -24.71
C GLY C 28 11.23 10.72 -25.81
N LYS C 29 12.53 10.55 -25.71
CA LYS C 29 13.34 9.76 -26.62
C LYS C 29 14.17 8.88 -25.68
N ARG C 30 15.07 8.08 -26.23
CA ARG C 30 15.93 7.24 -25.41
C ARG C 30 16.68 8.16 -24.46
N PHE C 31 17.25 7.58 -23.41
CA PHE C 31 17.99 8.35 -22.42
C PHE C 31 18.98 7.41 -21.75
N GLU C 32 20.27 7.65 -21.94
CA GLU C 32 21.27 6.79 -21.33
C GLU C 32 21.58 7.22 -19.90
N ARG C 33 21.47 6.27 -18.98
CA ARG C 33 21.74 6.53 -17.59
C ARG C 33 23.09 5.92 -17.25
N THR C 34 23.70 6.40 -16.17
CA THR C 34 24.99 5.85 -15.76
C THR C 34 24.83 5.08 -14.47
N HIS C 35 23.83 5.44 -13.68
CA HIS C 35 23.62 4.78 -12.39
C HIS C 35 22.19 4.69 -11.97
N LYS C 36 21.96 3.77 -11.01
CA LYS C 36 20.68 3.58 -10.39
C LYS C 36 20.81 4.40 -9.10
N ALA C 37 19.69 4.81 -8.51
CA ALA C 37 19.72 5.60 -7.28
C ALA C 37 20.54 4.95 -6.16
N GLU C 38 20.09 3.79 -5.68
CA GLU C 38 20.77 3.06 -4.62
C GLU C 38 22.28 3.02 -4.86
N GLU C 39 22.67 2.70 -6.09
CA GLU C 39 24.09 2.63 -6.45
C GLU C 39 24.82 3.88 -6.04
N LEU C 40 24.21 5.03 -6.33
CA LEU C 40 24.82 6.31 -6.00
C LEU C 40 25.00 6.46 -4.49
N PHE C 41 24.07 5.92 -3.71
CA PHE C 41 24.21 6.03 -2.25
C PHE C 41 25.27 5.07 -1.71
N GLU C 42 25.33 3.85 -2.28
CA GLU C 42 26.30 2.89 -1.78
C GLU C 42 27.70 3.23 -2.27
N LEU C 43 27.77 4.21 -3.17
CA LEU C 43 29.06 4.62 -3.69
C LEU C 43 29.48 6.00 -3.21
N TYR C 44 28.52 6.88 -2.98
CA TYR C 44 28.84 8.24 -2.59
C TYR C 44 28.21 8.77 -1.32
N GLY C 45 27.39 7.97 -0.66
CA GLY C 45 26.74 8.41 0.56
C GLY C 45 27.67 8.98 1.61
N ASP C 46 28.78 8.31 1.83
CA ASP C 46 29.77 8.71 2.81
C ASP C 46 30.52 10.00 2.49
N LEU C 47 30.83 10.22 1.22
CA LEU C 47 31.55 11.42 0.81
C LEU C 47 30.88 12.68 1.36
N SER C 48 31.67 13.68 1.71
CA SER C 48 31.15 14.92 2.26
C SER C 48 30.99 15.98 1.18
N LYS C 49 30.26 17.04 1.53
CA LYS C 49 30.02 18.13 0.60
C LYS C 49 31.32 18.44 -0.12
N GLU C 50 32.37 18.69 0.64
CA GLU C 50 33.68 18.99 0.08
C GLU C 50 34.18 17.87 -0.84
N GLU C 51 34.41 16.68 -0.28
CA GLU C 51 34.89 15.55 -1.07
C GLU C 51 34.14 15.44 -2.39
N LEU C 52 32.84 15.71 -2.37
CA LEU C 52 32.04 15.62 -3.59
C LEU C 52 32.36 16.77 -4.54
N GLU C 53 32.53 17.97 -3.98
CA GLU C 53 32.83 19.14 -4.80
C GLU C 53 34.16 19.00 -5.53
N GLU C 54 35.15 18.43 -4.84
CA GLU C 54 36.47 18.25 -5.43
C GLU C 54 36.58 17.06 -6.37
N GLN C 55 35.69 16.09 -6.24
CA GLN C 55 35.75 14.91 -7.11
C GLN C 55 34.81 15.03 -8.31
N GLN C 56 33.98 16.07 -8.32
CA GLN C 56 33.05 16.36 -9.40
C GLN C 56 32.55 15.14 -10.19
N ILE C 57 31.89 14.21 -9.48
CA ILE C 57 31.35 13.00 -10.09
C ILE C 57 30.14 13.29 -10.97
N GLU C 58 30.31 13.09 -12.29
CA GLU C 58 29.23 13.32 -13.25
C GLU C 58 28.39 12.07 -13.43
N VAL C 59 27.07 12.23 -13.38
CA VAL C 59 26.15 11.10 -13.53
C VAL C 59 24.95 11.44 -14.39
N ALA C 60 24.18 10.41 -14.74
CA ALA C 60 22.97 10.57 -15.53
C ALA C 60 21.91 9.56 -15.06
N VAL C 61 20.84 10.04 -14.43
CA VAL C 61 19.80 9.13 -13.96
C VAL C 61 18.44 9.57 -14.48
N ALA C 62 17.44 8.71 -14.32
CA ALA C 62 16.09 9.04 -14.75
C ALA C 62 15.09 8.41 -13.78
N GLY C 63 13.90 9.00 -13.70
CA GLY C 63 12.90 8.47 -12.79
C GLY C 63 11.64 9.31 -12.75
N ARG C 64 10.68 8.89 -11.94
CA ARG C 64 9.41 9.59 -11.81
C ARG C 64 9.49 10.61 -10.68
N ILE C 65 8.89 11.77 -10.89
CA ILE C 65 8.87 12.83 -9.90
C ILE C 65 7.87 12.51 -8.80
N MET C 66 8.39 12.17 -7.61
CA MET C 66 7.53 11.83 -6.48
C MET C 66 7.21 13.05 -5.61
N THR C 67 8.15 13.99 -5.52
CA THR C 67 7.96 15.22 -4.73
C THR C 67 8.67 16.36 -5.43
N LYS C 68 8.14 17.56 -5.25
CA LYS C 68 8.71 18.73 -5.88
C LYS C 68 8.43 19.96 -5.01
N ARG C 69 9.26 20.98 -5.18
CA ARG C 69 9.12 22.23 -4.45
C ARG C 69 9.79 23.36 -5.23
N GLY C 70 8.98 24.20 -5.88
CA GLY C 70 9.52 25.29 -6.67
C GLY C 70 9.76 26.61 -5.96
N MET C 71 11.01 26.88 -5.61
CA MET C 71 11.38 28.12 -4.93
C MET C 71 11.98 29.15 -5.89
N GLY C 72 11.13 29.75 -6.72
CA GLY C 72 11.63 30.76 -7.65
C GLY C 72 12.48 30.25 -8.79
N LYS C 73 13.75 30.66 -8.81
CA LYS C 73 14.69 30.28 -9.87
C LYS C 73 15.51 29.03 -9.56
N ALA C 74 15.00 28.23 -8.64
CA ALA C 74 15.68 27.00 -8.24
C ALA C 74 14.70 26.21 -7.39
N GLY C 75 14.84 24.90 -7.40
CA GLY C 75 13.95 24.06 -6.63
C GLY C 75 14.53 22.67 -6.53
N PHE C 76 13.78 21.75 -5.94
CA PHE C 76 14.22 20.38 -5.80
C PHE C 76 13.07 19.44 -6.14
N ALA C 77 13.43 18.19 -6.38
CA ALA C 77 12.44 17.19 -6.67
C ALA C 77 13.09 15.86 -6.37
N HIS C 78 12.26 14.87 -6.01
CA HIS C 78 12.79 13.56 -5.74
C HIS C 78 12.35 12.65 -6.87
N ILE C 79 13.34 12.06 -7.53
CA ILE C 79 13.12 11.18 -8.65
C ILE C 79 13.31 9.75 -8.19
N GLN C 80 12.37 8.90 -8.59
CA GLN C 80 12.38 7.50 -8.22
C GLN C 80 12.53 6.54 -9.40
N ASP C 81 13.60 5.73 -9.37
CA ASP C 81 13.80 4.74 -10.41
C ASP C 81 13.48 3.43 -9.68
N VAL C 82 13.70 2.29 -10.33
CA VAL C 82 13.39 1.02 -9.70
C VAL C 82 14.15 0.70 -8.41
N THR C 83 15.20 1.46 -8.10
CA THR C 83 15.98 1.21 -6.90
C THR C 83 15.70 2.16 -5.76
N GLY C 84 15.01 3.24 -6.04
CA GLY C 84 14.69 4.18 -4.99
C GLY C 84 14.66 5.60 -5.50
N GLN C 85 14.69 6.56 -4.57
CA GLN C 85 14.67 7.97 -4.92
C GLN C 85 16.04 8.63 -4.73
N ILE C 86 16.22 9.75 -5.40
CA ILE C 86 17.44 10.53 -5.33
C ILE C 86 16.99 11.97 -5.58
N GLN C 87 17.48 12.89 -4.76
CA GLN C 87 17.10 14.29 -4.89
C GLN C 87 17.86 15.00 -6.01
N ILE C 88 17.15 15.82 -6.77
CA ILE C 88 17.79 16.57 -7.83
C ILE C 88 17.62 18.04 -7.49
N TYR C 89 18.69 18.79 -7.72
CA TYR C 89 18.71 20.22 -7.46
C TYR C 89 18.79 20.87 -8.84
N VAL C 90 17.76 21.64 -9.19
CA VAL C 90 17.68 22.29 -10.48
C VAL C 90 17.60 23.80 -10.38
N ARG C 91 18.65 24.47 -10.84
CA ARG C 91 18.72 25.92 -10.81
C ARG C 91 18.80 26.49 -12.22
N GLN C 92 17.96 27.49 -12.47
CA GLN C 92 17.92 28.13 -13.77
C GLN C 92 19.29 28.65 -14.19
N ASP C 93 20.11 29.01 -13.21
CA ASP C 93 21.46 29.53 -13.47
C ASP C 93 22.37 28.50 -14.11
N ASP C 94 22.08 27.23 -13.86
CA ASP C 94 22.90 26.14 -14.38
C ASP C 94 22.27 25.50 -15.63
N VAL C 95 20.99 25.23 -15.53
CA VAL C 95 20.23 24.57 -16.57
C VAL C 95 19.73 25.46 -17.70
N GLY C 96 19.81 26.77 -17.52
CA GLY C 96 19.36 27.70 -18.54
C GLY C 96 17.87 27.93 -18.39
N GLU C 97 17.35 28.96 -19.06
CA GLU C 97 15.94 29.28 -18.96
C GLU C 97 14.98 28.34 -19.68
N GLN C 98 15.45 27.76 -20.77
CA GLN C 98 14.61 26.83 -21.53
C GLN C 98 14.27 25.66 -20.60
N GLN C 99 15.30 24.90 -20.27
CA GLN C 99 15.17 23.75 -19.41
C GLN C 99 14.48 24.06 -18.08
N TYR C 100 14.77 25.23 -17.49
CA TYR C 100 14.16 25.55 -16.21
C TYR C 100 12.63 25.67 -16.29
N GLU C 101 12.13 26.17 -17.42
CA GLU C 101 10.69 26.31 -17.60
C GLU C 101 10.06 24.92 -17.74
N LEU C 102 10.84 23.94 -18.22
CA LEU C 102 10.33 22.58 -18.35
C LEU C 102 10.20 22.01 -16.96
N PHE C 103 11.17 22.34 -16.12
CA PHE C 103 11.17 21.90 -14.75
C PHE C 103 9.99 22.54 -14.01
N LYS C 104 9.85 23.87 -14.08
CA LYS C 104 8.74 24.51 -13.38
C LYS C 104 7.38 23.93 -13.74
N ILE C 105 7.18 23.60 -15.02
CA ILE C 105 5.91 23.04 -15.47
C ILE C 105 5.73 21.56 -15.17
N SER C 106 6.82 20.84 -14.89
CA SER C 106 6.77 19.41 -14.56
C SER C 106 5.84 19.10 -13.40
N ASP C 107 4.98 18.10 -13.59
CA ASP C 107 4.03 17.66 -12.56
C ASP C 107 4.57 16.48 -11.76
N LEU C 108 3.87 16.17 -10.68
CA LEU C 108 4.17 15.02 -9.84
C LEU C 108 3.69 13.88 -10.74
N GLY C 109 4.50 12.84 -10.88
CA GLY C 109 4.09 11.74 -11.73
C GLY C 109 4.82 11.75 -13.07
N ASP C 110 5.24 12.92 -13.53
CA ASP C 110 5.97 13.00 -14.79
C ASP C 110 7.30 12.28 -14.60
N ILE C 111 7.86 11.84 -15.72
CA ILE C 111 9.13 11.14 -15.73
C ILE C 111 10.12 12.02 -16.43
N VAL C 112 11.31 12.14 -15.83
CA VAL C 112 12.34 12.98 -16.41
C VAL C 112 13.71 12.32 -16.24
N GLY C 113 14.70 12.84 -16.95
CA GLY C 113 16.04 12.30 -16.87
C GLY C 113 16.98 13.47 -16.67
N VAL C 114 18.06 13.26 -15.95
CA VAL C 114 19.01 14.32 -15.74
C VAL C 114 20.45 13.85 -15.82
N ARG C 115 21.36 14.80 -16.00
CA ARG C 115 22.78 14.54 -16.03
C ARG C 115 23.24 15.67 -15.12
N GLY C 116 24.17 15.37 -14.24
CA GLY C 116 24.66 16.40 -13.34
C GLY C 116 25.77 15.80 -12.51
N THR C 117 26.20 16.55 -11.51
CA THR C 117 27.28 16.07 -10.67
C THR C 117 26.78 15.83 -9.24
N MET C 118 27.41 14.87 -8.55
CA MET C 118 27.02 14.54 -7.19
C MET C 118 27.45 15.60 -6.18
N PHE C 119 26.58 15.89 -5.21
CA PHE C 119 26.90 16.85 -4.17
C PHE C 119 25.89 16.80 -3.02
N LYS C 120 26.10 17.67 -2.02
CA LYS C 120 25.20 17.75 -0.88
C LYS C 120 24.84 19.20 -0.62
N THR C 121 23.66 19.41 -0.05
CA THR C 121 23.23 20.74 0.29
C THR C 121 23.65 20.89 1.74
N LYS C 122 23.43 22.06 2.30
CA LYS C 122 23.79 22.31 3.69
C LYS C 122 23.21 21.21 4.58
N VAL C 123 21.99 20.75 4.28
CA VAL C 123 21.35 19.72 5.10
C VAL C 123 22.09 18.37 5.07
N GLY C 124 22.62 18.00 3.91
CA GLY C 124 23.36 16.74 3.82
C GLY C 124 22.79 15.60 3.02
N GLU C 125 21.73 15.83 2.26
CA GLU C 125 21.16 14.74 1.47
C GLU C 125 21.96 14.59 0.17
N LEU C 126 22.45 13.39 -0.10
CA LEU C 126 23.21 13.17 -1.34
C LEU C 126 22.29 13.57 -2.48
N SER C 127 22.74 14.51 -3.31
CA SER C 127 21.91 14.95 -4.42
C SER C 127 22.65 15.03 -5.75
N ILE C 128 21.96 15.54 -6.75
CA ILE C 128 22.54 15.70 -8.06
C ILE C 128 22.28 17.11 -8.51
N LYS C 129 23.36 17.88 -8.68
CA LYS C 129 23.23 19.26 -9.17
C LYS C 129 23.07 19.10 -10.68
N VAL C 130 21.86 19.35 -11.16
CA VAL C 130 21.58 19.19 -12.59
C VAL C 130 22.18 20.23 -13.52
N SER C 131 22.75 19.76 -14.63
CA SER C 131 23.32 20.64 -15.63
C SER C 131 22.43 20.52 -16.86
N SER C 132 21.78 19.36 -16.97
CA SER C 132 20.89 19.07 -18.08
C SER C 132 19.58 18.42 -17.58
N TYR C 133 18.44 19.07 -17.85
CA TYR C 133 17.11 18.57 -17.43
C TYR C 133 16.31 18.12 -18.66
N GLU C 134 16.05 16.82 -18.74
CA GLU C 134 15.35 16.25 -19.89
C GLU C 134 13.96 15.75 -19.54
N PHE C 135 12.94 16.36 -20.14
CA PHE C 135 11.57 15.91 -19.88
C PHE C 135 11.41 14.61 -20.64
N LEU C 136 10.86 13.58 -20.01
CA LEU C 136 10.72 12.31 -20.70
C LEU C 136 9.28 11.86 -20.93
N THR C 137 8.37 12.17 -19.99
CA THR C 137 6.98 11.75 -20.19
C THR C 137 5.99 12.46 -19.27
N LYS C 138 4.84 12.78 -19.84
CA LYS C 138 3.78 13.46 -19.13
C LYS C 138 2.78 12.47 -18.58
N ALA C 139 2.46 12.62 -17.30
CA ALA C 139 1.47 11.76 -16.66
C ALA C 139 0.17 12.56 -16.72
N LEU C 140 -0.83 12.05 -17.43
CA LEU C 140 -2.09 12.75 -17.56
C LEU C 140 -2.95 12.65 -16.30
N ARG C 141 -2.60 11.72 -15.42
CA ARG C 141 -3.34 11.52 -14.18
C ARG C 141 -2.45 11.63 -12.96
N PRO C 142 -3.02 12.03 -11.83
CA PRO C 142 -2.21 12.15 -10.62
C PRO C 142 -2.04 10.75 -10.06
N LEU C 143 -0.88 10.49 -9.46
CA LEU C 143 -0.61 9.18 -8.87
C LEU C 143 -1.53 8.93 -7.68
N PRO C 144 -1.47 7.72 -7.08
CA PRO C 144 -2.27 7.33 -5.93
C PRO C 144 -2.47 8.41 -4.88
N GLU C 145 -3.62 8.37 -4.22
CA GLU C 145 -3.97 9.34 -3.20
C GLU C 145 -3.36 9.07 -1.82
N LYS C 146 -3.59 7.88 -1.28
CA LYS C 146 -3.07 7.52 0.04
C LYS C 146 -1.83 6.62 -0.03
N ASP C 152 -9.31 -0.11 -1.31
CA ASP C 152 -7.92 0.04 -1.72
C ASP C 152 -7.33 -1.31 -2.08
N ILE C 153 -7.85 -2.34 -1.43
CA ILE C 153 -7.39 -3.71 -1.66
C ILE C 153 -7.49 -4.01 -3.15
N GLU C 154 -8.43 -3.35 -3.82
CA GLU C 154 -8.63 -3.54 -5.26
C GLU C 154 -7.62 -2.76 -6.08
N GLN C 155 -7.52 -1.46 -5.80
CA GLN C 155 -6.58 -0.59 -6.50
C GLN C 155 -5.21 -1.29 -6.63
N ARG C 156 -4.72 -1.83 -5.52
CA ARG C 156 -3.43 -2.53 -5.54
C ARG C 156 -3.41 -3.62 -6.61
N TYR C 157 -4.47 -4.44 -6.64
CA TYR C 157 -4.57 -5.55 -7.60
C TYR C 157 -5.15 -5.12 -8.95
N ARG C 158 -6.08 -4.18 -8.93
CA ARG C 158 -6.71 -3.68 -10.15
C ARG C 158 -5.72 -2.85 -10.96
N GLN C 159 -4.93 -2.05 -10.26
CA GLN C 159 -3.92 -1.20 -10.90
C GLN C 159 -2.57 -1.48 -10.24
N ARG C 160 -2.04 -2.67 -10.51
CA ARG C 160 -0.78 -3.11 -9.95
C ARG C 160 0.36 -2.13 -10.19
N TYR C 161 0.31 -1.43 -11.33
CA TYR C 161 1.37 -0.46 -11.63
C TYR C 161 1.50 0.58 -10.52
N LEU C 162 0.37 1.11 -10.05
CA LEU C 162 0.40 2.11 -8.98
C LEU C 162 0.93 1.52 -7.66
N ASP C 163 0.62 0.26 -7.39
CA ASP C 163 1.10 -0.42 -6.19
C ASP C 163 2.62 -0.63 -6.30
N LEU C 164 3.10 -0.99 -7.49
CA LEU C 164 4.53 -1.19 -7.68
C LEU C 164 5.29 0.12 -7.48
N ILE C 165 4.64 1.24 -7.83
CA ILE C 165 5.26 2.55 -7.66
C ILE C 165 5.23 3.07 -6.23
N MET C 166 4.08 2.91 -5.56
CA MET C 166 3.93 3.39 -4.19
C MET C 166 4.36 2.47 -3.07
N ASN C 167 4.50 1.17 -3.32
CA ASN C 167 4.84 0.27 -2.23
C ASN C 167 6.06 -0.62 -2.42
N PRO C 168 7.23 -0.15 -1.96
CA PRO C 168 8.52 -0.85 -2.05
C PRO C 168 8.45 -2.31 -1.63
N GLU C 169 7.66 -2.60 -0.60
CA GLU C 169 7.52 -3.97 -0.12
C GLU C 169 6.80 -4.88 -1.10
N SER C 170 5.92 -4.32 -1.92
CA SER C 170 5.21 -5.12 -2.91
C SER C 170 6.19 -5.43 -4.04
N LYS C 171 6.93 -4.41 -4.45
CA LYS C 171 7.92 -4.56 -5.52
C LYS C 171 8.92 -5.65 -5.16
N LYS C 172 9.45 -5.59 -3.94
CA LYS C 172 10.42 -6.59 -3.47
C LYS C 172 9.86 -8.00 -3.57
N THR C 173 8.64 -8.19 -3.10
CA THR C 173 8.02 -9.50 -3.17
C THR C 173 8.04 -10.07 -4.59
N PHE C 174 7.76 -9.25 -5.60
CA PHE C 174 7.76 -9.76 -6.97
C PHE C 174 9.17 -10.01 -7.46
N ILE C 175 10.11 -9.24 -6.95
CA ILE C 175 11.50 -9.43 -7.31
C ILE C 175 11.96 -10.74 -6.66
N THR C 176 11.55 -10.97 -5.41
CA THR C 176 11.93 -12.20 -4.72
C THR C 176 11.35 -13.39 -5.46
N ARG C 177 10.13 -13.24 -5.97
CA ARG C 177 9.52 -14.31 -6.73
C ARG C 177 10.39 -14.73 -7.91
N SER C 178 10.98 -13.75 -8.62
CA SER C 178 11.85 -14.06 -9.76
C SER C 178 13.04 -14.85 -9.29
N LEU C 179 13.56 -14.48 -8.12
CA LEU C 179 14.72 -15.15 -7.53
C LEU C 179 14.40 -16.60 -7.19
N ILE C 180 13.23 -16.82 -6.60
CA ILE C 180 12.82 -18.16 -6.23
C ILE C 180 12.70 -19.08 -7.45
N ILE C 181 12.06 -18.60 -8.50
CA ILE C 181 11.91 -19.42 -9.68
C ILE C 181 13.26 -19.62 -10.36
N GLN C 182 14.08 -18.57 -10.42
CA GLN C 182 15.40 -18.70 -11.04
C GLN C 182 16.23 -19.70 -10.25
N SER C 183 16.12 -19.63 -8.92
CA SER C 183 16.88 -20.52 -8.05
C SER C 183 16.47 -21.97 -8.27
N MET C 184 15.16 -22.18 -8.35
CA MET C 184 14.60 -23.50 -8.58
C MET C 184 15.15 -24.11 -9.88
N ARG C 185 15.13 -23.35 -10.97
CA ARG C 185 15.64 -23.86 -12.24
C ARG C 185 17.10 -24.24 -12.12
N ARG C 186 17.85 -23.46 -11.36
CA ARG C 186 19.26 -23.71 -11.17
C ARG C 186 19.49 -25.09 -10.53
N TYR C 187 18.72 -25.40 -9.51
CA TYR C 187 18.90 -26.69 -8.85
C TYR C 187 18.57 -27.81 -9.82
N LEU C 188 17.36 -27.79 -10.34
CA LEU C 188 16.91 -28.81 -11.27
C LEU C 188 17.90 -29.06 -12.39
N ASP C 189 18.27 -28.00 -13.09
CA ASP C 189 19.22 -28.10 -14.21
C ASP C 189 20.57 -28.70 -13.81
N SER C 190 21.16 -28.23 -12.72
CA SER C 190 22.46 -28.76 -12.35
C SER C 190 22.37 -30.18 -11.80
N HIS C 191 21.15 -30.65 -11.57
CA HIS C 191 20.94 -32.00 -11.08
C HIS C 191 20.41 -32.90 -12.22
N GLY C 192 20.56 -32.39 -13.45
CA GLY C 192 20.16 -33.15 -14.62
C GLY C 192 18.73 -33.20 -15.11
N TYR C 193 17.84 -32.40 -14.55
CA TYR C 193 16.46 -32.41 -15.03
C TYR C 193 16.37 -31.47 -16.22
N LEU C 194 15.90 -32.00 -17.34
CA LEU C 194 15.77 -31.25 -18.59
C LEU C 194 14.50 -30.38 -18.61
N GLU C 195 14.64 -29.08 -18.81
CA GLU C 195 13.48 -28.20 -18.88
C GLU C 195 12.76 -28.31 -20.22
N VAL C 196 11.49 -28.66 -20.20
CA VAL C 196 10.70 -28.82 -21.40
C VAL C 196 9.43 -27.99 -21.43
N GLU C 197 8.77 -27.99 -22.58
CA GLU C 197 7.49 -27.29 -22.75
C GLU C 197 6.57 -28.25 -23.49
N THR C 198 5.46 -28.58 -22.85
CA THR C 198 4.48 -29.47 -23.43
C THR C 198 3.19 -28.67 -23.66
N PRO C 199 2.25 -29.21 -24.45
CA PRO C 199 0.98 -28.53 -24.76
C PRO C 199 0.15 -28.03 -23.58
N MET C 200 -0.44 -26.85 -23.76
CA MET C 200 -1.33 -26.25 -22.77
C MET C 200 -2.78 -26.37 -23.28
N MET C 201 -2.93 -26.88 -24.51
CA MET C 201 -4.25 -27.08 -25.11
C MET C 201 -4.33 -28.59 -25.36
N HIS C 202 -5.26 -29.25 -24.66
CA HIS C 202 -5.39 -30.71 -24.75
C HIS C 202 -6.68 -31.23 -25.38
N ALA C 203 -6.61 -32.43 -25.94
CA ALA C 203 -7.78 -33.04 -26.55
C ALA C 203 -8.65 -33.50 -25.38
N VAL C 204 -7.97 -33.97 -24.33
CA VAL C 204 -8.61 -34.44 -23.11
C VAL C 204 -7.98 -33.76 -21.89
N ALA C 205 -8.81 -33.18 -21.03
CA ALA C 205 -8.32 -32.50 -19.83
C ALA C 205 -8.02 -33.51 -18.73
N GLY C 206 -6.85 -34.15 -18.79
CA GLY C 206 -6.51 -35.14 -17.78
C GLY C 206 -5.27 -34.80 -16.99
N GLY C 207 -4.88 -35.70 -16.09
CA GLY C 207 -3.70 -35.48 -15.27
C GLY C 207 -4.03 -34.90 -13.92
N ALA C 208 -5.31 -34.68 -13.66
CA ALA C 208 -5.74 -34.12 -12.40
C ALA C 208 -7.25 -34.21 -12.30
N ALA C 209 -7.79 -34.03 -11.10
CA ALA C 209 -9.24 -34.05 -10.91
C ALA C 209 -9.69 -32.59 -10.85
N ALA C 210 -10.11 -32.03 -11.97
CA ALA C 210 -10.53 -30.63 -11.98
C ALA C 210 -11.41 -30.29 -13.15
N ARG C 211 -12.13 -29.18 -13.05
CA ARG C 211 -13.00 -28.71 -14.12
C ARG C 211 -12.16 -27.79 -15.01
N PRO C 212 -12.13 -28.07 -16.32
CA PRO C 212 -11.34 -27.25 -17.25
C PRO C 212 -12.02 -26.07 -17.90
N PHE C 213 -11.21 -25.29 -18.60
CA PHE C 213 -11.68 -24.16 -19.38
C PHE C 213 -11.82 -24.79 -20.76
N ILE C 214 -12.97 -24.60 -21.39
CA ILE C 214 -13.21 -25.18 -22.70
C ILE C 214 -13.07 -24.12 -23.78
N THR C 215 -12.39 -24.46 -24.86
CA THR C 215 -12.24 -23.49 -25.94
C THR C 215 -12.45 -24.18 -27.28
N HIS C 216 -12.37 -23.41 -28.36
CA HIS C 216 -12.62 -23.97 -29.69
C HIS C 216 -11.61 -23.52 -30.75
N HIS C 217 -11.07 -24.48 -31.50
CA HIS C 217 -10.14 -24.14 -32.57
C HIS C 217 -10.99 -24.00 -33.84
N ASN C 218 -10.98 -22.81 -34.44
CA ASN C 218 -11.80 -22.54 -35.62
C ASN C 218 -11.43 -23.27 -36.90
N ALA C 219 -10.14 -23.26 -37.23
CA ALA C 219 -9.67 -23.90 -38.45
C ALA C 219 -9.79 -25.42 -38.46
N LEU C 220 -9.81 -26.06 -37.30
CA LEU C 220 -9.92 -27.51 -37.25
C LEU C 220 -11.30 -27.88 -36.72
N ASP C 221 -11.99 -26.90 -36.16
CA ASP C 221 -13.31 -27.11 -35.59
C ASP C 221 -13.25 -28.30 -34.65
N MET C 222 -12.59 -28.11 -33.52
CA MET C 222 -12.50 -29.16 -32.51
C MET C 222 -12.49 -28.52 -31.13
N THR C 223 -13.04 -29.25 -30.17
CA THR C 223 -13.09 -28.75 -28.80
C THR C 223 -11.72 -28.98 -28.17
N LEU C 224 -11.16 -27.93 -27.60
CA LEU C 224 -9.85 -28.04 -26.96
C LEU C 224 -10.03 -27.67 -25.49
N TYR C 225 -9.22 -28.26 -24.62
CA TYR C 225 -9.31 -27.96 -23.20
C TYR C 225 -7.98 -27.42 -22.69
N MET C 226 -8.03 -26.29 -22.00
CA MET C 226 -6.83 -25.71 -21.43
C MET C 226 -6.39 -26.68 -20.35
N ARG C 227 -5.11 -27.01 -20.32
CA ARG C 227 -4.61 -28.00 -19.36
C ARG C 227 -4.82 -27.69 -17.88
N ILE C 228 -5.26 -28.71 -17.14
CA ILE C 228 -5.49 -28.62 -15.72
C ILE C 228 -4.32 -29.29 -15.00
N ALA C 229 -3.41 -29.86 -15.78
CA ALA C 229 -2.21 -30.53 -15.29
C ALA C 229 -1.21 -30.73 -16.42
N ILE C 230 0.05 -30.98 -16.06
CA ILE C 230 1.10 -31.17 -17.05
C ILE C 230 1.55 -32.64 -17.05
N GLU C 231 0.95 -33.44 -16.19
CA GLU C 231 1.32 -34.84 -16.03
C GLU C 231 1.33 -35.78 -17.23
N LEU C 232 0.17 -35.96 -17.85
CA LEU C 232 0.07 -36.90 -18.99
C LEU C 232 1.13 -36.75 -20.08
N HIS C 233 1.37 -35.51 -20.51
CA HIS C 233 2.35 -35.30 -21.56
C HIS C 233 3.77 -35.50 -21.04
N LEU C 234 4.02 -35.14 -19.78
CA LEU C 234 5.36 -35.33 -19.24
C LEU C 234 5.64 -36.82 -19.10
N LYS C 235 4.61 -37.61 -18.79
CA LYS C 235 4.79 -39.04 -18.67
C LYS C 235 5.07 -39.63 -20.05
N ARG C 236 4.56 -39.00 -21.11
CA ARG C 236 4.82 -39.46 -22.46
C ARG C 236 6.33 -39.29 -22.73
N LEU C 237 6.90 -38.23 -22.15
CA LEU C 237 8.33 -37.95 -22.31
C LEU C 237 9.21 -38.97 -21.56
N ILE C 238 8.68 -39.55 -20.48
CA ILE C 238 9.42 -40.55 -19.72
C ILE C 238 9.37 -41.87 -20.49
N VAL C 239 8.25 -42.13 -21.15
CA VAL C 239 8.13 -43.33 -21.99
C VAL C 239 9.12 -43.03 -23.13
N GLY C 240 9.35 -41.74 -23.37
CA GLY C 240 10.25 -41.32 -24.43
C GLY C 240 11.71 -41.56 -24.11
N GLY C 241 11.99 -41.99 -22.89
CA GLY C 241 13.36 -42.26 -22.48
C GLY C 241 14.11 -41.00 -22.09
N LEU C 242 13.38 -39.93 -21.81
CA LEU C 242 14.00 -38.66 -21.44
C LEU C 242 14.48 -38.71 -19.98
N GLU C 243 14.12 -39.77 -19.28
CA GLU C 243 14.54 -40.00 -17.90
C GLU C 243 14.29 -38.94 -16.83
N LYS C 244 14.71 -37.70 -17.09
CA LYS C 244 14.52 -36.65 -16.10
C LYS C 244 14.04 -35.37 -16.74
N VAL C 245 12.77 -35.03 -16.50
CA VAL C 245 12.21 -33.82 -17.10
C VAL C 245 11.44 -32.99 -16.08
N TYR C 246 11.28 -31.71 -16.40
CA TYR C 246 10.54 -30.82 -15.52
C TYR C 246 10.03 -29.65 -16.33
N GLU C 247 8.91 -29.10 -15.88
CA GLU C 247 8.30 -27.97 -16.55
C GLU C 247 7.64 -27.08 -15.52
N ILE C 248 8.05 -25.82 -15.48
CA ILE C 248 7.46 -24.85 -14.57
C ILE C 248 6.55 -24.02 -15.49
N GLY C 249 5.26 -24.37 -15.53
CA GLY C 249 4.35 -23.66 -16.40
C GLY C 249 2.98 -23.38 -15.83
N ARG C 250 2.20 -22.63 -16.58
CA ARG C 250 0.84 -22.25 -16.17
C ARG C 250 -0.10 -23.45 -16.32
N VAL C 251 -1.02 -23.56 -15.38
CA VAL C 251 -2.02 -24.60 -15.39
C VAL C 251 -3.33 -23.85 -15.22
N PHE C 252 -4.40 -24.32 -15.84
CA PHE C 252 -5.67 -23.60 -15.75
C PHE C 252 -6.79 -24.50 -15.26
N ARG C 253 -7.43 -24.05 -14.18
CA ARG C 253 -8.52 -24.77 -13.58
C ARG C 253 -9.72 -23.83 -13.39
N ASN C 254 -10.84 -24.18 -14.02
CA ASN C 254 -12.07 -23.41 -13.98
C ASN C 254 -12.71 -23.49 -12.60
N GLU C 255 -12.08 -22.88 -11.61
CA GLU C 255 -12.60 -22.90 -10.24
C GLU C 255 -12.62 -21.49 -9.66
N GLY C 256 -13.49 -21.27 -8.67
CA GLY C 256 -13.57 -19.97 -8.04
C GLY C 256 -12.24 -19.58 -7.45
N ILE C 257 -12.11 -18.32 -7.06
CA ILE C 257 -10.86 -17.81 -6.50
C ILE C 257 -10.87 -17.80 -4.97
N SER C 258 -9.71 -17.48 -4.40
CA SER C 258 -9.55 -17.40 -2.95
C SER C 258 -8.12 -16.98 -2.64
N THR C 259 -7.84 -16.80 -1.35
CA THR C 259 -6.50 -16.43 -0.94
C THR C 259 -5.46 -17.52 -1.25
N ARG C 260 -5.94 -18.70 -1.66
CA ARG C 260 -5.03 -19.80 -1.97
C ARG C 260 -5.14 -20.29 -3.43
N HIS C 261 -6.13 -19.78 -4.17
CA HIS C 261 -6.34 -20.23 -5.55
C HIS C 261 -6.55 -19.11 -6.56
N ASN C 262 -6.04 -19.32 -7.78
CA ASN C 262 -6.23 -18.38 -8.88
C ASN C 262 -6.51 -19.30 -10.07
N PRO C 263 -7.48 -18.96 -10.93
CA PRO C 263 -7.81 -19.82 -12.08
C PRO C 263 -6.59 -20.22 -12.92
N GLU C 264 -5.66 -19.29 -13.12
CA GLU C 264 -4.44 -19.65 -13.84
C GLU C 264 -3.31 -19.51 -12.83
N PHE C 265 -2.57 -20.59 -12.61
CA PHE C 265 -1.48 -20.55 -11.64
C PHE C 265 -0.26 -21.28 -12.18
N THR C 266 0.86 -21.12 -11.50
CA THR C 266 2.11 -21.74 -11.94
C THR C 266 2.49 -22.99 -11.17
N MET C 267 2.65 -24.09 -11.87
CA MET C 267 3.01 -25.35 -11.23
C MET C 267 4.29 -25.94 -11.77
N LEU C 268 5.06 -26.55 -10.90
CA LEU C 268 6.27 -27.23 -11.33
C LEU C 268 5.83 -28.68 -11.37
N GLU C 269 6.14 -29.37 -12.46
CA GLU C 269 5.86 -30.81 -12.53
C GLU C 269 7.18 -31.41 -12.99
N LEU C 270 7.61 -32.45 -12.31
CA LEU C 270 8.87 -33.11 -12.65
C LEU C 270 8.76 -34.61 -12.48
N TYR C 271 9.44 -35.33 -13.35
CA TYR C 271 9.41 -36.78 -13.33
C TYR C 271 10.81 -37.38 -13.40
N GLU C 272 11.01 -38.43 -12.62
CA GLU C 272 12.30 -39.10 -12.59
C GLU C 272 12.15 -40.61 -12.74
N ALA C 273 12.59 -41.12 -13.88
CA ALA C 273 12.52 -42.55 -14.13
C ALA C 273 13.41 -43.22 -13.09
N TYR C 274 13.15 -44.49 -12.81
CA TYR C 274 13.94 -45.27 -11.85
C TYR C 274 13.91 -44.80 -10.39
N ALA C 275 13.10 -43.80 -10.08
CA ALA C 275 13.01 -43.35 -8.69
C ALA C 275 11.60 -43.64 -8.15
N ASP C 276 11.39 -43.50 -6.84
CA ASP C 276 10.07 -43.72 -6.25
C ASP C 276 9.71 -42.53 -5.36
N PHE C 277 8.53 -42.56 -4.73
CA PHE C 277 8.10 -41.43 -3.94
C PHE C 277 8.96 -41.08 -2.74
N ARG C 278 9.74 -42.04 -2.26
CA ARG C 278 10.64 -41.79 -1.15
C ARG C 278 11.79 -40.92 -1.68
N ASP C 279 12.25 -41.21 -2.89
CA ASP C 279 13.31 -40.42 -3.51
C ASP C 279 12.76 -39.01 -3.76
N ILE C 280 11.49 -38.93 -4.14
CA ILE C 280 10.88 -37.64 -4.40
C ILE C 280 10.79 -36.82 -3.11
N MET C 281 10.46 -37.47 -2.00
CA MET C 281 10.39 -36.75 -0.72
C MET C 281 11.72 -36.01 -0.51
N LYS C 282 12.82 -36.73 -0.72
CA LYS C 282 14.16 -36.17 -0.55
C LYS C 282 14.41 -35.02 -1.48
N LEU C 283 14.00 -35.21 -2.74
CA LEU C 283 14.18 -34.19 -3.76
C LEU C 283 13.40 -32.92 -3.36
N THR C 284 12.13 -33.10 -3.02
CA THR C 284 11.28 -31.97 -2.67
C THR C 284 11.86 -31.15 -1.53
N GLU C 285 12.27 -31.80 -0.45
CA GLU C 285 12.84 -31.04 0.65
C GLU C 285 14.21 -30.46 0.30
N ASN C 286 15.02 -31.15 -0.50
CA ASN C 286 16.32 -30.58 -0.86
C ASN C 286 16.16 -29.36 -1.79
N LEU C 287 15.21 -29.45 -2.71
CA LEU C 287 14.93 -28.37 -3.65
C LEU C 287 14.45 -27.13 -2.90
N ILE C 288 13.38 -27.29 -2.14
CA ILE C 288 12.84 -26.18 -1.37
C ILE C 288 13.86 -25.60 -0.38
N ALA C 289 14.60 -26.46 0.33
CA ALA C 289 15.60 -25.96 1.28
C ALA C 289 16.66 -25.16 0.53
N HIS C 290 16.96 -25.59 -0.69
CA HIS C 290 17.95 -24.94 -1.53
C HIS C 290 17.51 -23.53 -1.89
N ILE C 291 16.27 -23.43 -2.38
CA ILE C 291 15.73 -22.15 -2.77
C ILE C 291 15.69 -21.18 -1.60
N ALA C 292 15.17 -21.63 -0.46
CA ALA C 292 15.08 -20.76 0.71
C ALA C 292 16.49 -20.34 1.15
N THR C 293 17.38 -21.30 1.29
CA THR C 293 18.74 -20.98 1.69
C THR C 293 19.30 -19.92 0.73
N GLU C 294 19.33 -20.25 -0.55
CA GLU C 294 19.87 -19.37 -1.56
C GLU C 294 19.21 -17.99 -1.63
N VAL C 295 17.89 -17.93 -1.43
CA VAL C 295 17.19 -16.65 -1.50
C VAL C 295 17.02 -15.92 -0.16
N LEU C 296 16.67 -16.64 0.90
CA LEU C 296 16.49 -15.99 2.19
C LEU C 296 17.76 -16.06 3.03
N GLY C 297 18.66 -16.96 2.65
CA GLY C 297 19.90 -17.12 3.38
C GLY C 297 19.72 -18.01 4.60
N THR C 298 18.56 -18.64 4.72
CA THR C 298 18.26 -19.50 5.85
C THR C 298 17.03 -20.33 5.57
N THR C 299 16.86 -21.44 6.30
CA THR C 299 15.68 -22.25 6.09
C THR C 299 14.72 -22.11 7.28
N LYS C 300 15.04 -21.21 8.18
CA LYS C 300 14.18 -20.94 9.35
C LYS C 300 13.43 -19.67 8.99
N ILE C 301 12.17 -19.82 8.60
CA ILE C 301 11.37 -18.68 8.19
C ILE C 301 10.20 -18.36 9.10
N GLN C 302 9.70 -17.14 8.98
CA GLN C 302 8.57 -16.68 9.76
C GLN C 302 7.42 -16.51 8.77
N TYR C 303 6.27 -17.10 9.07
CA TYR C 303 5.10 -16.96 8.20
C TYR C 303 3.93 -16.62 9.12
N GLY C 304 3.47 -15.37 9.07
CA GLY C 304 2.39 -14.98 9.94
C GLY C 304 2.83 -15.18 11.38
N GLU C 305 1.97 -15.78 12.20
CA GLU C 305 2.28 -16.04 13.59
C GLU C 305 3.26 -17.20 13.79
N HIS C 306 3.39 -18.05 12.78
CA HIS C 306 4.25 -19.21 12.91
C HIS C 306 5.72 -19.03 12.55
N LEU C 307 6.57 -19.76 13.26
CA LEU C 307 8.00 -19.79 13.01
C LEU C 307 8.14 -21.14 12.32
N VAL C 308 8.17 -21.16 10.99
CA VAL C 308 8.26 -22.41 10.25
C VAL C 308 9.70 -22.81 9.96
N ASP C 309 10.05 -24.04 10.32
CA ASP C 309 11.40 -24.55 10.08
C ASP C 309 11.49 -25.39 8.82
N LEU C 310 12.02 -24.82 7.75
CA LEU C 310 12.13 -25.55 6.49
C LEU C 310 13.37 -26.41 6.38
N THR C 311 14.03 -26.64 7.50
CA THR C 311 15.24 -27.45 7.52
C THR C 311 14.99 -28.96 7.41
N PRO C 312 15.48 -29.60 6.33
CA PRO C 312 15.30 -31.04 6.15
C PRO C 312 15.99 -31.77 7.32
N GLU C 313 15.56 -32.99 7.65
CA GLU C 313 14.48 -33.70 6.98
C GLU C 313 13.14 -33.38 7.61
N TRP C 314 12.11 -33.34 6.78
CA TRP C 314 10.77 -33.01 7.23
C TRP C 314 10.02 -34.22 7.77
N ARG C 315 9.05 -33.96 8.62
CA ARG C 315 8.25 -35.02 9.20
C ARG C 315 7.49 -35.83 8.15
N ARG C 316 7.53 -37.16 8.29
CA ARG C 316 6.80 -38.06 7.41
C ARG C 316 5.72 -38.71 8.26
N LEU C 317 4.47 -38.61 7.81
CA LEU C 317 3.34 -39.15 8.56
C LEU C 317 2.26 -39.69 7.62
N HIS C 318 1.90 -40.97 7.81
CA HIS C 318 0.88 -41.59 6.97
C HIS C 318 -0.46 -40.89 7.20
N MET C 319 -1.22 -40.64 6.12
CA MET C 319 -2.50 -39.99 6.24
C MET C 319 -3.38 -40.65 7.30
N VAL C 320 -3.30 -41.97 7.40
CA VAL C 320 -4.11 -42.68 8.38
C VAL C 320 -3.63 -42.45 9.81
N ASP C 321 -2.31 -42.37 9.99
CA ASP C 321 -1.74 -42.13 11.31
C ASP C 321 -2.10 -40.70 11.68
N ALA C 322 -2.19 -39.85 10.66
CA ALA C 322 -2.54 -38.46 10.89
C ALA C 322 -3.96 -38.40 11.42
N ILE C 323 -4.85 -39.22 10.86
CA ILE C 323 -6.23 -39.25 11.31
C ILE C 323 -6.29 -39.72 12.75
N LYS C 324 -5.56 -40.78 13.06
CA LYS C 324 -5.57 -41.28 14.43
C LYS C 324 -5.07 -40.23 15.42
N GLU C 325 -4.00 -39.53 15.07
CA GLU C 325 -3.43 -38.52 15.97
C GLU C 325 -4.27 -37.27 16.13
N TYR C 326 -4.81 -36.80 15.03
CA TYR C 326 -5.57 -35.57 15.06
C TYR C 326 -7.09 -35.67 15.23
N VAL C 327 -7.64 -36.87 15.06
CA VAL C 327 -9.08 -37.03 15.21
C VAL C 327 -9.45 -38.11 16.22
N GLY C 328 -8.73 -39.22 16.19
CA GLY C 328 -9.00 -40.28 17.15
C GLY C 328 -9.50 -41.57 16.52
N VAL C 329 -9.95 -41.50 15.26
CA VAL C 329 -10.46 -42.70 14.59
C VAL C 329 -9.37 -43.43 13.81
N ASP C 330 -9.37 -44.76 13.92
CA ASP C 330 -8.37 -45.60 13.25
C ASP C 330 -8.83 -46.25 11.92
N PHE C 331 -8.44 -45.65 10.80
CA PHE C 331 -8.83 -46.20 9.50
C PHE C 331 -7.93 -47.34 9.03
N TRP C 332 -6.97 -47.73 9.87
CA TRP C 332 -6.10 -48.84 9.48
C TRP C 332 -6.96 -50.10 9.52
N ARG C 333 -8.09 -50.03 10.21
CA ARG C 333 -8.99 -51.18 10.34
C ARG C 333 -9.85 -51.42 9.10
N GLN C 334 -9.94 -52.68 8.67
CA GLN C 334 -10.74 -53.04 7.50
C GLN C 334 -12.19 -52.81 7.86
N MET C 335 -12.85 -51.91 7.15
CA MET C 335 -14.25 -51.65 7.44
C MET C 335 -15.02 -51.45 6.14
N SER C 336 -16.34 -51.55 6.20
CA SER C 336 -17.17 -51.38 5.01
C SER C 336 -17.37 -49.89 4.77
N ASP C 337 -17.81 -49.53 3.58
CA ASP C 337 -18.06 -48.13 3.28
C ASP C 337 -19.04 -47.53 4.29
N GLU C 338 -20.08 -48.29 4.63
CA GLU C 338 -21.10 -47.81 5.54
C GLU C 338 -20.54 -47.47 6.92
N GLU C 339 -19.68 -48.33 7.46
CA GLU C 339 -19.09 -48.06 8.76
C GLU C 339 -18.31 -46.76 8.62
N ALA C 340 -17.68 -46.53 7.47
CA ALA C 340 -16.94 -45.29 7.25
C ALA C 340 -17.88 -44.10 7.27
N ARG C 341 -19.07 -44.25 6.72
CA ARG C 341 -20.07 -43.19 6.70
C ARG C 341 -20.57 -42.88 8.10
N GLU C 342 -20.72 -43.92 8.92
CA GLU C 342 -21.18 -43.71 10.30
C GLU C 342 -20.15 -42.88 11.04
N LEU C 343 -18.88 -43.22 10.85
CA LEU C 343 -17.81 -42.47 11.48
C LEU C 343 -17.82 -41.04 10.96
N ALA C 344 -18.17 -40.88 9.68
CA ALA C 344 -18.22 -39.55 9.08
C ALA C 344 -19.33 -38.73 9.75
N LYS C 345 -20.51 -39.33 9.90
CA LYS C 345 -21.66 -38.67 10.55
C LYS C 345 -21.30 -38.28 12.00
N GLU C 346 -20.69 -39.22 12.72
CA GLU C 346 -20.32 -39.03 14.12
C GLU C 346 -19.22 -38.00 14.39
N HIS C 347 -18.39 -37.72 13.39
CA HIS C 347 -17.31 -36.77 13.58
C HIS C 347 -17.46 -35.46 12.83
N GLY C 348 -18.63 -35.27 12.21
CA GLY C 348 -18.89 -34.04 11.49
C GLY C 348 -18.17 -33.90 10.16
N VAL C 349 -17.95 -35.03 9.49
CA VAL C 349 -17.27 -35.01 8.21
C VAL C 349 -18.27 -35.12 7.05
N GLU C 350 -18.38 -34.05 6.27
CA GLU C 350 -19.29 -34.00 5.12
C GLU C 350 -18.79 -34.94 4.02
N VAL C 351 -19.70 -35.74 3.45
CA VAL C 351 -19.33 -36.68 2.39
C VAL C 351 -20.31 -36.65 1.21
N ALA C 352 -19.83 -37.03 0.03
CA ALA C 352 -20.66 -37.04 -1.17
C ALA C 352 -21.16 -38.44 -1.51
N PRO C 353 -22.20 -38.55 -2.35
CA PRO C 353 -22.81 -39.81 -2.78
C PRO C 353 -21.84 -40.83 -3.38
N HIS C 354 -21.00 -40.40 -4.31
CA HIS C 354 -20.05 -41.30 -4.96
C HIS C 354 -18.96 -41.84 -4.05
N MET C 355 -18.87 -41.31 -2.83
CA MET C 355 -17.80 -41.72 -1.90
C MET C 355 -17.92 -43.06 -1.20
N THR C 356 -16.77 -43.71 -1.05
CA THR C 356 -16.66 -44.98 -0.36
C THR C 356 -15.53 -44.82 0.65
N PHE C 357 -15.16 -45.91 1.32
CA PHE C 357 -14.09 -45.87 2.33
C PHE C 357 -12.92 -44.94 1.99
N GLY C 358 -12.33 -45.15 0.81
CA GLY C 358 -11.18 -44.35 0.39
C GLY C 358 -11.41 -42.85 0.42
N HIS C 359 -12.46 -42.39 -0.25
CA HIS C 359 -12.78 -40.97 -0.30
C HIS C 359 -13.05 -40.41 1.10
N ILE C 360 -13.78 -41.19 1.90
CA ILE C 360 -14.13 -40.75 3.23
C ILE C 360 -12.89 -40.48 4.09
N VAL C 361 -11.89 -41.33 3.97
CA VAL C 361 -10.65 -41.18 4.71
C VAL C 361 -10.04 -39.83 4.39
N ASN C 362 -9.97 -39.51 3.09
CA ASN C 362 -9.39 -38.24 2.68
C ASN C 362 -10.19 -37.05 3.20
N GLU C 363 -11.51 -37.16 3.25
CA GLU C 363 -12.32 -36.06 3.77
C GLU C 363 -12.01 -35.85 5.25
N PHE C 364 -11.86 -36.94 5.99
CA PHE C 364 -11.52 -36.84 7.42
C PHE C 364 -10.24 -36.02 7.54
N PHE C 365 -9.29 -36.30 6.65
CA PHE C 365 -8.02 -35.58 6.65
C PHE C 365 -8.13 -34.10 6.25
N GLU C 366 -8.84 -33.83 5.16
CA GLU C 366 -8.95 -32.46 4.69
C GLU C 366 -9.82 -31.57 5.58
N GLN C 367 -10.91 -32.16 6.09
CA GLN C 367 -11.85 -31.44 6.93
C GLN C 367 -11.39 -31.22 8.36
N LYS C 368 -10.71 -32.21 8.95
CA LYS C 368 -10.27 -32.09 10.34
C LYS C 368 -8.78 -32.11 10.69
N VAL C 369 -7.90 -32.51 9.77
CA VAL C 369 -6.48 -32.56 10.13
C VAL C 369 -5.63 -31.49 9.46
N GLU C 370 -5.78 -31.39 8.15
CA GLU C 370 -5.07 -30.44 7.30
C GLU C 370 -4.57 -29.14 7.92
N ASP C 371 -5.51 -28.29 8.31
CA ASP C 371 -5.23 -26.99 8.91
C ASP C 371 -4.30 -27.06 10.11
N LYS C 372 -4.11 -28.24 10.67
CA LYS C 372 -3.24 -28.37 11.83
C LYS C 372 -1.77 -28.64 11.53
N LEU C 373 -1.44 -29.05 10.31
CA LEU C 373 -0.03 -29.31 9.98
C LEU C 373 0.71 -28.02 9.64
N ILE C 374 1.38 -27.44 10.63
CA ILE C 374 2.10 -26.19 10.43
C ILE C 374 3.50 -26.37 9.88
N GLN C 375 4.30 -27.18 10.54
CA GLN C 375 5.67 -27.45 10.11
C GLN C 375 5.59 -28.30 8.84
N PRO C 376 6.63 -28.25 7.96
CA PRO C 376 6.58 -29.05 6.73
C PRO C 376 6.32 -30.50 7.05
N THR C 377 5.30 -31.07 6.42
CA THR C 377 4.94 -32.45 6.69
C THR C 377 4.59 -33.21 5.42
N PHE C 378 5.24 -34.36 5.23
CA PHE C 378 4.94 -35.20 4.08
C PHE C 378 3.86 -36.17 4.54
N ILE C 379 2.63 -35.94 4.07
CA ILE C 379 1.50 -36.80 4.39
C ILE C 379 1.43 -37.78 3.24
N TYR C 380 1.49 -39.07 3.54
CA TYR C 380 1.45 -40.07 2.46
C TYR C 380 0.49 -41.23 2.68
N GLY C 381 0.31 -42.01 1.64
CA GLY C 381 -0.57 -43.16 1.71
C GLY C 381 -2.01 -42.89 1.35
N HIS C 382 -2.23 -41.89 0.50
CA HIS C 382 -3.57 -41.53 0.07
C HIS C 382 -4.34 -42.72 -0.47
N PRO C 383 -5.61 -42.86 -0.07
CA PRO C 383 -6.47 -43.95 -0.52
C PRO C 383 -6.41 -44.08 -2.04
N VAL C 384 -6.48 -45.32 -2.52
CA VAL C 384 -6.44 -45.56 -3.95
C VAL C 384 -7.57 -44.88 -4.75
N GLU C 385 -8.79 -44.82 -4.18
CA GLU C 385 -9.93 -44.19 -4.87
C GLU C 385 -9.66 -42.77 -5.37
N ILE C 386 -8.84 -42.00 -4.65
CA ILE C 386 -8.55 -40.65 -5.08
C ILE C 386 -7.15 -40.47 -5.70
N SER C 387 -6.44 -41.57 -5.96
CA SER C 387 -5.09 -41.49 -6.54
C SER C 387 -5.05 -42.38 -7.78
N PRO C 388 -5.84 -42.05 -8.81
CA PRO C 388 -5.88 -42.84 -10.04
C PRO C 388 -4.61 -42.95 -10.87
N LEU C 389 -3.64 -42.07 -10.65
CA LEU C 389 -2.40 -42.14 -11.42
C LEU C 389 -1.21 -42.60 -10.56
N ALA C 390 -1.50 -43.08 -9.36
CA ALA C 390 -0.45 -43.54 -8.47
C ALA C 390 -0.47 -45.04 -8.20
N LYS C 391 0.72 -45.63 -8.11
CA LYS C 391 0.85 -47.07 -7.87
C LYS C 391 0.35 -47.42 -6.46
N LYS C 392 -0.26 -48.59 -6.33
CA LYS C 392 -0.77 -49.06 -5.04
C LYS C 392 0.34 -49.49 -4.10
N ASN C 393 0.10 -49.36 -2.80
CA ASN C 393 1.07 -49.79 -1.78
C ASN C 393 0.96 -51.31 -1.80
N PRO C 394 2.08 -52.02 -1.98
CA PRO C 394 2.09 -53.48 -2.04
C PRO C 394 1.59 -54.21 -0.78
N ASP C 395 1.80 -53.60 0.38
CA ASP C 395 1.39 -54.23 1.62
C ASP C 395 -0.09 -54.03 1.97
N ASP C 396 -0.67 -52.91 1.59
CA ASP C 396 -2.06 -52.61 1.86
C ASP C 396 -2.58 -51.84 0.63
N PRO C 397 -3.13 -52.56 -0.35
CA PRO C 397 -3.66 -51.98 -1.59
C PRO C 397 -4.84 -51.01 -1.49
N ARG C 398 -5.27 -50.72 -0.26
CA ARG C 398 -6.34 -49.76 -0.08
C ARG C 398 -5.71 -48.40 -0.29
N PHE C 399 -4.39 -48.34 -0.06
CA PHE C 399 -3.66 -47.08 -0.18
C PHE C 399 -2.59 -47.11 -1.26
N THR C 400 -2.17 -45.92 -1.70
CA THR C 400 -1.14 -45.79 -2.73
C THR C 400 0.11 -45.10 -2.20
N ASP C 401 1.22 -45.24 -2.92
CA ASP C 401 2.48 -44.60 -2.51
C ASP C 401 2.49 -43.21 -3.09
N ARG C 402 1.77 -42.32 -2.42
CA ARG C 402 1.64 -40.94 -2.84
C ARG C 402 1.76 -40.05 -1.61
N PHE C 403 2.12 -38.79 -1.83
CA PHE C 403 2.18 -37.86 -0.71
C PHE C 403 1.84 -36.43 -1.10
N GLU C 404 1.49 -35.65 -0.08
CA GLU C 404 1.20 -34.24 -0.27
C GLU C 404 2.01 -33.52 0.79
N LEU C 405 2.65 -32.44 0.39
CA LEU C 405 3.45 -31.67 1.30
C LEU C 405 2.55 -30.64 1.95
N PHE C 406 2.47 -30.67 3.28
CA PHE C 406 1.68 -29.67 3.98
C PHE C 406 2.56 -28.74 4.79
N ILE C 407 2.31 -27.45 4.64
CA ILE C 407 3.06 -26.43 5.38
C ILE C 407 2.06 -25.35 5.74
N VAL C 408 2.16 -24.85 6.96
CA VAL C 408 1.25 -23.83 7.45
C VAL C 408 -0.21 -24.13 7.10
N GLY C 409 -0.62 -25.37 7.34
CA GLY C 409 -1.99 -25.79 7.11
C GLY C 409 -2.52 -25.92 5.70
N ARG C 410 -1.68 -25.80 4.68
CA ARG C 410 -2.16 -25.92 3.31
C ARG C 410 -1.19 -26.73 2.45
N GLU C 411 -1.71 -27.34 1.39
CA GLU C 411 -0.89 -28.17 0.50
C GLU C 411 0.03 -27.36 -0.41
N HIS C 412 1.27 -27.84 -0.58
CA HIS C 412 2.28 -27.17 -1.40
C HIS C 412 2.89 -28.08 -2.45
N ALA C 413 2.63 -29.37 -2.32
CA ALA C 413 3.11 -30.33 -3.29
C ALA C 413 2.27 -31.60 -3.24
N ASN C 414 2.27 -32.28 -4.37
CA ASN C 414 1.53 -33.52 -4.55
C ASN C 414 2.55 -34.36 -5.30
N ALA C 415 2.69 -35.63 -4.92
CA ALA C 415 3.68 -36.46 -5.61
C ALA C 415 3.41 -37.93 -5.39
N PHE C 416 3.99 -38.76 -6.24
CA PHE C 416 3.82 -40.20 -6.07
C PHE C 416 4.67 -41.14 -6.90
N THR C 417 4.60 -42.42 -6.54
CA THR C 417 5.29 -43.45 -7.28
C THR C 417 4.30 -43.68 -8.41
N GLU C 418 4.65 -43.22 -9.60
CA GLU C 418 3.77 -43.31 -10.76
C GLU C 418 3.30 -44.71 -11.09
N LEU C 419 2.08 -44.79 -11.60
CA LEU C 419 1.53 -46.07 -12.00
C LEU C 419 1.92 -46.23 -13.46
N ASN C 420 2.69 -47.29 -13.77
CA ASN C 420 3.14 -47.51 -15.15
C ASN C 420 2.56 -48.81 -15.72
N ASP C 421 1.71 -49.45 -14.94
CA ASP C 421 1.01 -50.67 -15.31
C ASP C 421 -0.25 -50.21 -16.07
N PRO C 422 -0.26 -50.36 -17.41
CA PRO C 422 -1.40 -49.95 -18.26
C PRO C 422 -2.73 -50.67 -17.99
N ILE C 423 -2.67 -51.95 -17.65
CA ILE C 423 -3.88 -52.71 -17.35
C ILE C 423 -4.51 -52.05 -16.12
N ASP C 424 -3.69 -51.82 -15.10
CA ASP C 424 -4.16 -51.18 -13.89
C ASP C 424 -4.61 -49.76 -14.20
N GLN C 425 -3.79 -49.02 -14.93
CA GLN C 425 -4.13 -47.64 -15.27
C GLN C 425 -5.50 -47.55 -15.95
N ARG C 426 -5.78 -48.49 -16.86
CA ARG C 426 -7.06 -48.52 -17.55
C ARG C 426 -8.18 -48.70 -16.53
N GLN C 427 -7.99 -49.70 -15.68
CA GLN C 427 -8.95 -50.02 -14.63
C GLN C 427 -9.26 -48.81 -13.74
N ARG C 428 -8.25 -48.00 -13.47
CA ARG C 428 -8.42 -46.83 -12.61
C ARG C 428 -9.31 -45.83 -13.32
N PHE C 429 -9.02 -45.60 -14.60
CA PHE C 429 -9.83 -44.66 -15.39
C PHE C 429 -11.30 -45.08 -15.38
N GLU C 430 -11.55 -46.36 -15.65
CA GLU C 430 -12.92 -46.86 -15.67
C GLU C 430 -13.63 -46.55 -14.34
N GLU C 431 -12.89 -46.65 -13.24
CA GLU C 431 -13.43 -46.37 -11.90
C GLU C 431 -13.83 -44.90 -11.82
N GLN C 432 -12.99 -44.07 -12.41
CA GLN C 432 -13.20 -42.62 -12.44
C GLN C 432 -14.40 -42.25 -13.29
N LEU C 433 -14.56 -42.88 -14.45
CA LEU C 433 -15.70 -42.61 -15.32
C LEU C 433 -16.95 -42.90 -14.51
N LYS C 434 -16.93 -44.07 -13.86
CA LYS C 434 -18.03 -44.53 -13.02
C LYS C 434 -18.38 -43.50 -11.95
N GLU C 435 -17.37 -42.90 -11.32
CA GLU C 435 -17.62 -41.90 -10.29
C GLU C 435 -18.27 -40.67 -10.89
N ARG C 436 -17.85 -40.30 -12.10
CA ARG C 436 -18.44 -39.14 -12.77
C ARG C 436 -19.91 -39.49 -12.99
N GLU C 437 -20.16 -40.75 -13.32
CA GLU C 437 -21.52 -41.26 -13.51
C GLU C 437 -22.33 -40.99 -12.24
N GLN C 438 -21.68 -41.14 -11.09
CA GLN C 438 -22.33 -40.94 -9.80
C GLN C 438 -22.31 -39.50 -9.26
N GLY C 439 -22.04 -38.54 -10.13
CA GLY C 439 -22.03 -37.15 -9.74
C GLY C 439 -20.68 -36.50 -9.47
N ASN C 440 -19.59 -37.25 -9.54
CA ASN C 440 -18.28 -36.65 -9.29
C ASN C 440 -17.75 -36.06 -10.60
N ASP C 441 -18.12 -34.80 -10.85
CA ASP C 441 -17.72 -34.10 -12.07
C ASP C 441 -16.26 -33.68 -12.11
N GLU C 442 -15.48 -34.15 -11.13
CA GLU C 442 -14.07 -33.83 -11.11
C GLU C 442 -13.23 -35.07 -11.41
N ALA C 443 -13.88 -36.22 -11.52
CA ALA C 443 -13.19 -37.46 -11.81
C ALA C 443 -12.32 -37.33 -13.06
N HIS C 444 -11.17 -38.00 -13.07
CA HIS C 444 -10.27 -37.97 -14.22
C HIS C 444 -11.02 -38.50 -15.43
N GLU C 445 -10.67 -38.00 -16.61
CA GLU C 445 -11.32 -38.47 -17.82
C GLU C 445 -10.42 -39.45 -18.56
N MET C 446 -11.02 -40.31 -19.36
CA MET C 446 -10.29 -41.33 -20.12
C MET C 446 -9.43 -40.78 -21.27
N ASP C 447 -8.15 -41.12 -21.29
CA ASP C 447 -7.25 -40.68 -22.35
C ASP C 447 -6.61 -41.89 -23.02
N GLU C 448 -7.19 -42.34 -24.13
CA GLU C 448 -6.68 -43.51 -24.85
C GLU C 448 -5.27 -43.35 -25.36
N ASP C 449 -4.93 -42.14 -25.81
CA ASP C 449 -3.58 -41.93 -26.32
C ASP C 449 -2.57 -42.14 -25.21
N PHE C 450 -2.96 -41.80 -23.98
CA PHE C 450 -2.07 -41.96 -22.84
C PHE C 450 -1.85 -43.44 -22.50
N LEU C 451 -2.93 -44.22 -22.51
CA LEU C 451 -2.83 -45.64 -22.20
C LEU C 451 -1.99 -46.38 -23.23
N GLU C 452 -2.10 -45.96 -24.49
CA GLU C 452 -1.32 -46.59 -25.55
C GLU C 452 0.16 -46.32 -25.25
N ALA C 453 0.45 -45.11 -24.80
CA ALA C 453 1.80 -44.73 -24.46
C ALA C 453 2.33 -45.62 -23.34
N LEU C 454 1.50 -45.87 -22.32
CA LEU C 454 1.94 -46.71 -21.22
C LEU C 454 2.14 -48.13 -21.72
N GLU C 455 1.35 -48.53 -22.72
CA GLU C 455 1.48 -49.88 -23.25
C GLU C 455 2.80 -50.09 -23.98
N TYR C 456 3.51 -49.02 -24.29
CA TYR C 456 4.82 -49.18 -24.95
C TYR C 456 5.86 -49.31 -23.85
N GLY C 457 5.43 -49.03 -22.63
CA GLY C 457 6.31 -49.15 -21.49
C GLY C 457 6.91 -47.87 -20.90
N MET C 458 6.53 -47.59 -19.66
CA MET C 458 7.07 -46.46 -18.91
C MET C 458 7.79 -47.08 -17.71
N PRO C 459 9.10 -46.82 -17.58
CA PRO C 459 9.88 -47.37 -16.47
C PRO C 459 9.30 -46.93 -15.14
N PRO C 460 9.70 -47.60 -14.03
CA PRO C 460 9.14 -47.15 -12.75
C PRO C 460 9.53 -45.68 -12.67
N THR C 461 8.70 -44.86 -12.06
CA THR C 461 9.03 -43.45 -12.04
C THR C 461 8.52 -42.71 -10.81
N GLY C 462 9.22 -41.65 -10.45
CA GLY C 462 8.81 -40.85 -9.32
C GLY C 462 8.34 -39.53 -9.90
N GLY C 463 7.16 -39.08 -9.49
CA GLY C 463 6.61 -37.83 -10.00
C GLY C 463 6.33 -36.80 -8.94
N LEU C 464 6.42 -35.53 -9.31
CA LEU C 464 6.22 -34.43 -8.38
C LEU C 464 5.54 -33.21 -9.01
N GLY C 465 4.67 -32.57 -8.25
CA GLY C 465 3.99 -31.37 -8.69
C GLY C 465 4.04 -30.36 -7.55
N ILE C 466 4.58 -29.18 -7.80
CA ILE C 466 4.68 -28.15 -6.75
C ILE C 466 4.01 -26.84 -7.14
N GLY C 467 3.17 -26.32 -6.25
CA GLY C 467 2.52 -25.05 -6.51
C GLY C 467 3.52 -23.93 -6.29
N VAL C 468 4.04 -23.37 -7.38
CA VAL C 468 5.04 -22.31 -7.29
C VAL C 468 4.52 -21.05 -6.58
N ASP C 469 3.29 -20.66 -6.87
CA ASP C 469 2.70 -19.48 -6.25
C ASP C 469 2.70 -19.67 -4.74
N ARG C 470 2.16 -20.80 -4.30
CA ARG C 470 2.11 -21.08 -2.88
C ARG C 470 3.49 -21.12 -2.22
N LEU C 471 4.52 -21.57 -2.95
CA LEU C 471 5.87 -21.62 -2.38
C LEU C 471 6.36 -20.18 -2.18
N VAL C 472 6.13 -19.35 -3.19
CA VAL C 472 6.49 -17.95 -3.13
C VAL C 472 5.73 -17.22 -2.01
N MET C 473 4.44 -17.53 -1.85
CA MET C 473 3.66 -16.91 -0.78
C MET C 473 4.34 -17.19 0.56
N LEU C 474 4.71 -18.44 0.75
CA LEU C 474 5.37 -18.90 1.98
C LEU C 474 6.71 -18.23 2.20
N LEU C 475 7.52 -18.16 1.16
CA LEU C 475 8.85 -17.57 1.25
C LEU C 475 8.89 -16.04 1.27
N THR C 476 7.74 -15.39 1.12
CA THR C 476 7.71 -13.93 1.16
C THR C 476 6.77 -13.46 2.26
N ASN C 477 6.24 -14.41 3.01
CA ASN C 477 5.33 -14.13 4.10
C ASN C 477 4.10 -13.40 3.58
N SER C 478 3.59 -13.86 2.43
CA SER C 478 2.42 -13.29 1.80
C SER C 478 1.18 -14.09 2.21
N PRO C 479 0.25 -13.44 2.90
CA PRO C 479 -0.97 -14.13 3.34
C PRO C 479 -1.88 -14.56 2.20
N SER C 480 -1.84 -13.84 1.10
CA SER C 480 -2.71 -14.16 -0.03
C SER C 480 -1.97 -14.34 -1.34
N ILE C 481 -2.48 -15.26 -2.16
CA ILE C 481 -1.88 -15.53 -3.46
C ILE C 481 -1.98 -14.29 -4.33
N ARG C 482 -2.93 -13.43 -4.00
CA ARG C 482 -3.12 -12.20 -4.75
C ARG C 482 -1.91 -11.28 -4.60
N ASP C 483 -1.09 -11.51 -3.56
CA ASP C 483 0.10 -10.69 -3.33
C ASP C 483 1.35 -11.21 -4.03
N VAL C 484 1.27 -12.40 -4.62
CA VAL C 484 2.43 -12.97 -5.31
C VAL C 484 2.20 -13.14 -6.81
N LEU C 485 1.04 -12.66 -7.28
CA LEU C 485 0.68 -12.70 -8.69
C LEU C 485 0.60 -11.24 -9.10
N LEU C 486 1.30 -10.85 -10.16
CA LEU C 486 1.26 -9.46 -10.59
C LEU C 486 -0.17 -9.02 -10.92
N PHE C 487 -0.92 -9.87 -11.61
CA PHE C 487 -2.29 -9.52 -12.00
C PHE C 487 -3.31 -10.63 -11.71
N PRO C 488 -3.68 -10.81 -10.43
CA PRO C 488 -4.66 -11.85 -10.06
C PRO C 488 -6.01 -11.67 -10.71
N GLN C 489 -6.74 -12.77 -10.89
CA GLN C 489 -8.05 -12.68 -11.51
C GLN C 489 -9.00 -11.94 -10.58
N MET C 490 -9.71 -10.96 -11.14
CA MET C 490 -10.64 -10.15 -10.37
C MET C 490 -12.10 -10.50 -10.73
N ARG C 491 -13.02 -10.25 -9.81
CA ARG C 491 -14.44 -10.47 -10.09
C ARG C 491 -14.76 -9.34 -11.07
N HIS C 492 -16.01 -8.89 -11.10
CA HIS C 492 -16.33 -7.81 -12.02
C HIS C 492 -17.49 -6.98 -11.49
N GLU D 4 0.34 -62.85 -37.51
CA GLU D 4 -0.08 -61.44 -37.78
C GLU D 4 0.70 -60.53 -36.84
N LEU D 5 0.05 -60.08 -35.76
CA LEU D 5 0.68 -59.20 -34.78
C LEU D 5 -0.12 -59.25 -33.48
N ASN D 6 -1.43 -59.46 -33.61
CA ASN D 6 -2.31 -59.52 -32.46
C ASN D 6 -1.86 -60.61 -31.48
N ASP D 7 -1.16 -61.61 -32.00
CA ASP D 7 -0.66 -62.68 -31.16
C ASP D 7 0.58 -62.14 -30.44
N GLN D 8 1.30 -61.26 -31.13
CA GLN D 8 2.49 -60.62 -30.60
C GLN D 8 2.05 -59.90 -29.31
N LEU D 9 0.88 -59.28 -29.37
CA LEU D 9 0.32 -58.59 -28.21
C LEU D 9 -0.04 -59.60 -27.13
N ARG D 10 -0.58 -60.74 -27.54
CA ARG D 10 -0.94 -61.78 -26.57
C ARG D 10 0.32 -62.33 -25.93
N VAL D 11 1.32 -62.64 -26.75
CA VAL D 11 2.61 -63.16 -26.26
C VAL D 11 3.06 -62.30 -25.08
N ARG D 12 3.28 -61.02 -25.36
CA ARG D 12 3.71 -60.07 -24.35
C ARG D 12 2.76 -60.08 -23.14
N ARG D 13 1.46 -60.28 -23.38
CA ARG D 13 0.50 -60.33 -22.29
C ARG D 13 0.81 -61.52 -21.39
N GLU D 14 1.12 -62.66 -22.02
CA GLU D 14 1.44 -63.90 -21.29
C GLU D 14 2.70 -63.78 -20.46
N LYS D 15 3.78 -63.28 -21.06
CA LYS D 15 5.03 -63.14 -20.34
C LYS D 15 4.83 -62.34 -19.07
N LEU D 16 3.96 -61.34 -19.15
CA LEU D 16 3.67 -60.49 -18.00
C LEU D 16 3.32 -61.39 -16.81
N LYS D 17 2.38 -62.30 -17.01
CA LYS D 17 1.96 -63.22 -15.96
C LYS D 17 3.15 -64.11 -15.55
N LYS D 18 3.86 -64.61 -16.56
CA LYS D 18 5.03 -65.45 -16.35
C LYS D 18 6.00 -64.82 -15.35
N ILE D 19 6.29 -63.54 -15.58
CA ILE D 19 7.22 -62.80 -14.73
C ILE D 19 6.72 -62.66 -13.29
N GLU D 20 5.41 -62.54 -13.11
CA GLU D 20 4.84 -62.42 -11.77
C GLU D 20 5.07 -63.74 -11.06
N GLU D 21 5.01 -64.83 -11.82
CA GLU D 21 5.21 -66.17 -11.28
C GLU D 21 6.62 -66.34 -10.72
N LEU D 22 7.53 -65.45 -11.12
CA LEU D 22 8.90 -65.52 -10.63
C LEU D 22 9.00 -64.62 -9.40
N GLY D 23 7.84 -64.18 -8.91
CA GLY D 23 7.79 -63.32 -7.74
C GLY D 23 8.39 -61.94 -7.96
N VAL D 24 8.38 -61.45 -9.19
CA VAL D 24 8.93 -60.13 -9.48
C VAL D 24 7.89 -59.15 -10.00
N ASP D 25 7.97 -57.90 -9.54
CA ASP D 25 7.06 -56.84 -9.96
C ASP D 25 7.37 -56.57 -11.43
N PRO D 26 6.45 -56.95 -12.33
CA PRO D 26 6.67 -56.73 -13.76
C PRO D 26 6.81 -55.24 -14.11
N PHE D 27 6.48 -54.38 -13.16
CA PHE D 27 6.59 -52.95 -13.42
C PHE D 27 7.64 -52.27 -12.57
N GLY D 28 8.50 -53.12 -11.99
CA GLY D 28 9.63 -52.68 -11.18
C GLY D 28 9.53 -51.68 -10.05
N LYS D 29 10.66 -51.51 -9.39
CA LYS D 29 10.85 -50.62 -8.26
C LYS D 29 12.01 -49.68 -8.60
N ARG D 30 12.31 -48.75 -7.70
CA ARG D 30 13.41 -47.82 -7.91
C ARG D 30 14.66 -48.62 -8.25
N PHE D 31 15.59 -47.99 -8.97
CA PHE D 31 16.82 -48.64 -9.36
C PHE D 31 17.92 -47.60 -9.32
N GLU D 32 18.96 -47.86 -8.54
CA GLU D 32 20.08 -46.93 -8.44
C GLU D 32 21.08 -47.10 -9.57
N ARG D 33 21.50 -45.99 -10.17
CA ARG D 33 22.48 -46.03 -11.25
C ARG D 33 23.78 -45.34 -10.84
N THR D 34 24.84 -45.56 -11.62
CA THR D 34 26.15 -44.96 -11.35
C THR D 34 26.64 -44.25 -12.61
N HIS D 35 26.03 -44.58 -13.74
CA HIS D 35 26.41 -43.98 -15.00
C HIS D 35 25.31 -44.10 -16.03
N LYS D 36 25.55 -43.43 -17.15
CA LYS D 36 24.69 -43.46 -18.33
C LYS D 36 25.66 -43.95 -19.40
N ALA D 37 25.16 -44.62 -20.41
CA ALA D 37 26.00 -45.18 -21.47
C ALA D 37 27.14 -44.29 -21.95
N GLU D 38 26.85 -43.01 -22.13
CA GLU D 38 27.85 -42.07 -22.63
C GLU D 38 29.13 -42.00 -21.79
N GLU D 39 28.97 -41.76 -20.49
CA GLU D 39 30.12 -41.66 -19.60
C GLU D 39 30.92 -42.94 -19.46
N LEU D 40 30.32 -44.08 -19.79
CA LEU D 40 31.05 -45.33 -19.69
C LEU D 40 32.12 -45.39 -20.79
N PHE D 41 31.75 -44.98 -22.02
CA PHE D 41 32.70 -44.98 -23.13
C PHE D 41 33.77 -43.92 -22.91
N GLU D 42 33.35 -42.76 -22.42
CA GLU D 42 34.27 -41.67 -22.15
C GLU D 42 35.26 -42.03 -21.05
N LEU D 43 34.82 -42.84 -20.09
CA LEU D 43 35.69 -43.23 -18.98
C LEU D 43 36.49 -44.50 -19.22
N TYR D 44 35.86 -45.49 -19.85
CA TYR D 44 36.53 -46.76 -20.06
C TYR D 44 36.61 -47.23 -21.51
N GLY D 45 36.15 -46.39 -22.43
CA GLY D 45 36.16 -46.74 -23.84
C GLY D 45 37.49 -47.17 -24.43
N ASP D 46 38.61 -46.73 -23.88
CA ASP D 46 39.88 -47.16 -24.48
C ASP D 46 40.88 -47.83 -23.53
N LEU D 47 40.34 -48.56 -22.56
CA LEU D 47 41.16 -49.30 -21.62
C LEU D 47 41.22 -50.69 -22.23
N SER D 48 42.34 -51.39 -22.06
CA SER D 48 42.49 -52.74 -22.64
C SER D 48 41.53 -53.77 -22.04
N LYS D 49 41.17 -54.75 -22.85
CA LYS D 49 40.28 -55.84 -22.43
C LYS D 49 40.81 -56.50 -21.16
N GLU D 50 42.11 -56.74 -21.15
CA GLU D 50 42.76 -57.39 -20.01
C GLU D 50 42.81 -56.56 -18.74
N GLU D 51 43.09 -55.26 -18.85
CA GLU D 51 43.14 -54.45 -17.63
C GLU D 51 41.74 -54.22 -17.05
N LEU D 52 40.72 -54.36 -17.91
CA LEU D 52 39.33 -54.20 -17.49
C LEU D 52 38.96 -55.45 -16.71
N GLU D 53 39.40 -56.60 -17.21
CA GLU D 53 39.16 -57.86 -16.54
C GLU D 53 39.83 -57.80 -15.17
N GLU D 54 40.99 -57.16 -15.13
CA GLU D 54 41.75 -57.02 -13.89
C GLU D 54 41.08 -56.08 -12.90
N GLN D 55 40.87 -54.84 -13.32
CA GLN D 55 40.27 -53.82 -12.47
C GLN D 55 38.88 -54.12 -11.91
N GLN D 56 38.06 -54.83 -12.67
CA GLN D 56 36.71 -55.17 -12.20
C GLN D 56 35.99 -53.89 -11.73
N ILE D 57 35.76 -52.97 -12.65
CA ILE D 57 35.10 -51.70 -12.39
C ILE D 57 33.58 -51.89 -12.31
N GLU D 58 33.03 -51.80 -11.12
CA GLU D 58 31.59 -51.99 -10.94
C GLU D 58 30.74 -50.79 -11.34
N VAL D 59 29.70 -51.07 -12.13
CA VAL D 59 28.79 -50.05 -12.61
C VAL D 59 27.34 -50.55 -12.58
N ALA D 60 26.42 -49.60 -12.59
CA ALA D 60 24.98 -49.88 -12.61
C ALA D 60 24.34 -48.91 -13.59
N VAL D 61 23.63 -49.46 -14.57
CA VAL D 61 22.97 -48.65 -15.58
C VAL D 61 21.56 -49.19 -15.78
N ALA D 62 20.77 -48.53 -16.64
CA ALA D 62 19.41 -48.99 -16.91
C ALA D 62 18.88 -48.39 -18.20
N GLY D 63 18.06 -49.15 -18.90
CA GLY D 63 17.50 -48.65 -20.14
C GLY D 63 16.59 -49.63 -20.84
N ARG D 64 16.20 -49.28 -22.07
CA ARG D 64 15.30 -50.11 -22.86
C ARG D 64 16.09 -51.03 -23.81
N ILE D 65 15.66 -52.28 -23.86
CA ILE D 65 16.28 -53.27 -24.72
C ILE D 65 15.92 -52.94 -26.17
N MET D 66 16.93 -52.67 -26.97
CA MET D 66 16.72 -52.31 -28.38
C MET D 66 17.10 -53.50 -29.27
N THR D 67 18.12 -54.24 -28.85
CA THR D 67 18.56 -55.40 -29.60
C THR D 67 18.82 -56.51 -28.59
N LYS D 68 18.74 -57.75 -29.05
CA LYS D 68 18.98 -58.87 -28.16
C LYS D 68 19.36 -60.07 -29.02
N ARG D 69 20.37 -60.82 -28.61
CA ARG D 69 20.78 -61.97 -29.39
C ARG D 69 21.32 -63.13 -28.57
N GLY D 70 21.99 -64.06 -29.24
CA GLY D 70 22.56 -65.21 -28.56
C GLY D 70 21.51 -66.19 -28.11
N MET D 71 21.88 -67.46 -28.04
CA MET D 71 20.96 -68.49 -27.59
C MET D 71 21.63 -69.33 -26.54
N GLY D 72 20.85 -70.16 -25.87
CA GLY D 72 21.40 -71.02 -24.86
C GLY D 72 21.56 -70.31 -23.53
N LYS D 73 22.66 -70.61 -22.85
CA LYS D 73 22.93 -70.06 -21.54
C LYS D 73 23.68 -68.73 -21.47
N ALA D 74 23.83 -68.06 -22.60
CA ALA D 74 24.50 -66.77 -22.61
C ALA D 74 23.90 -65.91 -23.71
N GLY D 75 23.73 -64.63 -23.44
CA GLY D 75 23.14 -63.77 -24.45
C GLY D 75 23.59 -62.32 -24.33
N PHE D 76 23.37 -61.57 -25.40
CA PHE D 76 23.72 -60.16 -25.42
C PHE D 76 22.46 -59.35 -25.69
N ALA D 77 22.58 -58.03 -25.52
CA ALA D 77 21.49 -57.10 -25.75
C ALA D 77 22.06 -55.70 -25.60
N HIS D 78 21.57 -54.78 -26.41
CA HIS D 78 22.03 -53.40 -26.31
C HIS D 78 20.93 -52.64 -25.56
N ILE D 79 21.32 -52.01 -24.45
CA ILE D 79 20.41 -51.24 -23.62
C ILE D 79 20.56 -49.78 -23.97
N GLN D 80 19.45 -49.04 -23.98
CA GLN D 80 19.49 -47.64 -24.34
C GLN D 80 18.97 -46.67 -23.30
N ASP D 81 19.81 -45.72 -22.88
CA ASP D 81 19.38 -44.70 -21.94
C ASP D 81 19.39 -43.38 -22.69
N VAL D 82 19.04 -42.30 -22.00
CA VAL D 82 18.98 -40.98 -22.63
C VAL D 82 20.27 -40.54 -23.34
N THR D 83 21.42 -41.11 -22.96
CA THR D 83 22.70 -40.74 -23.58
C THR D 83 23.10 -41.66 -24.72
N GLY D 84 22.42 -42.78 -24.85
CA GLY D 84 22.75 -43.69 -25.92
C GLY D 84 22.64 -45.13 -25.51
N GLN D 85 23.30 -46.00 -26.25
CA GLN D 85 23.24 -47.42 -25.96
C GLN D 85 24.54 -47.96 -25.45
N ILE D 86 24.48 -49.18 -24.94
CA ILE D 86 25.64 -49.92 -24.46
C ILE D 86 25.25 -51.38 -24.38
N GLN D 87 26.18 -52.23 -24.77
CA GLN D 87 25.96 -53.67 -24.76
C GLN D 87 26.14 -54.32 -23.39
N ILE D 88 25.20 -55.19 -23.03
CA ILE D 88 25.28 -55.89 -21.77
C ILE D 88 25.41 -57.37 -22.11
N TYR D 89 26.25 -58.08 -21.36
CA TYR D 89 26.47 -59.50 -21.58
C TYR D 89 26.00 -60.26 -20.35
N VAL D 90 25.08 -61.21 -20.55
CA VAL D 90 24.51 -61.99 -19.45
C VAL D 90 24.77 -63.50 -19.55
N ARG D 91 25.41 -64.06 -18.52
CA ARG D 91 25.71 -65.49 -18.46
C ARG D 91 24.94 -66.11 -17.30
N GLN D 92 24.35 -67.29 -17.53
CA GLN D 92 23.61 -67.91 -16.46
C GLN D 92 24.55 -68.31 -15.34
N ASP D 93 25.78 -68.70 -15.69
CA ASP D 93 26.73 -69.11 -14.67
C ASP D 93 27.25 -67.94 -13.86
N ASP D 94 26.75 -66.74 -14.16
CA ASP D 94 27.12 -65.53 -13.44
C ASP D 94 25.93 -65.04 -12.61
N VAL D 95 24.81 -64.81 -13.28
CA VAL D 95 23.62 -64.29 -12.62
C VAL D 95 22.68 -65.29 -11.94
N GLY D 96 22.88 -66.58 -12.18
CA GLY D 96 22.00 -67.58 -11.57
C GLY D 96 20.85 -67.92 -12.49
N GLU D 97 20.10 -68.97 -12.16
CA GLU D 97 18.99 -69.40 -13.01
C GLU D 97 17.74 -68.50 -13.06
N GLN D 98 17.31 -67.97 -11.93
CA GLN D 98 16.11 -67.15 -11.94
C GLN D 98 16.31 -65.83 -12.67
N GLN D 99 17.47 -65.22 -12.48
CA GLN D 99 17.75 -63.96 -13.17
C GLN D 99 17.95 -64.24 -14.64
N TYR D 100 18.64 -65.32 -14.96
CA TYR D 100 18.85 -65.64 -16.38
C TYR D 100 17.49 -65.89 -17.01
N GLU D 101 16.60 -66.47 -16.22
CA GLU D 101 15.24 -66.77 -16.68
C GLU D 101 14.60 -65.45 -17.08
N LEU D 102 14.78 -64.42 -16.24
CA LEU D 102 14.21 -63.10 -16.52
C LEU D 102 14.84 -62.50 -17.77
N PHE D 103 16.13 -62.73 -17.96
CA PHE D 103 16.81 -62.23 -19.14
C PHE D 103 16.17 -62.85 -20.37
N LYS D 104 16.00 -64.17 -20.31
CA LYS D 104 15.42 -64.92 -21.41
C LYS D 104 14.02 -64.52 -21.80
N ILE D 105 13.19 -64.13 -20.83
CA ILE D 105 11.83 -63.69 -21.17
C ILE D 105 11.82 -62.25 -21.68
N SER D 106 12.83 -61.46 -21.31
CA SER D 106 12.92 -60.06 -21.73
C SER D 106 12.71 -59.86 -23.22
N ASP D 107 11.88 -58.89 -23.55
CA ASP D 107 11.52 -58.52 -24.92
C ASP D 107 12.20 -57.24 -25.37
N LEU D 108 12.16 -57.02 -26.69
CA LEU D 108 12.68 -55.79 -27.25
C LEU D 108 11.62 -54.80 -26.73
N GLY D 109 12.04 -53.66 -26.20
CA GLY D 109 11.08 -52.73 -25.65
C GLY D 109 11.01 -52.79 -24.13
N ASP D 110 11.31 -53.95 -23.56
CA ASP D 110 11.29 -54.08 -22.10
C ASP D 110 12.42 -53.24 -21.55
N ILE D 111 12.22 -52.74 -20.34
CA ILE D 111 13.21 -51.90 -19.66
C ILE D 111 13.81 -52.66 -18.51
N VAL D 112 15.14 -52.66 -18.42
CA VAL D 112 15.81 -53.41 -17.36
C VAL D 112 16.95 -52.62 -16.73
N GLY D 113 17.33 -53.03 -15.53
CA GLY D 113 18.43 -52.39 -14.83
C GLY D 113 19.45 -53.48 -14.51
N VAL D 114 20.72 -53.19 -14.72
CA VAL D 114 21.74 -54.19 -14.43
C VAL D 114 22.91 -53.63 -13.64
N ARG D 115 23.64 -54.54 -13.00
CA ARG D 115 24.84 -54.18 -12.27
C ARG D 115 25.88 -55.15 -12.81
N GLY D 116 27.11 -54.68 -12.96
CA GLY D 116 28.15 -55.54 -13.48
C GLY D 116 29.47 -54.82 -13.61
N THR D 117 30.45 -55.50 -14.21
CA THR D 117 31.77 -54.90 -14.38
C THR D 117 32.03 -54.57 -15.83
N MET D 118 32.82 -53.53 -16.05
CA MET D 118 33.16 -53.13 -17.41
C MET D 118 34.11 -54.17 -17.96
N PHE D 119 34.06 -54.35 -19.27
CA PHE D 119 34.94 -55.31 -19.94
C PHE D 119 34.76 -55.19 -21.44
N LYS D 120 35.63 -55.80 -22.22
CA LYS D 120 35.53 -55.74 -23.68
C LYS D 120 35.38 -57.13 -24.28
N THR D 121 34.60 -57.25 -25.35
CA THR D 121 34.41 -58.54 -25.99
C THR D 121 35.58 -58.79 -26.93
N LYS D 122 35.70 -60.02 -27.43
CA LYS D 122 36.80 -60.39 -28.33
C LYS D 122 36.94 -59.31 -29.38
N VAL D 123 35.81 -58.89 -29.96
CA VAL D 123 35.83 -57.87 -31.00
C VAL D 123 36.07 -56.46 -30.46
N GLY D 124 36.47 -56.35 -29.20
CA GLY D 124 36.74 -55.04 -28.63
C GLY D 124 35.61 -54.08 -28.26
N GLU D 125 34.37 -54.56 -28.23
CA GLU D 125 33.25 -53.68 -27.87
C GLU D 125 33.08 -53.54 -26.35
N LEU D 126 33.12 -52.30 -25.87
CA LEU D 126 32.97 -52.01 -24.44
C LEU D 126 31.57 -52.42 -23.98
N SER D 127 31.50 -53.26 -22.95
CA SER D 127 30.20 -53.75 -22.46
C SER D 127 30.17 -53.95 -20.94
N ILE D 128 29.01 -54.36 -20.44
CA ILE D 128 28.87 -54.61 -19.01
C ILE D 128 28.67 -56.10 -18.77
N LYS D 129 29.58 -56.70 -18.01
CA LYS D 129 29.49 -58.12 -17.68
C LYS D 129 28.52 -58.19 -16.51
N VAL D 130 27.25 -58.48 -16.80
CA VAL D 130 26.21 -58.52 -15.78
C VAL D 130 26.40 -59.50 -14.62
N SER D 131 26.35 -58.96 -13.40
CA SER D 131 26.49 -59.76 -12.19
C SER D 131 25.12 -59.81 -11.54
N SER D 132 24.26 -58.89 -11.95
CA SER D 132 22.90 -58.80 -11.42
C SER D 132 21.97 -58.21 -12.46
N TYR D 133 20.92 -58.94 -12.78
CA TYR D 133 19.95 -58.50 -13.78
C TYR D 133 18.61 -58.18 -13.11
N GLU D 134 18.15 -56.95 -13.29
CA GLU D 134 16.90 -56.55 -12.69
C GLU D 134 15.85 -56.17 -13.73
N PHE D 135 14.72 -56.85 -13.69
CA PHE D 135 13.65 -56.53 -14.63
C PHE D 135 12.92 -55.32 -14.05
N LEU D 136 12.76 -54.29 -14.87
CA LEU D 136 12.09 -53.08 -14.40
C LEU D 136 10.70 -52.80 -14.97
N THR D 137 10.47 -53.05 -16.27
CA THR D 137 9.16 -52.80 -16.87
C THR D 137 8.89 -53.57 -18.15
N LYS D 138 7.70 -54.15 -18.25
CA LYS D 138 7.28 -54.89 -19.42
C LYS D 138 6.53 -54.02 -20.40
N ALA D 139 7.00 -54.02 -21.64
CA ALA D 139 6.37 -53.27 -22.71
C ALA D 139 5.34 -54.21 -23.33
N LEU D 140 4.07 -53.99 -23.05
CA LEU D 140 3.03 -54.82 -23.62
C LEU D 140 2.90 -54.58 -25.13
N ARG D 141 3.61 -53.58 -25.65
CA ARG D 141 3.58 -53.27 -27.08
C ARG D 141 4.99 -53.24 -27.66
N PRO D 142 5.21 -53.98 -28.76
CA PRO D 142 6.53 -54.01 -29.39
C PRO D 142 6.95 -52.68 -29.98
N LEU D 143 8.26 -52.43 -29.97
CA LEU D 143 8.78 -51.19 -30.55
C LEU D 143 8.53 -51.32 -32.04
N PRO D 144 8.63 -50.21 -32.77
CA PRO D 144 8.39 -50.35 -34.22
C PRO D 144 9.49 -51.27 -34.76
N GLU D 145 9.12 -52.24 -35.57
CA GLU D 145 10.07 -53.19 -36.14
C GLU D 145 11.14 -52.58 -37.05
N LYS D 146 11.39 -51.28 -36.93
CA LYS D 146 12.38 -50.62 -37.75
C LYS D 146 13.78 -51.16 -37.46
N ASP D 152 6.45 -41.70 -41.48
CA ASP D 152 7.37 -40.57 -41.28
C ASP D 152 6.79 -39.50 -40.34
N ILE D 153 7.03 -38.23 -40.71
CA ILE D 153 6.59 -37.06 -39.97
C ILE D 153 5.25 -37.21 -39.25
N GLU D 154 4.27 -37.75 -39.96
CA GLU D 154 2.94 -37.97 -39.41
C GLU D 154 2.92 -38.66 -38.05
N GLN D 155 3.58 -39.82 -37.96
CA GLN D 155 3.62 -40.60 -36.71
C GLN D 155 4.49 -39.99 -35.64
N ARG D 156 5.68 -39.55 -36.02
CA ARG D 156 6.62 -38.95 -35.08
C ARG D 156 5.97 -37.93 -34.15
N TYR D 157 5.14 -37.05 -34.71
CA TYR D 157 4.46 -36.03 -33.91
C TYR D 157 3.23 -36.56 -33.17
N ARG D 158 2.51 -37.50 -33.80
CA ARG D 158 1.32 -38.08 -33.19
C ARG D 158 1.76 -38.93 -31.99
N GLN D 159 2.98 -39.45 -32.04
CA GLN D 159 3.54 -40.25 -30.96
C GLN D 159 5.00 -39.89 -30.79
N ARG D 160 5.24 -38.72 -30.20
CA ARG D 160 6.59 -38.27 -29.98
C ARG D 160 7.39 -39.28 -29.17
N TYR D 161 6.71 -40.06 -28.32
CA TYR D 161 7.41 -41.04 -27.50
C TYR D 161 8.09 -42.11 -28.36
N LEU D 162 7.38 -42.62 -29.36
CA LEU D 162 7.99 -43.60 -30.24
C LEU D 162 9.17 -42.96 -30.96
N ASP D 163 8.99 -41.71 -31.39
CA ASP D 163 10.01 -40.94 -32.12
C ASP D 163 11.30 -40.79 -31.31
N LEU D 164 11.20 -40.32 -30.07
CA LEU D 164 12.37 -40.12 -29.22
C LEU D 164 13.15 -41.41 -28.95
N ILE D 165 12.44 -42.53 -28.93
CA ILE D 165 13.08 -43.82 -28.70
C ILE D 165 13.88 -44.30 -29.92
N MET D 166 13.29 -44.14 -31.11
CA MET D 166 13.92 -44.59 -32.37
C MET D 166 14.87 -43.62 -33.07
N ASN D 167 14.65 -42.31 -32.92
CA ASN D 167 15.50 -41.34 -33.60
C ASN D 167 16.36 -40.52 -32.66
N PRO D 168 17.54 -41.04 -32.34
CA PRO D 168 18.50 -40.40 -31.44
C PRO D 168 18.71 -38.91 -31.68
N GLU D 169 18.74 -38.52 -32.94
CA GLU D 169 18.96 -37.12 -33.27
C GLU D 169 17.76 -36.24 -32.93
N SER D 170 16.58 -36.83 -32.78
CA SER D 170 15.41 -36.04 -32.43
C SER D 170 15.66 -35.55 -31.02
N LYS D 171 16.13 -36.46 -30.20
CA LYS D 171 16.46 -36.21 -28.81
C LYS D 171 17.38 -34.99 -28.71
N LYS D 172 18.43 -34.98 -29.53
CA LYS D 172 19.41 -33.91 -29.55
C LYS D 172 18.75 -32.54 -29.73
N THR D 173 17.83 -32.47 -30.68
CA THR D 173 17.12 -31.24 -30.99
C THR D 173 16.37 -30.64 -29.80
N PHE D 174 15.63 -31.47 -29.07
CA PHE D 174 14.87 -30.96 -27.93
C PHE D 174 15.81 -30.64 -26.79
N ILE D 175 16.95 -31.31 -26.74
CA ILE D 175 17.90 -31.02 -25.69
C ILE D 175 18.46 -29.65 -26.05
N THR D 176 18.78 -29.46 -27.32
CA THR D 176 19.32 -28.19 -27.79
C THR D 176 18.31 -27.06 -27.47
N ARG D 177 17.04 -27.35 -27.67
CA ARG D 177 15.99 -26.37 -27.41
C ARG D 177 16.07 -25.88 -25.97
N SER D 178 16.20 -26.83 -25.02
CA SER D 178 16.29 -26.49 -23.61
C SER D 178 17.53 -25.63 -23.35
N LEU D 179 18.62 -25.96 -24.01
CA LEU D 179 19.84 -25.21 -23.82
C LEU D 179 19.64 -23.78 -24.34
N ILE D 180 18.99 -23.66 -25.49
CA ILE D 180 18.72 -22.35 -26.07
C ILE D 180 17.91 -21.45 -25.13
N ILE D 181 16.83 -21.97 -24.59
CA ILE D 181 15.99 -21.19 -23.69
C ILE D 181 16.75 -20.87 -22.40
N GLN D 182 17.51 -21.84 -21.88
CA GLN D 182 18.30 -21.62 -20.68
C GLN D 182 19.38 -20.55 -20.91
N SER D 183 19.97 -20.53 -22.10
CA SER D 183 21.01 -19.55 -22.44
C SER D 183 20.40 -18.15 -22.60
N MET D 184 19.16 -18.09 -23.04
CA MET D 184 18.47 -16.83 -23.24
C MET D 184 18.20 -16.13 -21.90
N ARG D 185 17.76 -16.90 -20.91
CA ARG D 185 17.46 -16.34 -19.58
C ARG D 185 18.73 -15.89 -18.87
N ARG D 186 19.79 -16.67 -19.04
CA ARG D 186 21.07 -16.37 -18.42
C ARG D 186 21.58 -15.02 -18.90
N TYR D 187 21.50 -14.80 -20.21
CA TYR D 187 21.92 -13.55 -20.79
C TYR D 187 21.03 -12.41 -20.26
N LEU D 188 19.73 -12.55 -20.50
CA LEU D 188 18.77 -11.55 -20.04
C LEU D 188 18.88 -11.26 -18.54
N ASP D 189 18.99 -12.31 -17.72
CA ASP D 189 19.11 -12.13 -16.27
C ASP D 189 20.38 -11.34 -15.96
N SER D 190 21.52 -11.76 -16.55
CA SER D 190 22.80 -11.10 -16.32
C SER D 190 22.78 -9.64 -16.73
N HIS D 191 21.92 -9.29 -17.70
CA HIS D 191 21.83 -7.93 -18.17
C HIS D 191 20.71 -7.12 -17.50
N GLY D 192 20.28 -7.56 -16.33
CA GLY D 192 19.27 -6.82 -15.60
C GLY D 192 17.80 -6.95 -15.94
N TYR D 193 17.43 -7.84 -16.85
CA TYR D 193 16.02 -7.97 -17.17
C TYR D 193 15.39 -8.92 -16.16
N LEU D 194 14.26 -8.49 -15.61
CA LEU D 194 13.55 -9.27 -14.61
C LEU D 194 12.51 -10.15 -15.28
N GLU D 195 12.64 -11.46 -15.09
CA GLU D 195 11.72 -12.44 -15.66
C GLU D 195 10.40 -12.39 -14.88
N VAL D 196 9.28 -12.18 -15.57
CA VAL D 196 8.01 -12.11 -14.87
C VAL D 196 6.92 -12.95 -15.52
N GLU D 197 5.85 -13.16 -14.76
CA GLU D 197 4.71 -13.92 -15.25
C GLU D 197 3.47 -13.02 -15.18
N THR D 198 2.90 -12.74 -16.35
CA THR D 198 1.70 -11.93 -16.46
C THR D 198 0.57 -12.84 -16.96
N PRO D 199 -0.69 -12.43 -16.77
CA PRO D 199 -1.86 -13.20 -17.19
C PRO D 199 -1.86 -13.79 -18.60
N MET D 200 -2.47 -14.95 -18.73
CA MET D 200 -2.60 -15.63 -20.01
C MET D 200 -4.09 -15.62 -20.38
N MET D 201 -4.92 -15.26 -19.40
CA MET D 201 -6.35 -15.18 -19.61
C MET D 201 -6.74 -13.70 -19.54
N HIS D 202 -7.15 -13.15 -20.68
CA HIS D 202 -7.48 -11.73 -20.77
C HIS D 202 -8.94 -11.34 -20.95
N ALA D 203 -9.29 -10.19 -20.39
CA ALA D 203 -10.63 -9.63 -20.50
C ALA D 203 -10.76 -9.17 -21.95
N VAL D 204 -9.64 -8.73 -22.52
CA VAL D 204 -9.58 -8.27 -23.91
C VAL D 204 -8.28 -8.77 -24.55
N ALA D 205 -8.40 -9.50 -25.66
CA ALA D 205 -7.23 -10.02 -26.34
C ALA D 205 -6.56 -8.90 -27.10
N GLY D 206 -5.52 -8.32 -26.50
CA GLY D 206 -4.81 -7.22 -27.14
C GLY D 206 -3.33 -7.49 -27.29
N GLY D 207 -2.57 -6.49 -27.75
CA GLY D 207 -1.14 -6.65 -27.90
C GLY D 207 -0.71 -7.08 -29.29
N ALA D 208 -1.68 -7.47 -30.11
CA ALA D 208 -1.39 -7.91 -31.47
C ALA D 208 -2.65 -7.95 -32.35
N ALA D 209 -2.44 -8.31 -33.61
CA ALA D 209 -3.52 -8.44 -34.57
C ALA D 209 -3.66 -9.95 -34.81
N ALA D 210 -4.62 -10.57 -34.13
CA ALA D 210 -4.82 -12.00 -34.28
C ALA D 210 -6.15 -12.42 -33.67
N ARG D 211 -6.67 -13.55 -34.15
CA ARG D 211 -7.92 -14.11 -33.66
C ARG D 211 -7.57 -14.82 -32.35
N PRO D 212 -8.44 -14.73 -31.35
CA PRO D 212 -8.16 -15.37 -30.07
C PRO D 212 -8.92 -16.67 -29.81
N PHE D 213 -8.49 -17.39 -28.78
CA PHE D 213 -9.19 -18.58 -28.37
C PHE D 213 -10.06 -18.00 -27.26
N ILE D 214 -11.34 -18.35 -27.28
CA ILE D 214 -12.29 -17.84 -26.29
C ILE D 214 -12.70 -18.94 -25.33
N THR D 215 -12.89 -18.56 -24.07
CA THR D 215 -13.32 -19.50 -23.04
C THR D 215 -14.21 -18.77 -22.03
N HIS D 216 -14.69 -19.49 -21.03
CA HIS D 216 -15.59 -18.91 -20.04
C HIS D 216 -15.26 -19.44 -18.66
N HIS D 217 -15.31 -18.56 -17.68
CA HIS D 217 -15.07 -18.96 -16.30
C HIS D 217 -16.44 -19.10 -15.63
N ASN D 218 -16.78 -20.34 -15.28
CA ASN D 218 -18.05 -20.65 -14.65
C ASN D 218 -18.38 -19.87 -13.38
N ALA D 219 -17.57 -20.05 -12.34
CA ALA D 219 -17.79 -19.40 -11.06
C ALA D 219 -17.98 -17.89 -11.14
N LEU D 220 -17.12 -17.21 -11.89
CA LEU D 220 -17.20 -15.75 -12.01
C LEU D 220 -18.04 -15.25 -13.18
N ASP D 221 -18.64 -16.19 -13.92
CA ASP D 221 -19.47 -15.84 -15.07
C ASP D 221 -18.78 -14.79 -15.94
N MET D 222 -17.58 -15.10 -16.39
CA MET D 222 -16.81 -14.19 -17.22
C MET D 222 -16.29 -14.82 -18.49
N THR D 223 -16.35 -14.06 -19.57
CA THR D 223 -15.83 -14.51 -20.85
C THR D 223 -14.35 -14.14 -20.80
N LEU D 224 -13.49 -15.07 -21.16
CA LEU D 224 -12.06 -14.81 -21.14
C LEU D 224 -11.40 -15.16 -22.47
N TYR D 225 -10.28 -14.50 -22.76
CA TYR D 225 -9.56 -14.77 -24.00
C TYR D 225 -8.13 -15.18 -23.69
N MET D 226 -7.67 -16.25 -24.32
CA MET D 226 -6.30 -16.67 -24.11
C MET D 226 -5.47 -15.59 -24.81
N ARG D 227 -4.45 -15.09 -24.11
CA ARG D 227 -3.62 -14.03 -24.68
C ARG D 227 -3.03 -14.32 -26.07
N ILE D 228 -3.12 -13.34 -26.95
CA ILE D 228 -2.56 -13.46 -28.30
C ILE D 228 -1.21 -12.72 -28.30
N ALA D 229 -0.87 -12.13 -27.16
CA ALA D 229 0.38 -11.40 -26.99
C ALA D 229 0.62 -11.13 -25.50
N ILE D 230 1.87 -10.85 -25.13
CA ILE D 230 2.21 -10.59 -23.73
C ILE D 230 2.38 -9.09 -23.51
N GLU D 231 2.48 -8.35 -24.61
CA GLU D 231 2.71 -6.91 -24.59
C GLU D 231 1.98 -5.96 -23.63
N LEU D 232 0.65 -5.93 -23.67
CA LEU D 232 -0.12 -5.00 -22.85
C LEU D 232 0.10 -5.07 -21.34
N HIS D 233 0.27 -6.26 -20.79
CA HIS D 233 0.50 -6.36 -19.36
C HIS D 233 1.93 -6.01 -18.99
N LEU D 234 2.89 -6.37 -19.85
CA LEU D 234 4.29 -6.03 -19.56
C LEU D 234 4.43 -4.52 -19.57
N LYS D 235 3.75 -3.86 -20.50
CA LYS D 235 3.81 -2.40 -20.57
C LYS D 235 3.24 -1.82 -19.29
N ARG D 236 2.29 -2.52 -18.68
CA ARG D 236 1.72 -2.04 -17.41
C ARG D 236 2.83 -2.04 -16.37
N LEU D 237 3.72 -3.02 -16.47
CA LEU D 237 4.83 -3.15 -15.54
C LEU D 237 5.84 -2.03 -15.72
N ILE D 238 6.03 -1.60 -16.97
CA ILE D 238 6.96 -0.51 -17.25
C ILE D 238 6.39 0.76 -16.63
N VAL D 239 5.08 0.94 -16.73
CA VAL D 239 4.41 2.09 -16.10
C VAL D 239 4.68 1.95 -14.60
N GLY D 240 4.68 0.69 -14.13
CA GLY D 240 4.91 0.38 -12.73
C GLY D 240 6.31 0.68 -12.20
N GLY D 241 7.21 1.13 -13.08
CA GLY D 241 8.57 1.46 -12.68
C GLY D 241 9.61 0.35 -12.69
N LEU D 242 9.23 -0.85 -13.11
CA LEU D 242 10.16 -1.97 -13.12
C LEU D 242 11.35 -1.84 -14.08
N GLU D 243 11.24 -0.94 -15.05
CA GLU D 243 12.29 -0.64 -16.03
C GLU D 243 12.75 -1.72 -17.01
N LYS D 244 13.03 -2.91 -16.51
CA LYS D 244 13.49 -4.01 -17.37
C LYS D 244 12.80 -5.32 -17.02
N VAL D 245 12.01 -5.81 -17.96
CA VAL D 245 11.26 -7.04 -17.76
C VAL D 245 11.19 -7.83 -19.04
N TYR D 246 11.10 -9.14 -18.89
CA TYR D 246 10.96 -10.04 -20.03
C TYR D 246 10.15 -11.22 -19.55
N GLU D 247 9.50 -11.88 -20.49
CA GLU D 247 8.71 -13.05 -20.18
C GLU D 247 8.82 -14.04 -21.33
N ILE D 248 9.19 -15.27 -21.02
CA ILE D 248 9.27 -16.31 -22.05
C ILE D 248 8.08 -17.21 -21.78
N GLY D 249 7.00 -17.01 -22.53
CA GLY D 249 5.81 -17.81 -22.30
C GLY D 249 4.92 -18.09 -23.49
N ARG D 250 4.01 -19.03 -23.28
CA ARG D 250 3.05 -19.45 -24.29
C ARG D 250 2.12 -18.31 -24.68
N VAL D 251 1.73 -18.34 -25.95
CA VAL D 251 0.84 -17.34 -26.54
C VAL D 251 -0.08 -18.17 -27.43
N PHE D 252 -1.31 -17.71 -27.62
CA PHE D 252 -2.26 -18.48 -28.41
C PHE D 252 -2.99 -17.66 -29.45
N ARG D 253 -3.14 -18.25 -30.64
CA ARG D 253 -3.84 -17.62 -31.75
C ARG D 253 -4.70 -18.65 -32.50
N ASN D 254 -5.98 -18.31 -32.66
CA ASN D 254 -6.94 -19.16 -33.33
C ASN D 254 -6.73 -19.04 -34.83
N GLU D 255 -5.70 -19.71 -35.33
CA GLU D 255 -5.39 -19.68 -36.75
C GLU D 255 -4.94 -21.06 -37.23
N GLY D 256 -4.78 -21.18 -38.55
CA GLY D 256 -4.35 -22.45 -39.13
C GLY D 256 -2.87 -22.68 -38.89
N ILE D 257 -2.43 -23.92 -39.10
CA ILE D 257 -1.04 -24.32 -38.89
C ILE D 257 -0.26 -24.36 -40.20
N SER D 258 1.06 -24.21 -40.11
CA SER D 258 1.94 -24.28 -41.28
C SER D 258 3.29 -24.79 -40.81
N THR D 259 4.28 -24.80 -41.71
CA THR D 259 5.59 -25.28 -41.31
C THR D 259 6.23 -24.37 -40.26
N ARG D 260 5.69 -23.15 -40.10
CA ARG D 260 6.24 -22.21 -39.11
C ARG D 260 5.16 -21.66 -38.16
N HIS D 261 3.99 -22.28 -38.12
CA HIS D 261 2.93 -21.81 -37.23
C HIS D 261 2.29 -22.89 -36.37
N ASN D 262 2.07 -22.60 -35.10
CA ASN D 262 1.36 -23.52 -34.22
C ASN D 262 0.43 -22.63 -33.40
N PRO D 263 -0.82 -23.07 -33.17
CA PRO D 263 -1.80 -22.29 -32.40
C PRO D 263 -1.32 -21.80 -31.04
N GLU D 264 -0.48 -22.59 -30.39
CA GLU D 264 0.11 -22.19 -29.12
C GLU D 264 1.61 -22.23 -29.33
N PHE D 265 2.28 -21.11 -29.13
CA PHE D 265 3.73 -21.06 -29.31
C PHE D 265 4.40 -20.31 -28.19
N THR D 266 5.73 -20.29 -28.24
CA THR D 266 6.52 -19.63 -27.21
C THR D 266 7.18 -18.36 -27.72
N MET D 267 6.76 -17.24 -27.16
CA MET D 267 7.32 -15.97 -27.53
C MET D 267 8.01 -15.33 -26.35
N LEU D 268 9.13 -14.67 -26.64
CA LEU D 268 9.83 -13.94 -25.60
C LEU D 268 9.38 -12.51 -25.81
N GLU D 269 8.86 -11.87 -24.77
CA GLU D 269 8.49 -10.46 -24.88
C GLU D 269 9.31 -9.74 -23.82
N LEU D 270 9.97 -8.66 -24.24
CA LEU D 270 10.84 -7.88 -23.36
C LEU D 270 10.67 -6.38 -23.55
N TYR D 271 10.69 -5.62 -22.45
CA TYR D 271 10.56 -4.17 -22.52
C TYR D 271 11.63 -3.48 -21.73
N GLU D 272 12.18 -2.40 -22.30
CA GLU D 272 13.24 -1.63 -21.66
C GLU D 272 12.96 -0.14 -21.60
N ALA D 273 12.72 0.36 -20.40
CA ALA D 273 12.46 1.79 -20.22
C ALA D 273 13.68 2.57 -20.67
N TYR D 274 13.46 3.71 -21.30
CA TYR D 274 14.55 4.58 -21.75
C TYR D 274 15.32 4.13 -23.00
N ALA D 275 14.86 3.08 -23.65
CA ALA D 275 15.51 2.62 -24.87
C ALA D 275 14.55 2.86 -26.03
N ASP D 276 15.10 2.81 -27.24
CA ASP D 276 14.31 2.95 -28.48
C ASP D 276 14.64 1.74 -29.36
N PHE D 277 14.05 1.67 -30.56
CA PHE D 277 14.29 0.51 -31.40
C PHE D 277 15.71 0.27 -31.86
N ARG D 278 16.51 1.32 -31.99
CA ARG D 278 17.90 1.12 -32.41
C ARG D 278 18.58 0.31 -31.30
N ASP D 279 18.28 0.64 -30.06
CA ASP D 279 18.84 -0.08 -28.91
C ASP D 279 18.42 -1.54 -28.98
N ILE D 280 17.12 -1.78 -29.17
CA ILE D 280 16.61 -3.15 -29.26
C ILE D 280 17.29 -3.95 -30.37
N MET D 281 17.69 -3.28 -31.47
CA MET D 281 18.38 -3.96 -32.56
C MET D 281 19.69 -4.56 -32.06
N LYS D 282 20.50 -3.74 -31.38
CA LYS D 282 21.78 -4.22 -30.84
C LYS D 282 21.56 -5.31 -29.79
N LEU D 283 20.53 -5.14 -28.95
CA LEU D 283 20.22 -6.14 -27.93
C LEU D 283 19.87 -7.45 -28.63
N THR D 284 19.07 -7.34 -29.68
CA THR D 284 18.61 -8.52 -30.43
C THR D 284 19.73 -9.36 -31.06
N GLU D 285 20.63 -8.72 -31.81
CA GLU D 285 21.72 -9.39 -32.47
C GLU D 285 22.73 -9.94 -31.47
N ASN D 286 22.91 -9.25 -30.34
CA ASN D 286 23.86 -9.74 -29.34
C ASN D 286 23.26 -10.93 -28.62
N LEU D 287 21.99 -10.80 -28.24
CA LEU D 287 21.30 -11.86 -27.55
C LEU D 287 21.38 -13.15 -28.34
N ILE D 288 21.00 -13.06 -29.61
CA ILE D 288 21.00 -14.21 -30.49
C ILE D 288 22.39 -14.74 -30.85
N ALA D 289 23.35 -13.85 -31.12
CA ALA D 289 24.69 -14.32 -31.44
C ALA D 289 25.20 -15.09 -30.21
N HIS D 290 24.90 -14.56 -29.04
CA HIS D 290 25.31 -15.16 -27.76
C HIS D 290 24.74 -16.57 -27.59
N ILE D 291 23.45 -16.71 -27.81
CA ILE D 291 22.82 -18.02 -27.67
C ILE D 291 23.48 -19.01 -28.62
N ALA D 292 23.74 -18.59 -29.85
CA ALA D 292 24.34 -19.48 -30.83
C ALA D 292 25.75 -19.89 -30.38
N THR D 293 26.51 -18.90 -29.90
CA THR D 293 27.86 -19.12 -29.41
C THR D 293 27.89 -20.09 -28.22
N GLU D 294 27.03 -19.82 -27.24
CA GLU D 294 26.96 -20.63 -26.02
C GLU D 294 26.44 -22.05 -26.24
N VAL D 295 25.43 -22.20 -27.09
CA VAL D 295 24.87 -23.52 -27.35
C VAL D 295 25.56 -24.33 -28.45
N LEU D 296 25.86 -23.67 -29.57
CA LEU D 296 26.48 -24.36 -30.71
C LEU D 296 27.97 -24.11 -30.87
N GLY D 297 28.51 -23.12 -30.17
CA GLY D 297 29.93 -22.83 -30.28
C GLY D 297 30.32 -22.07 -31.54
N THR D 298 29.32 -21.54 -32.24
CA THR D 298 29.55 -20.79 -33.48
C THR D 298 28.36 -19.87 -33.78
N THR D 299 28.59 -18.87 -34.65
CA THR D 299 27.52 -17.97 -35.07
C THR D 299 27.23 -18.26 -36.54
N LYS D 300 27.92 -19.26 -37.09
CA LYS D 300 27.71 -19.64 -38.48
C LYS D 300 27.03 -20.99 -38.51
N ILE D 301 25.72 -20.96 -38.80
CA ILE D 301 24.93 -22.17 -38.80
C ILE D 301 24.37 -22.51 -40.16
N GLN D 302 24.02 -23.78 -40.33
CA GLN D 302 23.45 -24.25 -41.59
C GLN D 302 21.93 -24.31 -41.46
N TYR D 303 21.25 -23.94 -42.52
CA TYR D 303 19.80 -24.03 -42.51
C TYR D 303 19.37 -24.24 -43.95
N GLY D 304 18.76 -25.40 -44.18
CA GLY D 304 18.33 -25.72 -45.53
C GLY D 304 19.60 -25.73 -46.34
N GLU D 305 19.57 -25.04 -47.49
CA GLU D 305 20.73 -24.94 -48.37
C GLU D 305 21.51 -23.65 -48.09
N HIS D 306 21.38 -23.12 -46.87
CA HIS D 306 22.06 -21.86 -46.55
C HIS D 306 23.05 -21.95 -45.41
N LEU D 307 24.00 -21.01 -45.41
CA LEU D 307 24.99 -20.90 -44.36
C LEU D 307 24.72 -19.50 -43.82
N VAL D 308 23.99 -19.46 -42.71
CA VAL D 308 23.61 -18.21 -42.07
C VAL D 308 24.64 -17.74 -41.08
N ASP D 309 25.10 -16.51 -41.26
CA ASP D 309 26.10 -15.91 -40.39
C ASP D 309 25.42 -14.96 -39.39
N LEU D 310 25.26 -15.43 -38.16
CA LEU D 310 24.62 -14.64 -37.11
C LEU D 310 25.56 -13.67 -36.40
N THR D 311 26.77 -13.47 -36.95
CA THR D 311 27.75 -12.56 -36.36
C THR D 311 27.29 -11.10 -36.52
N PRO D 312 27.27 -10.32 -35.43
CA PRO D 312 26.85 -8.92 -35.58
C PRO D 312 27.99 -8.11 -36.22
N GLU D 313 27.68 -6.93 -36.72
CA GLU D 313 26.35 -6.37 -36.71
C GLU D 313 25.63 -6.79 -37.98
N TRP D 314 24.32 -7.00 -37.88
CA TRP D 314 23.52 -7.42 -39.04
C TRP D 314 23.06 -6.23 -39.86
N ARG D 315 22.64 -6.53 -41.09
CA ARG D 315 22.17 -5.51 -42.00
C ARG D 315 20.88 -4.81 -41.57
N ARG D 316 20.89 -3.48 -41.61
CA ARG D 316 19.71 -2.69 -41.30
C ARG D 316 19.18 -2.27 -42.67
N LEU D 317 17.90 -2.48 -42.92
CA LEU D 317 17.33 -2.09 -44.22
C LEU D 317 15.90 -1.61 -44.08
N HIS D 318 15.64 -0.40 -44.55
CA HIS D 318 14.30 0.16 -44.48
C HIS D 318 13.41 -0.60 -45.43
N MET D 319 12.23 -0.95 -44.94
CA MET D 319 11.26 -1.68 -45.73
C MET D 319 11.04 -1.05 -47.09
N VAL D 320 10.90 0.28 -47.12
CA VAL D 320 10.70 0.99 -48.39
C VAL D 320 11.88 0.78 -49.33
N ASP D 321 13.09 0.82 -48.77
CA ASP D 321 14.26 0.61 -49.62
C ASP D 321 14.34 -0.84 -50.07
N ALA D 322 13.98 -1.77 -49.19
CA ALA D 322 14.01 -3.18 -49.53
C ALA D 322 13.11 -3.42 -50.75
N ILE D 323 11.96 -2.75 -50.77
CA ILE D 323 11.01 -2.87 -51.87
C ILE D 323 11.61 -2.31 -53.17
N LYS D 324 12.23 -1.14 -53.08
CA LYS D 324 12.85 -0.52 -54.24
C LYS D 324 13.94 -1.46 -54.75
N GLU D 325 14.75 -2.00 -53.84
CA GLU D 325 15.84 -2.90 -54.21
C GLU D 325 15.39 -4.17 -54.92
N TYR D 326 14.41 -4.86 -54.35
CA TYR D 326 13.94 -6.11 -54.93
C TYR D 326 12.87 -5.99 -56.01
N VAL D 327 11.91 -5.10 -55.82
CA VAL D 327 10.85 -4.96 -56.79
C VAL D 327 11.09 -3.83 -57.77
N GLY D 328 11.88 -2.84 -57.37
CA GLY D 328 12.15 -1.72 -58.26
C GLY D 328 11.08 -0.65 -58.20
N VAL D 329 10.20 -0.73 -57.21
CA VAL D 329 9.13 0.25 -57.04
C VAL D 329 9.41 1.21 -55.89
N ASP D 330 9.10 2.48 -56.09
CA ASP D 330 9.33 3.50 -55.07
C ASP D 330 8.11 3.90 -54.26
N PHE D 331 8.23 3.86 -52.94
CA PHE D 331 7.14 4.30 -52.08
C PHE D 331 7.55 5.48 -51.21
N TRP D 332 8.73 6.02 -51.47
CA TRP D 332 9.24 7.17 -50.73
C TRP D 332 8.51 8.45 -51.14
N ARG D 333 8.15 8.54 -52.41
CA ARG D 333 7.46 9.72 -52.91
C ARG D 333 6.09 9.76 -52.26
N GLN D 334 5.47 10.93 -52.20
CA GLN D 334 4.14 10.98 -51.63
C GLN D 334 3.24 10.39 -52.70
N MET D 335 2.29 9.57 -52.28
CA MET D 335 1.34 9.03 -53.23
C MET D 335 -0.01 8.75 -52.60
N SER D 336 -1.03 8.79 -53.44
CA SER D 336 -2.40 8.56 -53.02
C SER D 336 -2.64 7.07 -52.88
N ASP D 337 -3.72 6.73 -52.19
CA ASP D 337 -4.07 5.32 -52.02
C ASP D 337 -4.31 4.76 -53.41
N GLU D 338 -4.85 5.60 -54.30
CA GLU D 338 -5.13 5.21 -55.66
C GLU D 338 -3.89 4.76 -56.42
N GLU D 339 -2.84 5.58 -56.38
CA GLU D 339 -1.62 5.23 -57.10
C GLU D 339 -1.01 4.00 -56.44
N ALA D 340 -1.21 3.87 -55.14
CA ALA D 340 -0.70 2.71 -54.43
C ALA D 340 -1.40 1.46 -54.95
N ARG D 341 -2.71 1.55 -55.12
CA ARG D 341 -3.48 0.43 -55.64
C ARG D 341 -3.09 0.11 -57.08
N GLU D 342 -2.88 1.15 -57.89
CA GLU D 342 -2.49 0.94 -59.27
C GLU D 342 -1.19 0.12 -59.32
N LEU D 343 -0.26 0.42 -58.41
CA LEU D 343 1.01 -0.30 -58.39
C LEU D 343 0.86 -1.76 -57.96
N ALA D 344 -0.11 -2.04 -57.09
CA ALA D 344 -0.34 -3.41 -56.63
C ALA D 344 -0.87 -4.26 -57.77
N LYS D 345 -1.81 -3.69 -58.53
CA LYS D 345 -2.39 -4.36 -59.68
C LYS D 345 -1.32 -4.67 -60.74
N GLU D 346 -0.45 -3.70 -60.98
CA GLU D 346 0.61 -3.87 -61.96
C GLU D 346 1.61 -4.95 -61.55
N HIS D 347 1.92 -5.04 -60.26
CA HIS D 347 2.88 -6.02 -59.76
C HIS D 347 2.31 -7.30 -59.17
N GLY D 348 1.00 -7.47 -59.25
CA GLY D 348 0.38 -8.67 -58.72
C GLY D 348 0.39 -8.76 -57.21
N VAL D 349 0.36 -7.61 -56.56
CA VAL D 349 0.34 -7.57 -55.11
C VAL D 349 -1.11 -7.47 -54.69
N GLU D 350 -1.56 -8.50 -53.96
CA GLU D 350 -2.92 -8.59 -53.47
C GLU D 350 -3.18 -7.59 -52.33
N VAL D 351 -4.36 -6.99 -52.31
CA VAL D 351 -4.72 -6.05 -51.25
C VAL D 351 -6.19 -6.26 -50.89
N ALA D 352 -6.56 -5.93 -49.64
CA ALA D 352 -7.93 -6.08 -49.17
C ALA D 352 -8.67 -4.76 -49.27
N PRO D 353 -10.01 -4.80 -49.17
CA PRO D 353 -10.86 -3.60 -49.25
C PRO D 353 -10.46 -2.46 -48.33
N HIS D 354 -10.05 -2.78 -47.11
CA HIS D 354 -9.68 -1.77 -46.12
C HIS D 354 -8.24 -1.24 -46.19
N MET D 355 -7.45 -1.74 -47.12
CA MET D 355 -6.06 -1.31 -47.19
C MET D 355 -5.84 0.03 -47.86
N THR D 356 -4.92 0.81 -47.30
CA THR D 356 -4.56 2.10 -47.85
C THR D 356 -3.05 2.07 -48.14
N PHE D 357 -2.46 3.23 -48.43
CA PHE D 357 -1.04 3.33 -48.76
C PHE D 357 -0.11 2.47 -47.89
N GLY D 358 -0.19 2.66 -46.59
CA GLY D 358 0.66 1.92 -45.67
C GLY D 358 0.52 0.41 -45.76
N HIS D 359 -0.71 -0.11 -45.66
CA HIS D 359 -0.93 -1.55 -45.72
C HIS D 359 -0.39 -2.11 -47.04
N ILE D 360 -0.54 -1.34 -48.09
CA ILE D 360 -0.10 -1.77 -49.40
C ILE D 360 1.42 -1.83 -49.49
N VAL D 361 2.11 -0.94 -48.80
CA VAL D 361 3.57 -0.97 -48.82
C VAL D 361 4.04 -2.26 -48.16
N ASN D 362 3.35 -2.64 -47.09
CA ASN D 362 3.69 -3.84 -46.37
C ASN D 362 3.38 -5.05 -47.21
N GLU D 363 2.28 -5.00 -47.96
CA GLU D 363 1.95 -6.12 -48.82
C GLU D 363 3.03 -6.27 -49.89
N PHE D 364 3.54 -5.17 -50.44
CA PHE D 364 4.59 -5.31 -51.44
C PHE D 364 5.76 -6.03 -50.79
N PHE D 365 6.11 -5.60 -49.57
CA PHE D 365 7.22 -6.23 -48.87
C PHE D 365 7.00 -7.71 -48.60
N GLU D 366 5.89 -8.06 -47.94
CA GLU D 366 5.63 -9.46 -47.61
C GLU D 366 5.48 -10.44 -48.78
N GLN D 367 4.90 -9.97 -49.89
CA GLN D 367 4.66 -10.81 -51.05
C GLN D 367 5.80 -10.93 -52.06
N LYS D 368 6.55 -9.85 -52.24
CA LYS D 368 7.63 -9.83 -53.20
C LYS D 368 9.03 -9.73 -52.62
N VAL D 369 9.16 -9.52 -51.31
CA VAL D 369 10.50 -9.36 -50.76
C VAL D 369 11.00 -10.26 -49.62
N GLU D 370 10.24 -10.38 -48.54
CA GLU D 370 10.70 -11.15 -47.39
C GLU D 370 11.36 -12.50 -47.63
N ASP D 371 10.74 -13.35 -48.42
CA ASP D 371 11.30 -14.68 -48.66
C ASP D 371 12.75 -14.66 -49.16
N LYS D 372 13.21 -13.53 -49.69
CA LYS D 372 14.58 -13.45 -50.19
C LYS D 372 15.64 -12.99 -49.17
N LEU D 373 15.20 -12.64 -47.96
CA LEU D 373 16.14 -12.20 -46.94
C LEU D 373 16.61 -13.43 -46.15
N ILE D 374 17.79 -13.94 -46.53
CA ILE D 374 18.38 -15.12 -45.91
C ILE D 374 19.22 -14.74 -44.70
N GLN D 375 20.22 -13.90 -44.92
CA GLN D 375 21.09 -13.46 -43.83
C GLN D 375 20.28 -12.55 -42.90
N PRO D 376 20.51 -12.65 -41.57
CA PRO D 376 19.80 -11.84 -40.58
C PRO D 376 19.68 -10.38 -40.97
N THR D 377 18.45 -9.94 -41.24
CA THR D 377 18.21 -8.55 -41.66
C THR D 377 17.13 -7.81 -40.84
N PHE D 378 17.47 -6.61 -40.37
CA PHE D 378 16.54 -5.81 -39.61
C PHE D 378 15.74 -4.96 -40.60
N ILE D 379 14.48 -5.33 -40.83
CA ILE D 379 13.64 -4.54 -41.73
C ILE D 379 12.92 -3.56 -40.83
N TYR D 380 13.08 -2.26 -41.08
CA TYR D 380 12.45 -1.26 -40.22
C TYR D 380 11.69 -0.20 -41.02
N GLY D 381 10.89 0.61 -40.32
CA GLY D 381 10.12 1.64 -40.99
C GLY D 381 8.68 1.22 -41.32
N HIS D 382 8.22 0.15 -40.68
CA HIS D 382 6.87 -0.33 -40.91
C HIS D 382 5.86 0.82 -40.90
N PRO D 383 4.99 0.90 -41.92
CA PRO D 383 3.97 1.94 -42.05
C PRO D 383 3.10 2.02 -40.79
N VAL D 384 2.75 3.25 -40.39
CA VAL D 384 1.95 3.44 -39.19
C VAL D 384 0.63 2.67 -39.15
N GLU D 385 -0.03 2.50 -40.28
CA GLU D 385 -1.31 1.81 -40.29
C GLU D 385 -1.27 0.37 -39.80
N ILE D 386 -0.14 -0.30 -39.99
CA ILE D 386 -0.02 -1.68 -39.54
C ILE D 386 0.78 -1.77 -38.27
N SER D 387 1.02 -0.64 -37.61
CA SER D 387 1.78 -0.63 -36.37
C SER D 387 1.09 0.24 -35.31
N PRO D 388 -0.05 -0.22 -34.79
CA PRO D 388 -0.85 0.49 -33.78
C PRO D 388 -0.26 0.69 -32.38
N LEU D 389 0.81 -0.04 -32.05
CA LEU D 389 1.46 0.07 -30.75
C LEU D 389 2.89 0.63 -30.81
N ALA D 390 3.26 1.15 -31.98
CA ALA D 390 4.60 1.71 -32.20
C ALA D 390 4.58 3.23 -32.41
N LYS D 391 5.68 3.88 -32.03
CA LYS D 391 5.80 5.32 -32.18
C LYS D 391 6.13 5.74 -33.60
N LYS D 392 5.51 6.82 -34.07
CA LYS D 392 5.76 7.31 -35.42
C LYS D 392 7.19 7.81 -35.55
N ASN D 393 7.75 7.68 -36.75
CA ASN D 393 9.10 8.16 -36.98
C ASN D 393 9.00 9.69 -37.11
N PRO D 394 9.87 10.42 -36.40
CA PRO D 394 9.90 11.89 -36.41
C PRO D 394 9.95 12.59 -37.77
N ASP D 395 10.94 12.25 -38.60
CA ASP D 395 11.10 12.89 -39.90
C ASP D 395 9.99 12.57 -40.90
N ASP D 396 9.36 11.41 -40.78
CA ASP D 396 8.30 11.03 -41.71
C ASP D 396 7.32 10.08 -41.05
N PRO D 397 6.24 10.62 -40.45
CA PRO D 397 5.19 9.85 -39.75
C PRO D 397 4.38 8.85 -40.56
N ARG D 398 4.68 8.69 -41.85
CA ARG D 398 3.97 7.68 -42.64
C ARG D 398 4.50 6.32 -42.16
N PHE D 399 5.65 6.34 -41.50
CA PHE D 399 6.27 5.12 -41.02
C PHE D 399 6.58 5.20 -39.53
N THR D 400 6.80 4.05 -38.91
CA THR D 400 7.09 4.00 -37.48
C THR D 400 8.49 3.48 -37.18
N ASP D 401 8.97 3.79 -35.98
CA ASP D 401 10.28 3.32 -35.56
C ASP D 401 10.07 1.91 -35.06
N ARG D 402 9.79 1.03 -36.03
CA ARG D 402 9.55 -0.38 -35.77
C ARG D 402 10.42 -1.22 -36.68
N PHE D 403 10.72 -2.45 -36.26
CA PHE D 403 11.51 -3.33 -37.09
C PHE D 403 11.12 -4.79 -36.84
N GLU D 404 11.38 -5.62 -37.84
CA GLU D 404 11.15 -7.05 -37.77
C GLU D 404 12.42 -7.73 -38.28
N LEU D 405 12.82 -8.77 -37.59
CA LEU D 405 14.01 -9.52 -37.95
C LEU D 405 13.66 -10.64 -38.92
N PHE D 406 14.36 -10.67 -40.04
CA PHE D 406 14.14 -11.71 -41.02
C PHE D 406 15.43 -12.49 -41.24
N ILE D 407 15.28 -13.81 -41.21
CA ILE D 407 16.39 -14.73 -41.40
C ILE D 407 15.78 -15.90 -42.18
N VAL D 408 16.55 -16.40 -43.14
CA VAL D 408 16.12 -17.50 -43.97
C VAL D 408 14.67 -17.33 -44.43
N GLY D 409 14.38 -16.15 -44.98
CA GLY D 409 13.07 -15.85 -45.52
C GLY D 409 11.85 -15.74 -44.61
N ARG D 410 12.03 -15.68 -43.29
CA ARG D 410 10.89 -15.57 -42.40
C ARG D 410 11.18 -14.71 -41.17
N GLU D 411 10.11 -14.24 -40.54
CA GLU D 411 10.20 -13.39 -39.36
C GLU D 411 10.54 -14.16 -38.08
N HIS D 412 11.49 -13.61 -37.33
CA HIS D 412 11.95 -14.20 -36.07
C HIS D 412 11.71 -13.24 -34.89
N ALA D 413 11.57 -11.97 -35.18
CA ALA D 413 11.34 -10.99 -34.12
C ALA D 413 10.59 -9.77 -34.62
N ASN D 414 9.88 -9.14 -33.70
CA ASN D 414 9.08 -7.97 -33.99
C ASN D 414 9.37 -7.00 -32.84
N ALA D 415 9.73 -5.75 -33.15
CA ALA D 415 10.07 -4.79 -32.10
C ALA D 415 9.87 -3.33 -32.48
N PHE D 416 9.69 -2.48 -31.48
CA PHE D 416 9.56 -1.06 -31.77
C PHE D 416 9.79 -0.08 -30.64
N THR D 417 9.86 1.20 -31.01
CA THR D 417 10.00 2.26 -30.04
C THR D 417 8.52 2.35 -29.64
N GLU D 418 8.19 1.91 -28.43
CA GLU D 418 6.80 1.89 -27.98
C GLU D 418 6.03 3.21 -27.97
N LEU D 419 4.72 3.11 -28.23
CA LEU D 419 3.85 4.28 -28.23
C LEU D 419 3.41 4.48 -26.78
N ASN D 420 3.85 5.57 -26.18
CA ASN D 420 3.50 5.85 -24.81
C ASN D 420 2.55 7.03 -24.71
N ASP D 421 2.21 7.57 -25.87
CA ASP D 421 1.27 8.69 -25.97
C ASP D 421 -0.13 8.09 -25.88
N PRO D 422 -0.84 8.33 -24.76
CA PRO D 422 -2.19 7.81 -24.54
C PRO D 422 -3.23 8.37 -25.49
N ILE D 423 -3.03 9.63 -25.87
CA ILE D 423 -3.95 10.32 -26.77
C ILE D 423 -3.81 9.71 -28.16
N ASP D 424 -2.57 9.59 -28.62
CA ASP D 424 -2.31 8.99 -29.93
C ASP D 424 -2.77 7.52 -29.87
N GLN D 425 -2.41 6.81 -28.80
CA GLN D 425 -2.78 5.40 -28.68
C GLN D 425 -4.27 5.16 -28.78
N ARG D 426 -5.07 6.03 -28.17
CA ARG D 426 -6.51 5.84 -28.26
C ARG D 426 -6.92 5.99 -29.73
N GLN D 427 -6.28 6.90 -30.44
CA GLN D 427 -6.61 7.10 -31.85
C GLN D 427 -6.23 5.88 -32.70
N ARG D 428 -5.11 5.24 -32.39
CA ARG D 428 -4.72 4.07 -33.16
C ARG D 428 -5.85 3.03 -33.08
N PHE D 429 -6.40 2.84 -31.88
CA PHE D 429 -7.47 1.88 -31.66
C PHE D 429 -8.75 2.25 -32.42
N GLU D 430 -9.09 3.53 -32.46
CA GLU D 430 -10.29 3.96 -33.17
C GLU D 430 -10.12 3.61 -34.66
N GLU D 431 -8.93 3.89 -35.19
CA GLU D 431 -8.64 3.57 -36.58
C GLU D 431 -8.77 2.08 -36.81
N GLN D 432 -8.27 1.31 -35.85
CA GLN D 432 -8.34 -0.15 -35.92
C GLN D 432 -9.79 -0.59 -35.91
N LEU D 433 -10.59 0.08 -35.09
CA LEU D 433 -12.00 -0.25 -35.00
C LEU D 433 -12.65 -0.04 -36.36
N LYS D 434 -12.35 1.09 -36.99
CA LYS D 434 -12.89 1.37 -38.32
C LYS D 434 -12.41 0.33 -39.31
N GLU D 435 -11.14 -0.05 -39.20
CA GLU D 435 -10.59 -1.05 -40.11
C GLU D 435 -11.39 -2.35 -40.00
N ARG D 436 -11.93 -2.63 -38.80
CA ARG D 436 -12.71 -3.84 -38.61
C ARG D 436 -14.05 -3.68 -39.31
N GLU D 437 -14.66 -2.51 -39.17
CA GLU D 437 -15.94 -2.27 -39.82
C GLU D 437 -15.75 -2.44 -41.32
N GLN D 438 -14.52 -2.25 -41.79
CA GLN D 438 -14.22 -2.37 -43.21
C GLN D 438 -13.80 -3.76 -43.66
N GLY D 439 -13.79 -4.72 -42.74
CA GLY D 439 -13.41 -6.06 -43.13
C GLY D 439 -12.17 -6.65 -42.48
N ASN D 440 -11.38 -5.82 -41.81
CA ASN D 440 -10.18 -6.33 -41.17
C ASN D 440 -10.60 -7.16 -39.97
N ASP D 441 -10.54 -8.48 -40.16
CA ASP D 441 -10.92 -9.46 -39.16
C ASP D 441 -10.06 -9.48 -37.89
N GLU D 442 -8.81 -9.02 -38.03
CA GLU D 442 -7.87 -9.03 -36.90
C GLU D 442 -7.49 -7.64 -36.40
N ALA D 443 -8.32 -6.64 -36.68
CA ALA D 443 -8.02 -5.29 -36.22
C ALA D 443 -7.91 -5.33 -34.71
N HIS D 444 -6.98 -4.56 -34.15
CA HIS D 444 -6.82 -4.54 -32.70
C HIS D 444 -8.13 -4.18 -32.00
N GLU D 445 -8.25 -4.64 -30.77
CA GLU D 445 -9.43 -4.42 -29.94
C GLU D 445 -9.19 -3.25 -28.99
N MET D 446 -10.25 -2.51 -28.69
CA MET D 446 -10.15 -1.37 -27.78
C MET D 446 -9.96 -1.91 -26.35
N ASP D 447 -9.01 -1.32 -25.63
CA ASP D 447 -8.71 -1.74 -24.26
C ASP D 447 -8.59 -0.48 -23.38
N GLU D 448 -9.70 -0.11 -22.75
CA GLU D 448 -9.73 1.07 -21.90
C GLU D 448 -8.76 0.95 -20.74
N ASP D 449 -8.79 -0.21 -20.09
CA ASP D 449 -7.92 -0.51 -18.96
C ASP D 449 -6.47 -0.25 -19.31
N PHE D 450 -6.03 -0.76 -20.45
CA PHE D 450 -4.67 -0.54 -20.89
C PHE D 450 -4.43 0.95 -21.07
N LEU D 451 -5.34 1.62 -21.78
CA LEU D 451 -5.23 3.05 -22.03
C LEU D 451 -5.12 3.82 -20.72
N GLU D 452 -5.88 3.38 -19.71
CA GLU D 452 -5.85 4.01 -18.40
C GLU D 452 -4.43 3.94 -17.87
N ALA D 453 -3.82 2.78 -18.04
CA ALA D 453 -2.46 2.54 -17.59
C ALA D 453 -1.50 3.56 -18.22
N LEU D 454 -1.62 3.79 -19.52
CA LEU D 454 -0.74 4.74 -20.17
C LEU D 454 -0.98 6.16 -19.66
N GLU D 455 -2.19 6.42 -19.17
CA GLU D 455 -2.52 7.77 -18.67
C GLU D 455 -1.78 8.15 -17.38
N TYR D 456 -1.27 7.16 -16.66
CA TYR D 456 -0.51 7.41 -15.44
C TYR D 456 0.95 7.63 -15.82
N GLY D 457 1.24 7.46 -17.12
CA GLY D 457 2.59 7.68 -17.60
C GLY D 457 3.55 6.52 -17.77
N MET D 458 3.78 6.16 -19.04
CA MET D 458 4.73 5.10 -19.38
C MET D 458 5.93 5.81 -20.01
N PRO D 459 7.13 5.59 -19.48
CA PRO D 459 8.33 6.22 -20.03
C PRO D 459 8.66 5.76 -21.43
N PRO D 460 9.50 6.52 -22.16
CA PRO D 460 9.82 6.05 -23.51
C PRO D 460 10.37 4.63 -23.33
N THR D 461 9.94 3.72 -24.19
CA THR D 461 10.35 2.33 -24.05
C THR D 461 10.67 1.64 -25.36
N GLY D 462 11.53 0.63 -25.27
CA GLY D 462 11.89 -0.18 -26.42
C GLY D 462 11.36 -1.57 -26.13
N GLY D 463 10.48 -2.07 -27.00
CA GLY D 463 9.93 -3.40 -26.80
C GLY D 463 10.43 -4.39 -27.83
N LEU D 464 10.48 -5.66 -27.46
CA LEU D 464 10.97 -6.73 -28.32
C LEU D 464 10.15 -8.01 -28.17
N GLY D 465 9.85 -8.63 -29.30
CA GLY D 465 9.11 -9.87 -29.33
C GLY D 465 9.89 -10.85 -30.20
N ILE D 466 10.25 -12.01 -29.67
CA ILE D 466 11.00 -13.00 -30.45
C ILE D 466 10.34 -14.37 -30.45
N GLY D 467 10.14 -14.93 -31.64
CA GLY D 467 9.53 -16.25 -31.73
C GLY D 467 10.53 -17.30 -31.29
N VAL D 468 10.39 -17.79 -30.07
CA VAL D 468 11.36 -18.77 -29.59
C VAL D 468 11.40 -20.04 -30.44
N ASP D 469 10.22 -20.59 -30.73
CA ASP D 469 10.14 -21.81 -31.53
C ASP D 469 10.90 -21.62 -32.84
N ARG D 470 10.72 -20.46 -33.47
CA ARG D 470 11.39 -20.19 -34.73
C ARG D 470 12.88 -20.08 -34.58
N LEU D 471 13.34 -19.50 -33.48
CA LEU D 471 14.78 -19.40 -33.26
C LEU D 471 15.33 -20.81 -33.16
N VAL D 472 14.63 -21.67 -32.41
CA VAL D 472 15.08 -23.04 -32.24
C VAL D 472 15.16 -23.77 -33.57
N MET D 473 14.16 -23.57 -34.42
CA MET D 473 14.16 -24.20 -35.73
C MET D 473 15.45 -23.84 -36.45
N LEU D 474 15.78 -22.55 -36.40
CA LEU D 474 16.97 -22.02 -37.06
C LEU D 474 18.26 -22.66 -36.58
N LEU D 475 18.47 -22.62 -35.28
CA LEU D 475 19.69 -23.15 -34.70
C LEU D 475 19.79 -24.66 -34.72
N THR D 476 18.71 -25.34 -35.06
CA THR D 476 18.74 -26.80 -35.10
C THR D 476 18.53 -27.31 -36.51
N ASN D 477 18.53 -26.41 -37.48
CA ASN D 477 18.32 -26.79 -38.86
C ASN D 477 17.09 -27.67 -38.98
N SER D 478 16.01 -27.21 -38.34
CA SER D 478 14.73 -27.90 -38.39
C SER D 478 13.90 -27.22 -39.48
N PRO D 479 13.47 -27.98 -40.50
CA PRO D 479 12.68 -27.34 -41.55
C PRO D 479 11.27 -26.93 -41.12
N SER D 480 10.69 -27.65 -40.16
CA SER D 480 9.35 -27.36 -39.67
C SER D 480 9.22 -27.14 -38.17
N ILE D 481 8.27 -26.31 -37.78
CA ILE D 481 8.05 -26.04 -36.37
C ILE D 481 7.61 -27.34 -35.67
N ARG D 482 6.94 -28.22 -36.42
CA ARG D 482 6.48 -29.49 -35.85
C ARG D 482 7.70 -30.25 -35.34
N ASP D 483 8.86 -29.93 -35.91
CA ASP D 483 10.09 -30.58 -35.52
C ASP D 483 10.67 -30.09 -34.21
N VAL D 484 10.26 -28.89 -33.77
CA VAL D 484 10.80 -28.37 -32.53
C VAL D 484 9.81 -28.24 -31.36
N LEU D 485 8.59 -28.74 -31.56
CA LEU D 485 7.58 -28.74 -30.51
C LEU D 485 7.42 -30.22 -30.18
N LEU D 486 7.51 -30.57 -28.91
CA LEU D 486 7.39 -31.97 -28.52
C LEU D 486 6.04 -32.58 -28.92
N PHE D 487 4.98 -31.80 -28.82
CA PHE D 487 3.65 -32.29 -29.20
C PHE D 487 2.91 -31.23 -30.01
N PRO D 488 3.26 -31.10 -31.30
CA PRO D 488 2.65 -30.14 -32.22
C PRO D 488 1.17 -30.42 -32.30
N GLN D 489 0.39 -29.36 -32.55
CA GLN D 489 -1.04 -29.49 -32.65
C GLN D 489 -1.35 -30.41 -33.84
N MET D 490 -2.01 -31.53 -33.56
CA MET D 490 -2.37 -32.46 -34.61
C MET D 490 -3.75 -32.15 -35.15
N ARG D 491 -3.99 -32.52 -36.40
CA ARG D 491 -5.28 -32.28 -37.03
C ARG D 491 -6.29 -33.32 -36.56
N HIS D 492 -5.81 -34.25 -35.73
CA HIS D 492 -6.62 -35.32 -35.18
C HIS D 492 -7.60 -35.85 -36.23
#